data_4ZYI
# 
_entry.id   4ZYI 
# 
_audit_conform.dict_name       mmcif_pdbx.dic 
_audit_conform.dict_version    5.383 
_audit_conform.dict_location   http://mmcif.pdb.org/dictionaries/ascii/mmcif_pdbx.dic 
# 
loop_
_database_2.database_id 
_database_2.database_code 
_database_2.pdbx_database_accession 
_database_2.pdbx_DOI 
PDB   4ZYI         pdb_00004zyi 10.2210/pdb4zyi/pdb 
WWPDB D_1000210134 ?            ?                   
# 
loop_
_pdbx_audit_revision_history.ordinal 
_pdbx_audit_revision_history.data_content_type 
_pdbx_audit_revision_history.major_revision 
_pdbx_audit_revision_history.minor_revision 
_pdbx_audit_revision_history.revision_date 
1 'Structure model' 1 0 2015-07-29 
2 'Structure model' 1 1 2015-09-09 
3 'Structure model' 1 2 2024-01-10 
# 
_pdbx_audit_revision_details.ordinal             1 
_pdbx_audit_revision_details.revision_ordinal    1 
_pdbx_audit_revision_details.data_content_type   'Structure model' 
_pdbx_audit_revision_details.provider            repository 
_pdbx_audit_revision_details.type                'Initial release' 
_pdbx_audit_revision_details.description         ? 
_pdbx_audit_revision_details.details             ? 
# 
loop_
_pdbx_audit_revision_group.ordinal 
_pdbx_audit_revision_group.revision_ordinal 
_pdbx_audit_revision_group.data_content_type 
_pdbx_audit_revision_group.group 
1 2 'Structure model' 'Database references'    
2 3 'Structure model' 'Data collection'        
3 3 'Structure model' 'Database references'    
4 3 'Structure model' 'Derived calculations'   
5 3 'Structure model' 'Refinement description' 
# 
loop_
_pdbx_audit_revision_category.ordinal 
_pdbx_audit_revision_category.revision_ordinal 
_pdbx_audit_revision_category.data_content_type 
_pdbx_audit_revision_category.category 
1 3 'Structure model' chem_comp_atom                
2 3 'Structure model' chem_comp_bond                
3 3 'Structure model' database_2                    
4 3 'Structure model' diffrn_radiation_wavelength   
5 3 'Structure model' pdbx_initial_refinement_model 
6 3 'Structure model' pdbx_struct_special_symmetry  
# 
loop_
_pdbx_audit_revision_item.ordinal 
_pdbx_audit_revision_item.revision_ordinal 
_pdbx_audit_revision_item.data_content_type 
_pdbx_audit_revision_item.item 
1 3 'Structure model' '_database_2.pdbx_DOI'                
2 3 'Structure model' '_database_2.pdbx_database_accession' 
# 
_pdbx_database_status.status_code                     REL 
_pdbx_database_status.status_code_sf                  REL 
_pdbx_database_status.status_code_mr                  ? 
_pdbx_database_status.entry_id                        4ZYI 
_pdbx_database_status.recvd_initial_deposition_date   2015-05-21 
_pdbx_database_status.SG_entry                        N 
_pdbx_database_status.deposit_site                    RCSB 
_pdbx_database_status.process_site                    PDBE 
_pdbx_database_status.status_code_cs                  ? 
_pdbx_database_status.methods_development_category    ? 
_pdbx_database_status.pdb_format_compatible           Y 
_pdbx_database_status.status_code_nmr_data            ? 
# 
_audit_author.name           'Kallen, J.' 
_audit_author.pdbx_ordinal   1 
# 
_citation.abstract                  ? 
_citation.abstract_id_CAS           ? 
_citation.book_id_ISBN              ? 
_citation.book_publisher            ? 
_citation.book_publisher_city       ? 
_citation.book_title                ? 
_citation.coordinate_linkage        ? 
_citation.country                   US 
_citation.database_id_Medline       ? 
_citation.details                   ? 
_citation.id                        primary 
_citation.journal_abbrev            J.Med.Chem. 
_citation.journal_id_ASTM           JMCMAR 
_citation.journal_id_CSD            0151 
_citation.journal_id_ISSN           0022-2623 
_citation.journal_full              ? 
_citation.journal_issue             ? 
_citation.journal_volume            58 
_citation.language                  ? 
_citation.page_first                6348 
_citation.page_last                 6358 
_citation.title                     
;Discovery of a Dihydroisoquinolinone Derivative (NVP-CGM097): A Highly Potent and Selective MDM2 Inhibitor Undergoing Phase 1 Clinical Trials in p53wt Tumors.
;
_citation.year                      2015 
_citation.database_id_CSD           ? 
_citation.pdbx_database_id_DOI      10.1021/acs.jmedchem.5b00810 
_citation.pdbx_database_id_PubMed   26181851 
_citation.unpublished_flag          ? 
# 
loop_
_citation_author.citation_id 
_citation_author.name 
_citation_author.ordinal 
_citation_author.identifier_ORCID 
primary 'Holzer, P.'            1  ? 
primary 'Masuya, K.'            2  ? 
primary 'Furet, P.'             3  ? 
primary 'Kallen, J.'            4  ? 
primary 'Valat-Stachyra, T.'    5  ? 
primary 'Ferretti, S.'          6  ? 
primary 'Berghausen, J.'        7  ? 
primary 'Bouisset-Leonard, M.'  8  ? 
primary 'Buschmann, N.'         9  ? 
primary 'Pissot-Soldermann, C.' 10 ? 
primary 'Rynn, C.'              11 ? 
primary 'Ruetz, S.'             12 ? 
primary 'Stutz, S.'             13 ? 
primary 'Chene, P.'             14 ? 
primary 'Jeay, S.'              15 ? 
primary 'Gessier, F.'           16 ? 
# 
loop_
_entity.id 
_entity.type 
_entity.src_method 
_entity.pdbx_description 
_entity.formula_weight 
_entity.pdbx_number_of_molecules 
_entity.pdbx_ec 
_entity.pdbx_mutation 
_entity.pdbx_fragment 
_entity.details 
1 polymer     man 'E3 ubiquitin-protein ligase Mdm2' 11156.052 1  6.3.2.- ? 
'N-TERMINAL DOMAIN, P53-BINDING DOMAIN, UNP residues 17-111' ? 
2 non-polymer syn 
'(S)-7-((R)-sec-butoxy)-1-(4-chlorophenyl)-6-methoxy-2-(4-(methyl(pyridin-4-ylmethyl)amino)phenyl)-1,2-dihydroisoquinolin-3(4H)-one' 
556.094   1  ?       ? ?                                                            ? 
3 non-polymer syn 'CHLORIDE ION' 35.453    1  ?       ? ?                                                            ? 
4 water       nat water 18.015    62 ?       ? ?                                                            ? 
# 
_entity_name_com.entity_id   1 
_entity_name_com.name        'Double minute 2 protein,Hdm2,Oncoprotein Mdm2,p53-binding protein Mdm2' 
# 
_entity_poly.entity_id                      1 
_entity_poly.type                           'polypeptide(L)' 
_entity_poly.nstd_linkage                   no 
_entity_poly.nstd_monomer                   no 
_entity_poly.pdbx_seq_one_letter_code       
;GSQIPASEQETLVRPKPLLLKLLKSVGAQKDTYTMKEVLFYLGQYIMTKRLYDEKQQHIVYCSNDLLGDLFGVPSFSVKE
HRKIYTMIYRNLVVVN
;
_entity_poly.pdbx_seq_one_letter_code_can   
;GSQIPASEQETLVRPKPLLLKLLKSVGAQKDTYTMKEVLFYLGQYIMTKRLYDEKQQHIVYCSNDLLGDLFGVPSFSVKE
HRKIYTMIYRNLVVVN
;
_entity_poly.pdbx_strand_id                 A 
_entity_poly.pdbx_target_identifier         ? 
# 
loop_
_pdbx_entity_nonpoly.entity_id 
_pdbx_entity_nonpoly.name 
_pdbx_entity_nonpoly.comp_id 
2 
'(S)-7-((R)-sec-butoxy)-1-(4-chlorophenyl)-6-methoxy-2-(4-(methyl(pyridin-4-ylmethyl)amino)phenyl)-1,2-dihydroisoquinolin-3(4H)-one' 
4TH 
3 'CHLORIDE ION' CL  
4 water HOH 
# 
loop_
_entity_poly_seq.entity_id 
_entity_poly_seq.num 
_entity_poly_seq.mon_id 
_entity_poly_seq.hetero 
1 1  GLY n 
1 2  SER n 
1 3  GLN n 
1 4  ILE n 
1 5  PRO n 
1 6  ALA n 
1 7  SER n 
1 8  GLU n 
1 9  GLN n 
1 10 GLU n 
1 11 THR n 
1 12 LEU n 
1 13 VAL n 
1 14 ARG n 
1 15 PRO n 
1 16 LYS n 
1 17 PRO n 
1 18 LEU n 
1 19 LEU n 
1 20 LEU n 
1 21 LYS n 
1 22 LEU n 
1 23 LEU n 
1 24 LYS n 
1 25 SER n 
1 26 VAL n 
1 27 GLY n 
1 28 ALA n 
1 29 GLN n 
1 30 LYS n 
1 31 ASP n 
1 32 THR n 
1 33 TYR n 
1 34 THR n 
1 35 MET n 
1 36 LYS n 
1 37 GLU n 
1 38 VAL n 
1 39 LEU n 
1 40 PHE n 
1 41 TYR n 
1 42 LEU n 
1 43 GLY n 
1 44 GLN n 
1 45 TYR n 
1 46 ILE n 
1 47 MET n 
1 48 THR n 
1 49 LYS n 
1 50 ARG n 
1 51 LEU n 
1 52 TYR n 
1 53 ASP n 
1 54 GLU n 
1 55 LYS n 
1 56 GLN n 
1 57 GLN n 
1 58 HIS n 
1 59 ILE n 
1 60 VAL n 
1 61 TYR n 
1 62 CYS n 
1 63 SER n 
1 64 ASN n 
1 65 ASP n 
1 66 LEU n 
1 67 LEU n 
1 68 GLY n 
1 69 ASP n 
1 70 LEU n 
1 71 PHE n 
1 72 GLY n 
1 73 VAL n 
1 74 PRO n 
1 75 SER n 
1 76 PHE n 
1 77 SER n 
1 78 VAL n 
1 79 LYS n 
1 80 GLU n 
1 81 HIS n 
1 82 ARG n 
1 83 LYS n 
1 84 ILE n 
1 85 TYR n 
1 86 THR n 
1 87 MET n 
1 88 ILE n 
1 89 TYR n 
1 90 ARG n 
1 91 ASN n 
1 92 LEU n 
1 93 VAL n 
1 94 VAL n 
1 95 VAL n 
1 96 ASN n 
# 
_entity_src_gen.entity_id                          1 
_entity_src_gen.pdbx_src_id                        1 
_entity_src_gen.pdbx_alt_source_flag               sample 
_entity_src_gen.pdbx_seq_type                      'Biological sequence' 
_entity_src_gen.pdbx_beg_seq_num                   1 
_entity_src_gen.pdbx_end_seq_num                   96 
_entity_src_gen.gene_src_common_name               Human 
_entity_src_gen.gene_src_genus                     ? 
_entity_src_gen.pdbx_gene_src_gene                 MDM2 
_entity_src_gen.gene_src_species                   ? 
_entity_src_gen.gene_src_strain                    ? 
_entity_src_gen.gene_src_tissue                    ? 
_entity_src_gen.gene_src_tissue_fraction           ? 
_entity_src_gen.gene_src_details                   ? 
_entity_src_gen.pdbx_gene_src_fragment             ? 
_entity_src_gen.pdbx_gene_src_scientific_name      'Homo sapiens' 
_entity_src_gen.pdbx_gene_src_ncbi_taxonomy_id     9606 
_entity_src_gen.pdbx_gene_src_variant              ? 
_entity_src_gen.pdbx_gene_src_cell_line            ? 
_entity_src_gen.pdbx_gene_src_atcc                 ? 
_entity_src_gen.pdbx_gene_src_organ                ? 
_entity_src_gen.pdbx_gene_src_organelle            ? 
_entity_src_gen.pdbx_gene_src_cell                 ? 
_entity_src_gen.pdbx_gene_src_cellular_location    ? 
_entity_src_gen.host_org_common_name               ? 
_entity_src_gen.pdbx_host_org_scientific_name      'Escherichia coli' 
_entity_src_gen.pdbx_host_org_ncbi_taxonomy_id     562 
_entity_src_gen.host_org_genus                     ? 
_entity_src_gen.pdbx_host_org_gene                 ? 
_entity_src_gen.pdbx_host_org_organ                ? 
_entity_src_gen.host_org_species                   ? 
_entity_src_gen.pdbx_host_org_tissue               ? 
_entity_src_gen.pdbx_host_org_tissue_fraction      ? 
_entity_src_gen.pdbx_host_org_strain               ? 
_entity_src_gen.pdbx_host_org_variant              ? 
_entity_src_gen.pdbx_host_org_cell_line            ? 
_entity_src_gen.pdbx_host_org_atcc                 ? 
_entity_src_gen.pdbx_host_org_culture_collection   ? 
_entity_src_gen.pdbx_host_org_cell                 ? 
_entity_src_gen.pdbx_host_org_organelle            ? 
_entity_src_gen.pdbx_host_org_cellular_location    ? 
_entity_src_gen.pdbx_host_org_vector_type          ? 
_entity_src_gen.pdbx_host_org_vector               ? 
_entity_src_gen.host_org_details                   ? 
_entity_src_gen.expression_system_id               ? 
_entity_src_gen.plasmid_name                       ? 
_entity_src_gen.plasmid_details                    ? 
_entity_src_gen.pdbx_description                   ? 
# 
loop_
_chem_comp.id 
_chem_comp.type 
_chem_comp.mon_nstd_flag 
_chem_comp.name 
_chem_comp.pdbx_synonyms 
_chem_comp.formula 
_chem_comp.formula_weight 
4TH non-polymer         . 
'(S)-7-((R)-sec-butoxy)-1-(4-chlorophenyl)-6-methoxy-2-(4-(methyl(pyridin-4-ylmethyl)amino)phenyl)-1,2-dihydroisoquinolin-3(4H)-one' 
? 'C33 H34 Cl N3 O3' 556.094 
ALA 'L-peptide linking' y ALANINE ? 'C3 H7 N O2'       89.093  
ARG 'L-peptide linking' y ARGININE ? 'C6 H15 N4 O2 1'   175.209 
ASN 'L-peptide linking' y ASPARAGINE ? 'C4 H8 N2 O3'      132.118 
ASP 'L-peptide linking' y 'ASPARTIC ACID' ? 'C4 H7 N O4'       133.103 
CL  non-polymer         . 'CHLORIDE ION' ? 'Cl -1'            35.453  
CYS 'L-peptide linking' y CYSTEINE ? 'C3 H7 N O2 S'     121.158 
GLN 'L-peptide linking' y GLUTAMINE ? 'C5 H10 N2 O3'     146.144 
GLU 'L-peptide linking' y 'GLUTAMIC ACID' ? 'C5 H9 N O4'       147.129 
GLY 'peptide linking'   y GLYCINE ? 'C2 H5 N O2'       75.067  
HIS 'L-peptide linking' y HISTIDINE ? 'C6 H10 N3 O2 1'   156.162 
HOH non-polymer         . WATER ? 'H2 O'             18.015  
ILE 'L-peptide linking' y ISOLEUCINE ? 'C6 H13 N O2'      131.173 
LEU 'L-peptide linking' y LEUCINE ? 'C6 H13 N O2'      131.173 
LYS 'L-peptide linking' y LYSINE ? 'C6 H15 N2 O2 1'   147.195 
MET 'L-peptide linking' y METHIONINE ? 'C5 H11 N O2 S'    149.211 
PHE 'L-peptide linking' y PHENYLALANINE ? 'C9 H11 N O2'      165.189 
PRO 'L-peptide linking' y PROLINE ? 'C5 H9 N O2'       115.130 
SER 'L-peptide linking' y SERINE ? 'C3 H7 N O3'       105.093 
THR 'L-peptide linking' y THREONINE ? 'C4 H9 N O3'       119.119 
TYR 'L-peptide linking' y TYROSINE ? 'C9 H11 N O3'      181.189 
VAL 'L-peptide linking' y VALINE ? 'C5 H11 N O2'      117.146 
# 
loop_
_pdbx_poly_seq_scheme.asym_id 
_pdbx_poly_seq_scheme.entity_id 
_pdbx_poly_seq_scheme.seq_id 
_pdbx_poly_seq_scheme.mon_id 
_pdbx_poly_seq_scheme.ndb_seq_num 
_pdbx_poly_seq_scheme.pdb_seq_num 
_pdbx_poly_seq_scheme.auth_seq_num 
_pdbx_poly_seq_scheme.pdb_mon_id 
_pdbx_poly_seq_scheme.auth_mon_id 
_pdbx_poly_seq_scheme.pdb_strand_id 
_pdbx_poly_seq_scheme.pdb_ins_code 
_pdbx_poly_seq_scheme.hetero 
A 1 1  GLY 1  16  ?   ?   ?   A . n 
A 1 2  SER 2  17  ?   ?   ?   A . n 
A 1 3  GLN 3  18  ?   ?   ?   A . n 
A 1 4  ILE 4  19  ?   ?   ?   A . n 
A 1 5  PRO 5  20  20  PRO PRO A . n 
A 1 6  ALA 6  21  21  ALA ALA A . n 
A 1 7  SER 7  22  22  SER SER A . n 
A 1 8  GLU 8  23  23  GLU GLU A . n 
A 1 9  GLN 9  24  24  GLN GLN A . n 
A 1 10 GLU 10 25  25  GLU GLU A . n 
A 1 11 THR 11 26  26  THR THR A . n 
A 1 12 LEU 12 27  27  LEU LEU A . n 
A 1 13 VAL 13 28  28  VAL VAL A . n 
A 1 14 ARG 14 29  29  ARG ARG A . n 
A 1 15 PRO 15 30  30  PRO PRO A . n 
A 1 16 LYS 16 31  31  LYS LYS A . n 
A 1 17 PRO 17 32  32  PRO PRO A . n 
A 1 18 LEU 18 33  33  LEU LEU A . n 
A 1 19 LEU 19 34  34  LEU LEU A . n 
A 1 20 LEU 20 35  35  LEU LEU A . n 
A 1 21 LYS 21 36  36  LYS LYS A . n 
A 1 22 LEU 22 37  37  LEU LEU A . n 
A 1 23 LEU 23 38  38  LEU LEU A . n 
A 1 24 LYS 24 39  39  LYS LYS A . n 
A 1 25 SER 25 40  40  SER SER A . n 
A 1 26 VAL 26 41  41  VAL VAL A . n 
A 1 27 GLY 27 42  42  GLY GLY A . n 
A 1 28 ALA 28 43  ?   ?   ?   A . n 
A 1 29 GLN 29 44  44  GLN GLN A . n 
A 1 30 LYS 30 45  45  LYS LYS A . n 
A 1 31 ASP 31 46  46  ASP ASP A . n 
A 1 32 THR 32 47  47  THR THR A . n 
A 1 33 TYR 33 48  48  TYR TYR A . n 
A 1 34 THR 34 49  49  THR THR A . n 
A 1 35 MET 35 50  50  MET MET A . n 
A 1 36 LYS 36 51  51  LYS LYS A . n 
A 1 37 GLU 37 52  52  GLU GLU A . n 
A 1 38 VAL 38 53  53  VAL VAL A . n 
A 1 39 LEU 39 54  54  LEU LEU A . n 
A 1 40 PHE 40 55  55  PHE PHE A . n 
A 1 41 TYR 41 56  56  TYR TYR A . n 
A 1 42 LEU 42 57  57  LEU LEU A . n 
A 1 43 GLY 43 58  58  GLY GLY A . n 
A 1 44 GLN 44 59  59  GLN GLN A . n 
A 1 45 TYR 45 60  60  TYR TYR A . n 
A 1 46 ILE 46 61  61  ILE ILE A . n 
A 1 47 MET 47 62  62  MET MET A . n 
A 1 48 THR 48 63  63  THR THR A . n 
A 1 49 LYS 49 64  64  LYS LYS A . n 
A 1 50 ARG 50 65  65  ARG ARG A . n 
A 1 51 LEU 51 66  66  LEU LEU A . n 
A 1 52 TYR 52 67  67  TYR TYR A . n 
A 1 53 ASP 53 68  68  ASP ASP A . n 
A 1 54 GLU 54 69  69  GLU GLU A . n 
A 1 55 LYS 55 70  70  LYS LYS A . n 
A 1 56 GLN 56 71  71  GLN GLN A . n 
A 1 57 GLN 57 72  72  GLN GLN A . n 
A 1 58 HIS 58 73  73  HIS HIS A . n 
A 1 59 ILE 59 74  74  ILE ILE A . n 
A 1 60 VAL 60 75  75  VAL VAL A . n 
A 1 61 TYR 61 76  76  TYR TYR A . n 
A 1 62 CYS 62 77  77  CYS CYS A . n 
A 1 63 SER 63 78  78  SER SER A . n 
A 1 64 ASN 64 79  79  ASN ASN A . n 
A 1 65 ASP 65 80  80  ASP ASP A . n 
A 1 66 LEU 66 81  81  LEU LEU A . n 
A 1 67 LEU 67 82  82  LEU LEU A . n 
A 1 68 GLY 68 83  83  GLY GLY A . n 
A 1 69 ASP 69 84  84  ASP ASP A . n 
A 1 70 LEU 70 85  85  LEU LEU A . n 
A 1 71 PHE 71 86  86  PHE PHE A . n 
A 1 72 GLY 72 87  87  GLY GLY A . n 
A 1 73 VAL 73 88  88  VAL VAL A . n 
A 1 74 PRO 74 89  89  PRO PRO A . n 
A 1 75 SER 75 90  90  SER SER A . n 
A 1 76 PHE 76 91  91  PHE PHE A . n 
A 1 77 SER 77 92  92  SER SER A . n 
A 1 78 VAL 78 93  93  VAL VAL A . n 
A 1 79 LYS 79 94  94  LYS LYS A . n 
A 1 80 GLU 80 95  95  GLU GLU A . n 
A 1 81 HIS 81 96  96  HIS HIS A . n 
A 1 82 ARG 82 97  97  ARG ARG A . n 
A 1 83 LYS 83 98  98  LYS LYS A . n 
A 1 84 ILE 84 99  99  ILE ILE A . n 
A 1 85 TYR 85 100 100 TYR TYR A . n 
A 1 86 THR 86 101 101 THR THR A . n 
A 1 87 MET 87 102 102 MET MET A . n 
A 1 88 ILE 88 103 103 ILE ILE A . n 
A 1 89 TYR 89 104 104 TYR TYR A . n 
A 1 90 ARG 90 105 105 ARG ARG A . n 
A 1 91 ASN 91 106 106 ASN ASN A . n 
A 1 92 LEU 92 107 107 LEU LEU A . n 
A 1 93 VAL 93 108 108 VAL VAL A . n 
A 1 94 VAL 94 109 109 VAL VAL A . n 
A 1 95 VAL 95 110 110 VAL VAL A . n 
A 1 96 ASN 96 111 ?   ?   ?   A . n 
# 
loop_
_pdbx_nonpoly_scheme.asym_id 
_pdbx_nonpoly_scheme.entity_id 
_pdbx_nonpoly_scheme.mon_id 
_pdbx_nonpoly_scheme.ndb_seq_num 
_pdbx_nonpoly_scheme.pdb_seq_num 
_pdbx_nonpoly_scheme.auth_seq_num 
_pdbx_nonpoly_scheme.pdb_mon_id 
_pdbx_nonpoly_scheme.auth_mon_id 
_pdbx_nonpoly_scheme.pdb_strand_id 
_pdbx_nonpoly_scheme.pdb_ins_code 
B 2 4TH 1  201 1  4TH LI1 A . 
C 3 CL  1  202 1  CL  CL  A . 
D 4 HOH 1  301 48 HOH HOH A . 
D 4 HOH 2  302 18 HOH HOH A . 
D 4 HOH 3  303 27 HOH HOH A . 
D 4 HOH 4  304 45 HOH HOH A . 
D 4 HOH 5  305 19 HOH HOH A . 
D 4 HOH 6  306 5  HOH HOH A . 
D 4 HOH 7  307 31 HOH HOH A . 
D 4 HOH 8  308 8  HOH HOH A . 
D 4 HOH 9  309 24 HOH HOH A . 
D 4 HOH 10 310 2  HOH HOH A . 
D 4 HOH 11 311 51 HOH HOH A . 
D 4 HOH 12 312 21 HOH HOH A . 
D 4 HOH 13 313 43 HOH HOH A . 
D 4 HOH 14 314 36 HOH HOH A . 
D 4 HOH 15 315 12 HOH HOH A . 
D 4 HOH 16 316 7  HOH HOH A . 
D 4 HOH 17 317 22 HOH HOH A . 
D 4 HOH 18 318 30 HOH HOH A . 
D 4 HOH 19 319 3  HOH HOH A . 
D 4 HOH 20 320 6  HOH HOH A . 
D 4 HOH 21 321 59 HOH HOH A . 
D 4 HOH 22 322 13 HOH HOH A . 
D 4 HOH 23 323 60 HOH HOH A . 
D 4 HOH 24 324 54 HOH HOH A . 
D 4 HOH 25 325 1  HOH HOH A . 
D 4 HOH 26 326 17 HOH HOH A . 
D 4 HOH 27 327 33 HOH HOH A . 
D 4 HOH 28 328 10 HOH HOH A . 
D 4 HOH 29 329 23 HOH HOH A . 
D 4 HOH 30 330 20 HOH HOH A . 
D 4 HOH 31 331 38 HOH HOH A . 
D 4 HOH 32 332 28 HOH HOH A . 
D 4 HOH 33 333 29 HOH HOH A . 
D 4 HOH 34 334 42 HOH HOH A . 
D 4 HOH 35 335 15 HOH HOH A . 
D 4 HOH 36 336 25 HOH HOH A . 
D 4 HOH 37 337 16 HOH HOH A . 
D 4 HOH 38 338 14 HOH HOH A . 
D 4 HOH 39 339 50 HOH HOH A . 
D 4 HOH 40 340 4  HOH HOH A . 
D 4 HOH 41 341 53 HOH HOH A . 
D 4 HOH 42 342 61 HOH HOH A . 
D 4 HOH 43 343 41 HOH HOH A . 
D 4 HOH 44 344 55 HOH HOH A . 
D 4 HOH 45 345 37 HOH HOH A . 
D 4 HOH 46 346 39 HOH HOH A . 
D 4 HOH 47 347 11 HOH HOH A . 
D 4 HOH 48 348 46 HOH HOH A . 
D 4 HOH 49 349 44 HOH HOH A . 
D 4 HOH 50 350 34 HOH HOH A . 
D 4 HOH 51 351 9  HOH HOH A . 
D 4 HOH 52 352 49 HOH HOH A . 
D 4 HOH 53 353 57 HOH HOH A . 
D 4 HOH 54 354 58 HOH HOH A . 
D 4 HOH 55 355 56 HOH HOH A . 
D 4 HOH 56 356 26 HOH HOH A . 
D 4 HOH 57 357 32 HOH HOH A . 
D 4 HOH 58 358 40 HOH HOH A . 
D 4 HOH 59 359 62 HOH HOH A . 
D 4 HOH 60 360 35 HOH HOH A . 
D 4 HOH 61 361 52 HOH HOH A . 
D 4 HOH 62 362 47 HOH HOH A . 
# 
loop_
_software.citation_id 
_software.classification 
_software.compiler_name 
_software.compiler_version 
_software.contact_author 
_software.contact_author_email 
_software.date 
_software.description 
_software.dependencies 
_software.hardware 
_software.language 
_software.location 
_software.mods 
_software.name 
_software.os 
_software.os_version 
_software.type 
_software.version 
_software.pdbx_ordinal 
? 'data reduction' ? ? ? ? ? ? ? ? ? ? ? DENZO     ? ? ? .        1 
? 'data scaling'   ? ? ? ? ? ? ? ? ? ? ? SCALEPACK ? ? ? .        2 
? refinement       ? ? ? ? ? ? ? ? ? ? ? REFMAC    ? ? ? 5.5.0063 3 
? phasing          ? ? ? ? ? ? ? ? ? ? ? MOLREP    ? ? ? 9.4.09   4 
# 
_cell.angle_alpha                  90.000 
_cell.angle_alpha_esd              ? 
_cell.angle_beta                   90.000 
_cell.angle_beta_esd               ? 
_cell.angle_gamma                  120.000 
_cell.angle_gamma_esd              ? 
_cell.entry_id                     4ZYI 
_cell.details                      ? 
_cell.formula_units_Z              ? 
_cell.length_a                     55.748 
_cell.length_a_esd                 ? 
_cell.length_b                     55.748 
_cell.length_b_esd                 ? 
_cell.length_c                     107.324 
_cell.length_c_esd                 ? 
_cell.volume                       ? 
_cell.volume_esd                   ? 
_cell.Z_PDB                        12 
_cell.reciprocal_angle_alpha       ? 
_cell.reciprocal_angle_beta        ? 
_cell.reciprocal_angle_gamma       ? 
_cell.reciprocal_angle_alpha_esd   ? 
_cell.reciprocal_angle_beta_esd    ? 
_cell.reciprocal_angle_gamma_esd   ? 
_cell.reciprocal_length_a          ? 
_cell.reciprocal_length_b          ? 
_cell.reciprocal_length_c          ? 
_cell.reciprocal_length_a_esd      ? 
_cell.reciprocal_length_b_esd      ? 
_cell.reciprocal_length_c_esd      ? 
_cell.pdbx_unique_axis             ? 
# 
_symmetry.entry_id                         4ZYI 
_symmetry.cell_setting                     ? 
_symmetry.Int_Tables_number                178 
_symmetry.space_group_name_Hall            ? 
_symmetry.space_group_name_H-M             'P 61 2 2' 
_symmetry.pdbx_full_space_group_name_H-M   ? 
# 
_exptl.absorpt_coefficient_mu     ? 
_exptl.absorpt_correction_T_max   ? 
_exptl.absorpt_correction_T_min   ? 
_exptl.absorpt_correction_type    ? 
_exptl.absorpt_process_details    ? 
_exptl.entry_id                   4ZYI 
_exptl.crystals_number            1 
_exptl.details                    ? 
_exptl.method                     'X-RAY DIFFRACTION' 
_exptl.method_details             ? 
# 
_exptl_crystal.colour                      ? 
_exptl_crystal.density_diffrn              ? 
_exptl_crystal.density_Matthews            2.16 
_exptl_crystal.density_method              ? 
_exptl_crystal.density_percent_sol         43.00 
_exptl_crystal.description                 ? 
_exptl_crystal.F_000                       ? 
_exptl_crystal.id                          1 
_exptl_crystal.preparation                 ? 
_exptl_crystal.size_max                    ? 
_exptl_crystal.size_mid                    ? 
_exptl_crystal.size_min                    ? 
_exptl_crystal.size_rad                    ? 
_exptl_crystal.colour_lustre               ? 
_exptl_crystal.colour_modifier             ? 
_exptl_crystal.colour_primary              ? 
_exptl_crystal.density_meas                ? 
_exptl_crystal.density_meas_esd            ? 
_exptl_crystal.density_meas_gt             ? 
_exptl_crystal.density_meas_lt             ? 
_exptl_crystal.density_meas_temp           ? 
_exptl_crystal.density_meas_temp_esd       ? 
_exptl_crystal.density_meas_temp_gt        ? 
_exptl_crystal.density_meas_temp_lt        ? 
_exptl_crystal.pdbx_crystal_image_url      ? 
_exptl_crystal.pdbx_crystal_image_format   ? 
_exptl_crystal.pdbx_mosaicity              ? 
_exptl_crystal.pdbx_mosaicity_esd          ? 
# 
_exptl_crystal_grow.apparatus       ? 
_exptl_crystal_grow.atmosphere      ? 
_exptl_crystal_grow.crystal_id      1 
_exptl_crystal_grow.details         ? 
_exptl_crystal_grow.method          'VAPOR DIFFUSION, HANGING DROP' 
_exptl_crystal_grow.method_ref      ? 
_exptl_crystal_grow.pH              4.7 
_exptl_crystal_grow.pressure        ? 
_exptl_crystal_grow.pressure_esd    ? 
_exptl_crystal_grow.seeding         ? 
_exptl_crystal_grow.seeding_ref     ? 
_exptl_crystal_grow.temp            298 
_exptl_crystal_grow.temp_details    ? 
_exptl_crystal_grow.temp_esd        ? 
_exptl_crystal_grow.time            ? 
_exptl_crystal_grow.pdbx_details    
;reservoir: 2.2M AmmoniumSulfate, 0.1M cictric acid, pH4.7. protein: 7mg/ml Hdm2 in 50mM TRIS pH8.0, 200mM NaCl, 1mM TCEP, 10% glycerol. drop: 1ul reservoir + 1ul protein
;
_exptl_crystal_grow.pdbx_pH_range   4.7 
# 
_diffrn.ambient_environment    ? 
_diffrn.ambient_temp           100.0 
_diffrn.ambient_temp_details   ? 
_diffrn.ambient_temp_esd       ? 
_diffrn.crystal_id             1 
_diffrn.crystal_support        ? 
_diffrn.crystal_treatment      ? 
_diffrn.details                ? 
_diffrn.id                     1 
_diffrn.ambient_pressure       ? 
_diffrn.ambient_pressure_esd   ? 
_diffrn.ambient_pressure_gt    ? 
_diffrn.ambient_pressure_lt    ? 
_diffrn.ambient_temp_gt        ? 
_diffrn.ambient_temp_lt        ? 
# 
_diffrn_detector.details                      ? 
_diffrn_detector.detector                     CCD 
_diffrn_detector.diffrn_id                    1 
_diffrn_detector.type                         MARRESEARCH 
_diffrn_detector.area_resol_mean              ? 
_diffrn_detector.dtime                        ? 
_diffrn_detector.pdbx_frames_total            ? 
_diffrn_detector.pdbx_collection_time_total   ? 
_diffrn_detector.pdbx_collection_date         2009-02-13 
# 
_diffrn_radiation.collimation                      ? 
_diffrn_radiation.diffrn_id                        1 
_diffrn_radiation.filter_edge                      ? 
_diffrn_radiation.inhomogeneity                    ? 
_diffrn_radiation.monochromator                    'SI 111 CHANNEL' 
_diffrn_radiation.polarisn_norm                    ? 
_diffrn_radiation.polarisn_ratio                   ? 
_diffrn_radiation.probe                            ? 
_diffrn_radiation.type                             ? 
_diffrn_radiation.xray_symbol                      ? 
_diffrn_radiation.wavelength_id                    1 
_diffrn_radiation.pdbx_monochromatic_or_laue_m_l   M 
_diffrn_radiation.pdbx_wavelength_list             ? 
_diffrn_radiation.pdbx_wavelength                  ? 
_diffrn_radiation.pdbx_diffrn_protocol             'SINGLE WAVELENGTH' 
_diffrn_radiation.pdbx_analyzer                    ? 
_diffrn_radiation.pdbx_scattering_type             x-ray 
# 
_diffrn_radiation_wavelength.id           1 
_diffrn_radiation_wavelength.wavelength   1.00001 
_diffrn_radiation_wavelength.wt           1.0 
# 
_diffrn_source.current                     ? 
_diffrn_source.details                     ? 
_diffrn_source.diffrn_id                   1 
_diffrn_source.power                       ? 
_diffrn_source.size                        ? 
_diffrn_source.source                      SYNCHROTRON 
_diffrn_source.target                      ? 
_diffrn_source.type                        'SLS BEAMLINE X10SA' 
_diffrn_source.voltage                     ? 
_diffrn_source.take-off_angle              ? 
_diffrn_source.pdbx_wavelength_list        1.00001 
_diffrn_source.pdbx_wavelength             ? 
_diffrn_source.pdbx_synchrotron_beamline   X10SA 
_diffrn_source.pdbx_synchrotron_site       SLS 
# 
_reflns.B_iso_Wilson_estimate            ? 
_reflns.entry_id                         4ZYI 
_reflns.data_reduction_details           ? 
_reflns.data_reduction_method            ? 
_reflns.d_resolution_high                1.670 
_reflns.d_resolution_low                 20.000 
_reflns.details                          ? 
_reflns.limit_h_max                      ? 
_reflns.limit_h_min                      ? 
_reflns.limit_k_max                      ? 
_reflns.limit_k_min                      ? 
_reflns.limit_l_max                      ? 
_reflns.limit_l_min                      ? 
_reflns.number_all                       ? 
_reflns.number_obs                       12116 
_reflns.observed_criterion               ? 
_reflns.observed_criterion_F_max         ? 
_reflns.observed_criterion_F_min         ? 
_reflns.observed_criterion_I_max         ? 
_reflns.observed_criterion_I_min         ? 
_reflns.observed_criterion_sigma_F       ? 
_reflns.observed_criterion_sigma_I       ? 
_reflns.percent_possible_obs             99.900 
_reflns.R_free_details                   ? 
_reflns.Rmerge_F_all                     ? 
_reflns.Rmerge_F_obs                     ? 
_reflns.Friedel_coverage                 ? 
_reflns.number_gt                        ? 
_reflns.threshold_expression             ? 
_reflns.pdbx_redundancy                  33.900 
_reflns.pdbx_Rmerge_I_obs                0.047 
_reflns.pdbx_Rmerge_I_all                ? 
_reflns.pdbx_Rsym_value                  ? 
_reflns.pdbx_netI_over_av_sigmaI         94.144 
_reflns.pdbx_netI_over_sigmaI            94.140 
_reflns.pdbx_res_netI_over_av_sigmaI_2   ? 
_reflns.pdbx_res_netI_over_sigmaI_2      ? 
_reflns.pdbx_chi_squared                 0.967 
_reflns.pdbx_scaling_rejects             ? 
_reflns.pdbx_d_res_high_opt              ? 
_reflns.pdbx_d_res_low_opt               ? 
_reflns.pdbx_d_res_opt_method            ? 
_reflns.phase_calculation_details        ? 
_reflns.pdbx_Rrim_I_all                  ? 
_reflns.pdbx_Rpim_I_all                  ? 
_reflns.pdbx_d_opt                       ? 
_reflns.pdbx_number_measured_all         410905 
_reflns.pdbx_diffrn_id                   1 
_reflns.pdbx_ordinal                     1 
_reflns.pdbx_CC_half                     ? 
_reflns.pdbx_R_split                     ? 
# 
_reflns_shell.d_res_high                  1.670 
_reflns_shell.d_res_low                   1.730 
_reflns_shell.meanI_over_sigI_all         ? 
_reflns_shell.meanI_over_sigI_obs         7.490 
_reflns_shell.number_measured_all         ? 
_reflns_shell.number_measured_obs         ? 
_reflns_shell.number_possible             ? 
_reflns_shell.number_unique_all           1346 
_reflns_shell.number_unique_obs           ? 
_reflns_shell.percent_possible_all        100.000 
_reflns_shell.percent_possible_obs        ? 
_reflns_shell.Rmerge_F_all                ? 
_reflns_shell.Rmerge_F_obs                ? 
_reflns_shell.Rmerge_I_all                ? 
_reflns_shell.Rmerge_I_obs                0.340 
_reflns_shell.meanI_over_sigI_gt          ? 
_reflns_shell.meanI_over_uI_all           ? 
_reflns_shell.meanI_over_uI_gt            ? 
_reflns_shell.number_measured_gt          ? 
_reflns_shell.number_unique_gt            ? 
_reflns_shell.percent_possible_gt         ? 
_reflns_shell.Rmerge_F_gt                 ? 
_reflns_shell.Rmerge_I_gt                 ? 
_reflns_shell.pdbx_redundancy             23.400 
_reflns_shell.pdbx_Rsym_value             ? 
_reflns_shell.pdbx_chi_squared            1.685 
_reflns_shell.pdbx_netI_over_sigmaI_all   ? 
_reflns_shell.pdbx_netI_over_sigmaI_obs   ? 
_reflns_shell.pdbx_Rrim_I_all             ? 
_reflns_shell.pdbx_Rpim_I_all             ? 
_reflns_shell.pdbx_rejects                0 
_reflns_shell.pdbx_ordinal                1 
_reflns_shell.pdbx_diffrn_id              1 
_reflns_shell.pdbx_CC_half                ? 
_reflns_shell.pdbx_R_split                ? 
# 
_refine.aniso_B[1][1]                            0.0500 
_refine.aniso_B[1][2]                            0.0200 
_refine.aniso_B[1][3]                            0.0000 
_refine.aniso_B[2][2]                            0.0500 
_refine.aniso_B[2][3]                            0.0000 
_refine.aniso_B[3][3]                            -0.0700 
_refine.B_iso_max                                60.860 
_refine.B_iso_mean                               27.2860 
_refine.B_iso_min                                13.600 
_refine.correlation_coeff_Fo_to_Fc               0.9400 
_refine.correlation_coeff_Fo_to_Fc_free          0.9400 
_refine.details                                  
'HYDROGENS HAVE BEEN ADDED IN THE RIDING POSITIONS U VALUES      : REFINED INDIVIDUALLY' 
_refine.diff_density_max                         ? 
_refine.diff_density_max_esd                     ? 
_refine.diff_density_min                         ? 
_refine.diff_density_min_esd                     ? 
_refine.diff_density_rms                         ? 
_refine.diff_density_rms_esd                     ? 
_refine.entry_id                                 4ZYI 
_refine.pdbx_refine_id                           'X-RAY DIFFRACTION' 
_refine.ls_abs_structure_details                 ? 
_refine.ls_abs_structure_Flack                   ? 
_refine.ls_abs_structure_Flack_esd               ? 
_refine.ls_abs_structure_Rogers                  ? 
_refine.ls_abs_structure_Rogers_esd              ? 
_refine.ls_d_res_high                            1.6700 
_refine.ls_d_res_low                             20.0000 
_refine.ls_extinction_coef                       ? 
_refine.ls_extinction_coef_esd                   ? 
_refine.ls_extinction_expression                 ? 
_refine.ls_extinction_method                     ? 
_refine.ls_goodness_of_fit_all                   ? 
_refine.ls_goodness_of_fit_all_esd               ? 
_refine.ls_goodness_of_fit_obs                   ? 
_refine.ls_goodness_of_fit_obs_esd               ? 
_refine.ls_hydrogen_treatment                    ? 
_refine.ls_matrix_type                           ? 
_refine.ls_number_constraints                    ? 
_refine.ls_number_parameters                     ? 
_refine.ls_number_reflns_all                     ? 
_refine.ls_number_reflns_obs                     11475 
_refine.ls_number_reflns_R_free                  576 
_refine.ls_number_reflns_R_work                  ? 
_refine.ls_number_restraints                     ? 
_refine.ls_percent_reflns_obs                    99.8400 
_refine.ls_percent_reflns_R_free                 4.8000 
_refine.ls_R_factor_all                          ? 
_refine.ls_R_factor_obs                          0.2394 
_refine.ls_R_factor_R_free                       0.2467 
_refine.ls_R_factor_R_free_error                 ? 
_refine.ls_R_factor_R_free_error_details         ? 
_refine.ls_R_factor_R_work                       0.2390 
_refine.ls_R_Fsqd_factor_obs                     ? 
_refine.ls_R_I_factor_obs                        ? 
_refine.ls_redundancy_reflns_all                 ? 
_refine.ls_redundancy_reflns_obs                 ? 
_refine.ls_restrained_S_all                      ? 
_refine.ls_restrained_S_obs                      ? 
_refine.ls_shift_over_esd_max                    ? 
_refine.ls_shift_over_esd_mean                   ? 
_refine.ls_structure_factor_coef                 ? 
_refine.ls_weighting_details                     ? 
_refine.ls_weighting_scheme                      ? 
_refine.ls_wR_factor_all                         ? 
_refine.ls_wR_factor_obs                         ? 
_refine.ls_wR_factor_R_free                      ? 
_refine.ls_wR_factor_R_work                      ? 
_refine.occupancy_max                            ? 
_refine.occupancy_min                            ? 
_refine.solvent_model_details                    MASK 
_refine.solvent_model_param_bsol                 ? 
_refine.solvent_model_param_ksol                 ? 
_refine.ls_R_factor_gt                           ? 
_refine.ls_goodness_of_fit_gt                    ? 
_refine.ls_goodness_of_fit_ref                   ? 
_refine.ls_shift_over_su_max                     ? 
_refine.ls_shift_over_su_max_lt                  ? 
_refine.ls_shift_over_su_mean                    ? 
_refine.ls_shift_over_su_mean_lt                 ? 
_refine.pdbx_ls_sigma_I                          ? 
_refine.pdbx_ls_sigma_F                          0.000 
_refine.pdbx_ls_sigma_Fsqd                       ? 
_refine.pdbx_data_cutoff_high_absF               ? 
_refine.pdbx_data_cutoff_high_rms_absF           ? 
_refine.pdbx_data_cutoff_low_absF                ? 
_refine.pdbx_isotropic_thermal_model             ? 
_refine.pdbx_ls_cross_valid_method               THROUGHOUT 
_refine.pdbx_method_to_determine_struct          'MOLECULAR REPLACEMENT' 
_refine.pdbx_starting_model                      4ZYC 
_refine.pdbx_stereochemistry_target_values       'MAXIMUM LIKELIHOOD' 
_refine.pdbx_R_Free_selection_details            RANDOM 
_refine.pdbx_stereochem_target_val_spec_case     ? 
_refine.pdbx_overall_ESU_R                       0.1310 
_refine.pdbx_overall_ESU_R_Free                  0.1140 
_refine.pdbx_solvent_vdw_probe_radii             1.2000 
_refine.pdbx_solvent_ion_probe_radii             0.8000 
_refine.pdbx_solvent_shrinkage_radii             0.8000 
_refine.pdbx_real_space_R                        ? 
_refine.pdbx_density_correlation                 ? 
_refine.pdbx_pd_number_of_powder_patterns        ? 
_refine.pdbx_pd_number_of_points                 ? 
_refine.pdbx_pd_meas_number_of_points            ? 
_refine.pdbx_pd_proc_ls_prof_R_factor            ? 
_refine.pdbx_pd_proc_ls_prof_wR_factor           ? 
_refine.pdbx_pd_Marquardt_correlation_coeff      ? 
_refine.pdbx_pd_Fsqrd_R_factor                   ? 
_refine.pdbx_pd_ls_matrix_band_width             ? 
_refine.pdbx_overall_phase_error                 ? 
_refine.pdbx_overall_SU_R_free_Cruickshank_DPI   ? 
_refine.pdbx_overall_SU_R_free_Blow_DPI          ? 
_refine.pdbx_overall_SU_R_Blow_DPI               ? 
_refine.pdbx_TLS_residual_ADP_flag               ? 
_refine.pdbx_diffrn_id                           1 
_refine.overall_SU_B                             2.3340 
_refine.overall_SU_ML                            0.0790 
_refine.overall_SU_R_Cruickshank_DPI             ? 
_refine.overall_SU_R_free                        ? 
_refine.overall_FOM_free_R_set                   ? 
_refine.overall_FOM_work_R_set                   ? 
_refine.pdbx_average_fsc_overall                 ? 
_refine.pdbx_average_fsc_work                    ? 
_refine.pdbx_average_fsc_free                    ? 
# 
_refine_hist.cycle_id                         final 
_refine_hist.pdbx_refine_id                   'X-RAY DIFFRACTION' 
_refine_hist.d_res_high                       1.6700 
_refine_hist.d_res_low                        20.0000 
_refine_hist.pdbx_number_atoms_ligand         41 
_refine_hist.number_atoms_solvent             62 
_refine_hist.number_atoms_total               846 
_refine_hist.pdbx_number_residues_total       90 
_refine_hist.pdbx_B_iso_mean_ligand           25.13 
_refine_hist.pdbx_B_iso_mean_solvent          41.83 
_refine_hist.pdbx_number_atoms_protein        743 
_refine_hist.pdbx_number_atoms_nucleic_acid   0 
# 
loop_
_refine_ls_restr.pdbx_refine_id 
_refine_ls_restr.criterion 
_refine_ls_restr.dev_ideal 
_refine_ls_restr.dev_ideal_target 
_refine_ls_restr.number 
_refine_ls_restr.rejects 
_refine_ls_restr.type 
_refine_ls_restr.weight 
_refine_ls_restr.pdbx_restraint_function 
'X-RAY DIFFRACTION' ? 0.009  0.022  801  ? r_bond_refined_d       ? ? 
'X-RAY DIFFRACTION' ? 1.155  2.052  1080 ? r_angle_refined_deg    ? ? 
'X-RAY DIFFRACTION' ? 4.825  5.000  88   ? r_dihedral_angle_1_deg ? ? 
'X-RAY DIFFRACTION' ? 40.449 23.750 32   ? r_dihedral_angle_2_deg ? ? 
'X-RAY DIFFRACTION' ? 15.118 15.000 149  ? r_dihedral_angle_3_deg ? ? 
'X-RAY DIFFRACTION' ? 9.644  15.000 4    ? r_dihedral_angle_4_deg ? ? 
'X-RAY DIFFRACTION' ? 0.081  0.200  119  ? r_chiral_restr         ? ? 
'X-RAY DIFFRACTION' ? 0.007  0.021  580  ? r_gen_planes_refined   ? ? 
# 
_refine_ls_shell.pdbx_refine_id                   'X-RAY DIFFRACTION' 
_refine_ls_shell.d_res_high                       1.6700 
_refine_ls_shell.d_res_low                        1.7130 
_refine_ls_shell.number_reflns_all                847 
_refine_ls_shell.number_reflns_obs                ? 
_refine_ls_shell.number_reflns_R_free             29 
_refine_ls_shell.number_reflns_R_work             818 
_refine_ls_shell.percent_reflns_obs               100.0000 
_refine_ls_shell.percent_reflns_R_free            ? 
_refine_ls_shell.R_factor_all                     ? 
_refine_ls_shell.R_factor_obs                     ? 
_refine_ls_shell.R_factor_R_free                  0.3390 
_refine_ls_shell.R_factor_R_free_error            ? 
_refine_ls_shell.R_factor_R_work                  0.2710 
_refine_ls_shell.redundancy_reflns_all            ? 
_refine_ls_shell.redundancy_reflns_obs            ? 
_refine_ls_shell.wR_factor_all                    ? 
_refine_ls_shell.wR_factor_obs                    ? 
_refine_ls_shell.wR_factor_R_free                 ? 
_refine_ls_shell.wR_factor_R_work                 ? 
_refine_ls_shell.pdbx_total_number_of_bins_used   20 
_refine_ls_shell.pdbx_phase_error                 ? 
_refine_ls_shell.pdbx_fsc_work                    ? 
_refine_ls_shell.pdbx_fsc_free                    ? 
# 
_struct.entry_id                     4ZYI 
_struct.title                        
;Discovery of NVP-CGM097 - a highly potent and selective MDM2 inhibitor undergoing phase 1 clinical trials in p53wt tumors: Hdm2 (MDM2) complexed with cpd2
;
_struct.pdbx_model_details           ? 
_struct.pdbx_formula_weight          ? 
_struct.pdbx_formula_weight_method   ? 
_struct.pdbx_model_type_details      ? 
_struct.pdbx_CASP_flag               ? 
# 
_struct_keywords.entry_id        4ZYI 
_struct_keywords.text            'PPI WITH P53, INHIBITOR COMPLEX, cell cycle' 
_struct_keywords.pdbx_keywords   'CELL CYCLE' 
# 
loop_
_struct_asym.id 
_struct_asym.pdbx_blank_PDB_chainid_flag 
_struct_asym.pdbx_modified 
_struct_asym.entity_id 
_struct_asym.details 
A N N 1 ? 
B N N 2 ? 
C N N 3 ? 
D N N 4 ? 
# 
_struct_ref.id                         1 
_struct_ref.db_name                    UNP 
_struct_ref.db_code                    MDM2_HUMAN 
_struct_ref.pdbx_db_accession          Q00987 
_struct_ref.pdbx_db_isoform            ? 
_struct_ref.entity_id                  1 
_struct_ref.pdbx_seq_one_letter_code   
;SQIPASEQETLVRPKPLLLKLLKSVGAQKDTYTMKEVLFYLGQYIMTKRLYDEKQQHIVYCSNDLLGDLFGVPSFSVKEH
RKIYTMIYRNLVVVN
;
_struct_ref.pdbx_align_begin           17 
# 
_struct_ref_seq.align_id                      1 
_struct_ref_seq.ref_id                        1 
_struct_ref_seq.pdbx_PDB_id_code              4ZYI 
_struct_ref_seq.pdbx_strand_id                A 
_struct_ref_seq.seq_align_beg                 2 
_struct_ref_seq.pdbx_seq_align_beg_ins_code   ? 
_struct_ref_seq.seq_align_end                 96 
_struct_ref_seq.pdbx_seq_align_end_ins_code   ? 
_struct_ref_seq.pdbx_db_accession             Q00987 
_struct_ref_seq.db_align_beg                  17 
_struct_ref_seq.pdbx_db_align_beg_ins_code    ? 
_struct_ref_seq.db_align_end                  111 
_struct_ref_seq.pdbx_db_align_end_ins_code    ? 
_struct_ref_seq.pdbx_auth_seq_align_beg       17 
_struct_ref_seq.pdbx_auth_seq_align_end       111 
# 
_struct_ref_seq_dif.align_id                     1 
_struct_ref_seq_dif.pdbx_pdb_id_code             4ZYI 
_struct_ref_seq_dif.mon_id                       GLY 
_struct_ref_seq_dif.pdbx_pdb_strand_id           A 
_struct_ref_seq_dif.seq_num                      1 
_struct_ref_seq_dif.pdbx_pdb_ins_code            ? 
_struct_ref_seq_dif.pdbx_seq_db_name             UNP 
_struct_ref_seq_dif.pdbx_seq_db_accession_code   Q00987 
_struct_ref_seq_dif.db_mon_id                    ? 
_struct_ref_seq_dif.pdbx_seq_db_seq_num          ? 
_struct_ref_seq_dif.details                      'expression tag' 
_struct_ref_seq_dif.pdbx_auth_seq_num            16 
_struct_ref_seq_dif.pdbx_ordinal                 1 
# 
_pdbx_struct_assembly.id                   1 
_pdbx_struct_assembly.details              author_and_software_defined_assembly 
_pdbx_struct_assembly.method_details       PISA 
_pdbx_struct_assembly.oligomeric_details   monomeric 
_pdbx_struct_assembly.oligomeric_count     1 
# 
loop_
_pdbx_struct_assembly_prop.biol_id 
_pdbx_struct_assembly_prop.type 
_pdbx_struct_assembly_prop.value 
_pdbx_struct_assembly_prop.details 
1 'ABSA (A^2)' 110  ? 
1 MORE         -7   ? 
1 'SSA (A^2)'  5810 ? 
# 
_pdbx_struct_assembly_gen.assembly_id       1 
_pdbx_struct_assembly_gen.oper_expression   1 
_pdbx_struct_assembly_gen.asym_id_list      A,B,C,D 
# 
_pdbx_struct_oper_list.id                   1 
_pdbx_struct_oper_list.type                 'identity operation' 
_pdbx_struct_oper_list.name                 1_555 
_pdbx_struct_oper_list.symmetry_operation   x,y,z 
_pdbx_struct_oper_list.matrix[1][1]         1.0000000000 
_pdbx_struct_oper_list.matrix[1][2]         0.0000000000 
_pdbx_struct_oper_list.matrix[1][3]         0.0000000000 
_pdbx_struct_oper_list.vector[1]            0.0000000000 
_pdbx_struct_oper_list.matrix[2][1]         0.0000000000 
_pdbx_struct_oper_list.matrix[2][2]         1.0000000000 
_pdbx_struct_oper_list.matrix[2][3]         0.0000000000 
_pdbx_struct_oper_list.vector[2]            0.0000000000 
_pdbx_struct_oper_list.matrix[3][1]         0.0000000000 
_pdbx_struct_oper_list.matrix[3][2]         0.0000000000 
_pdbx_struct_oper_list.matrix[3][3]         1.0000000000 
_pdbx_struct_oper_list.vector[3]            0.0000000000 
# 
loop_
_struct_conf.conf_type_id 
_struct_conf.id 
_struct_conf.pdbx_PDB_helix_id 
_struct_conf.beg_label_comp_id 
_struct_conf.beg_label_asym_id 
_struct_conf.beg_label_seq_id 
_struct_conf.pdbx_beg_PDB_ins_code 
_struct_conf.end_label_comp_id 
_struct_conf.end_label_asym_id 
_struct_conf.end_label_seq_id 
_struct_conf.pdbx_end_PDB_ins_code 
_struct_conf.beg_auth_comp_id 
_struct_conf.beg_auth_asym_id 
_struct_conf.beg_auth_seq_id 
_struct_conf.end_auth_comp_id 
_struct_conf.end_auth_asym_id 
_struct_conf.end_auth_seq_id 
_struct_conf.pdbx_PDB_helix_class 
_struct_conf.details 
_struct_conf.pdbx_PDB_helix_length 
HELX_P HELX_P1 AA1 PRO A 5  ? GLU A 10 ? PRO A 20 GLU A 25  5 ? 6  
HELX_P HELX_P2 AA2 LYS A 16 ? SER A 25 ? LYS A 31 SER A 40  1 ? 10 
HELX_P HELX_P3 AA3 MET A 35 ? LYS A 49 ? MET A 50 LYS A 64  1 ? 15 
HELX_P HELX_P4 AA4 ASP A 65 ? GLY A 72 ? ASP A 80 GLY A 87  1 ? 8  
HELX_P HELX_P5 AA5 GLU A 80 ? ARG A 90 ? GLU A 95 ARG A 105 1 ? 11 
# 
_struct_conf_type.id          HELX_P 
_struct_conf_type.criteria    ? 
_struct_conf_type.reference   ? 
# 
loop_
_struct_sheet.id 
_struct_sheet.type 
_struct_sheet.number_strands 
_struct_sheet.details 
AA1 ? 3 ? 
AA2 ? 2 ? 
# 
loop_
_struct_sheet_order.sheet_id 
_struct_sheet_order.range_id_1 
_struct_sheet_order.range_id_2 
_struct_sheet_order.offset 
_struct_sheet_order.sense 
AA1 1 2 ? anti-parallel 
AA1 2 3 ? anti-parallel 
AA2 1 2 ? anti-parallel 
# 
loop_
_struct_sheet_range.sheet_id 
_struct_sheet_range.id 
_struct_sheet_range.beg_label_comp_id 
_struct_sheet_range.beg_label_asym_id 
_struct_sheet_range.beg_label_seq_id 
_struct_sheet_range.pdbx_beg_PDB_ins_code 
_struct_sheet_range.end_label_comp_id 
_struct_sheet_range.end_label_asym_id 
_struct_sheet_range.end_label_seq_id 
_struct_sheet_range.pdbx_end_PDB_ins_code 
_struct_sheet_range.beg_auth_comp_id 
_struct_sheet_range.beg_auth_asym_id 
_struct_sheet_range.beg_auth_seq_id 
_struct_sheet_range.end_auth_comp_id 
_struct_sheet_range.end_auth_asym_id 
_struct_sheet_range.end_auth_seq_id 
AA1 1 TYR A 33 ? THR A 34 ? TYR A 48  THR A 49  
AA1 2 LEU A 12 ? PRO A 15 ? LEU A 27  PRO A 30  
AA1 3 LEU A 92 ? VAL A 94 ? LEU A 107 VAL A 109 
AA2 1 ILE A 59 ? TYR A 61 ? ILE A 74  TYR A 76  
AA2 2 SER A 75 ? SER A 77 ? SER A 90  SER A 92  
# 
loop_
_pdbx_struct_sheet_hbond.sheet_id 
_pdbx_struct_sheet_hbond.range_id_1 
_pdbx_struct_sheet_hbond.range_id_2 
_pdbx_struct_sheet_hbond.range_1_label_atom_id 
_pdbx_struct_sheet_hbond.range_1_label_comp_id 
_pdbx_struct_sheet_hbond.range_1_label_asym_id 
_pdbx_struct_sheet_hbond.range_1_label_seq_id 
_pdbx_struct_sheet_hbond.range_1_PDB_ins_code 
_pdbx_struct_sheet_hbond.range_1_auth_atom_id 
_pdbx_struct_sheet_hbond.range_1_auth_comp_id 
_pdbx_struct_sheet_hbond.range_1_auth_asym_id 
_pdbx_struct_sheet_hbond.range_1_auth_seq_id 
_pdbx_struct_sheet_hbond.range_2_label_atom_id 
_pdbx_struct_sheet_hbond.range_2_label_comp_id 
_pdbx_struct_sheet_hbond.range_2_label_asym_id 
_pdbx_struct_sheet_hbond.range_2_label_seq_id 
_pdbx_struct_sheet_hbond.range_2_PDB_ins_code 
_pdbx_struct_sheet_hbond.range_2_auth_atom_id 
_pdbx_struct_sheet_hbond.range_2_auth_comp_id 
_pdbx_struct_sheet_hbond.range_2_auth_asym_id 
_pdbx_struct_sheet_hbond.range_2_auth_seq_id 
AA1 1 2 O TYR A 33 ? O TYR A 48 N VAL A 13 ? N VAL A 28  
AA1 2 3 N ARG A 14 ? N ARG A 29 O VAL A 93 ? O VAL A 108 
AA2 1 2 N VAL A 60 ? N VAL A 75 O PHE A 76 ? O PHE A 91  
# 
loop_
_struct_site.id 
_struct_site.pdbx_evidence_code 
_struct_site.pdbx_auth_asym_id 
_struct_site.pdbx_auth_comp_id 
_struct_site.pdbx_auth_seq_id 
_struct_site.pdbx_auth_ins_code 
_struct_site.pdbx_num_residues 
_struct_site.details 
AC1 Software A 4TH 201 ? 11 'binding site for residue 4TH A 201' 
AC2 Software A CL  202 ? 7  'binding site for residue CL A 202'  
# 
loop_
_struct_site_gen.id 
_struct_site_gen.site_id 
_struct_site_gen.pdbx_num_res 
_struct_site_gen.label_comp_id 
_struct_site_gen.label_asym_id 
_struct_site_gen.label_seq_id 
_struct_site_gen.pdbx_auth_ins_code 
_struct_site_gen.auth_comp_id 
_struct_site_gen.auth_asym_id 
_struct_site_gen.auth_seq_id 
_struct_site_gen.label_atom_id 
_struct_site_gen.label_alt_id 
_struct_site_gen.symmetry 
_struct_site_gen.details 
1  AC1 11 GLN A 9  ? GLN A 24  . ? 1_555  ? 
2  AC1 11 LEU A 39 ? LEU A 54  . ? 1_555  ? 
3  AC1 11 PHE A 40 ? PHE A 55  . ? 1_555  ? 
4  AC1 11 MET A 47 ? MET A 62  . ? 1_555  ? 
5  AC1 11 TYR A 52 ? TYR A 67  . ? 1_555  ? 
6  AC1 11 GLN A 57 ? GLN A 72  . ? 1_555  ? 
7  AC1 11 PHE A 71 ? PHE A 86  . ? 1_555  ? 
8  AC1 11 HIS A 81 ? HIS A 96  . ? 1_555  ? 
9  AC1 11 ARG A 82 ? ARG A 97  . ? 5_554  ? 
10 AC1 11 TYR A 85 ? TYR A 100 . ? 1_555  ? 
11 AC1 11 HOH D .  ? HOH A 319 . ? 1_555  ? 
12 AC2 7  LYS A 49 ? LYS A 64  . ? 1_555  ? 
13 AC2 7  LYS A 49 ? LYS A 64  . ? 10_664 ? 
14 AC2 7  ASP A 65 ? ASP A 80  . ? 1_555  ? 
15 AC2 7  ASP A 65 ? ASP A 80  . ? 10_664 ? 
16 AC2 7  LEU A 66 ? LEU A 81  . ? 1_555  ? 
17 AC2 7  LEU A 66 ? LEU A 81  . ? 10_664 ? 
18 AC2 7  HOH D .  ? HOH A 325 . ? 1_555  ? 
# 
_pdbx_validate_rmsd_angle.id                         1 
_pdbx_validate_rmsd_angle.PDB_model_num              1 
_pdbx_validate_rmsd_angle.auth_atom_id_1             CG 
_pdbx_validate_rmsd_angle.auth_asym_id_1             A 
_pdbx_validate_rmsd_angle.auth_comp_id_1             MET 
_pdbx_validate_rmsd_angle.auth_seq_id_1              62 
_pdbx_validate_rmsd_angle.PDB_ins_code_1             ? 
_pdbx_validate_rmsd_angle.label_alt_id_1             ? 
_pdbx_validate_rmsd_angle.auth_atom_id_2             SD 
_pdbx_validate_rmsd_angle.auth_asym_id_2             A 
_pdbx_validate_rmsd_angle.auth_comp_id_2             MET 
_pdbx_validate_rmsd_angle.auth_seq_id_2              62 
_pdbx_validate_rmsd_angle.PDB_ins_code_2             ? 
_pdbx_validate_rmsd_angle.label_alt_id_2             ? 
_pdbx_validate_rmsd_angle.auth_atom_id_3             CE 
_pdbx_validate_rmsd_angle.auth_asym_id_3             A 
_pdbx_validate_rmsd_angle.auth_comp_id_3             MET 
_pdbx_validate_rmsd_angle.auth_seq_id_3              62 
_pdbx_validate_rmsd_angle.PDB_ins_code_3             ? 
_pdbx_validate_rmsd_angle.label_alt_id_3             ? 
_pdbx_validate_rmsd_angle.angle_value                90.15 
_pdbx_validate_rmsd_angle.angle_target_value         100.20 
_pdbx_validate_rmsd_angle.angle_deviation            -10.05 
_pdbx_validate_rmsd_angle.angle_standard_deviation   1.60 
_pdbx_validate_rmsd_angle.linker_flag                N 
# 
_pdbx_struct_special_symmetry.id              1 
_pdbx_struct_special_symmetry.PDB_model_num   1 
_pdbx_struct_special_symmetry.auth_asym_id    A 
_pdbx_struct_special_symmetry.auth_comp_id    CL 
_pdbx_struct_special_symmetry.auth_seq_id     202 
_pdbx_struct_special_symmetry.PDB_ins_code    ? 
_pdbx_struct_special_symmetry.label_asym_id   C 
_pdbx_struct_special_symmetry.label_comp_id   CL 
_pdbx_struct_special_symmetry.label_seq_id    . 
# 
loop_
_pdbx_unobs_or_zero_occ_residues.id 
_pdbx_unobs_or_zero_occ_residues.PDB_model_num 
_pdbx_unobs_or_zero_occ_residues.polymer_flag 
_pdbx_unobs_or_zero_occ_residues.occupancy_flag 
_pdbx_unobs_or_zero_occ_residues.auth_asym_id 
_pdbx_unobs_or_zero_occ_residues.auth_comp_id 
_pdbx_unobs_or_zero_occ_residues.auth_seq_id 
_pdbx_unobs_or_zero_occ_residues.PDB_ins_code 
_pdbx_unobs_or_zero_occ_residues.label_asym_id 
_pdbx_unobs_or_zero_occ_residues.label_comp_id 
_pdbx_unobs_or_zero_occ_residues.label_seq_id 
1 1 Y 1 A GLY 16  ? A GLY 1  
2 1 Y 1 A SER 17  ? A SER 2  
3 1 Y 1 A GLN 18  ? A GLN 3  
4 1 Y 1 A ILE 19  ? A ILE 4  
5 1 Y 1 A ALA 43  ? A ALA 28 
6 1 Y 1 A ASN 111 ? A ASN 96 
# 
loop_
_chem_comp_atom.comp_id 
_chem_comp_atom.atom_id 
_chem_comp_atom.type_symbol 
_chem_comp_atom.pdbx_aromatic_flag 
_chem_comp_atom.pdbx_stereo_config 
_chem_comp_atom.pdbx_ordinal 
4TH C2   C  Y N 1   
4TH C3   C  Y N 2   
4TH C41  C  N N 3   
4TH C11  C  N N 4   
4TH C12  C  Y N 5   
4TH C13  C  Y N 6   
4TH C14  C  Y N 7   
4TH C15  C  Y N 8   
4TH C16  C  Y N 9   
4TH C17  C  Y N 10  
4TH C19  C  N N 11  
4TH C22  C  N R 12  
4TH C23  C  N N 13  
4TH C25  C  Y N 14  
4TH C26  C  Y N 15  
4TH C27  C  Y N 16  
4TH C28  C  Y N 17  
4TH C29  C  Y N 18  
4TH C30  C  Y N 19  
4TH CL1  CL N N 20  
4TH C4   C  Y N 21  
4TH C5   C  Y N 22  
4TH C6   C  Y N 23  
4TH C7   C  Y N 24  
4TH C8   C  N S 25  
4TH N9   N  N N 26  
4TH C10  C  N N 27  
4TH O18  O  N N 28  
4TH O21  O  N N 29  
4TH O24  O  N N 30  
4TH C31  C  N N 31  
4TH N32  N  N N 32  
4TH C33  C  N N 33  
4TH C34  C  N N 34  
4TH N35  N  Y N 35  
4TH C36  C  Y N 36  
4TH C37  C  Y N 37  
4TH C38  C  Y N 38  
4TH C39  C  Y N 39  
4TH C40  C  Y N 40  
4TH H1   H  N N 41  
4TH H2   H  N N 42  
4TH H3   H  N N 43  
4TH H4   H  N N 44  
4TH H5   H  N N 45  
4TH H6   H  N N 46  
4TH H7   H  N N 47  
4TH H8   H  N N 48  
4TH H9   H  N N 49  
4TH H10  H  N N 50  
4TH H11  H  N N 51  
4TH H12  H  N N 52  
4TH H13  H  N N 53  
4TH H14  H  N N 54  
4TH H15  H  N N 55  
4TH H16  H  N N 56  
4TH H17  H  N N 57  
4TH H18  H  N N 58  
4TH H19  H  N N 59  
4TH H20  H  N N 60  
4TH H21  H  N N 61  
4TH H22  H  N N 62  
4TH H23  H  N N 63  
4TH H24  H  N N 64  
4TH H25  H  N N 65  
4TH H26  H  N N 66  
4TH H27  H  N N 67  
4TH H28  H  N N 68  
4TH H29  H  N N 69  
4TH H30  H  N N 70  
4TH H31  H  N N 71  
4TH H32  H  N N 72  
4TH H33  H  N N 73  
4TH H34  H  N N 74  
ALA N    N  N N 75  
ALA CA   C  N S 76  
ALA C    C  N N 77  
ALA O    O  N N 78  
ALA CB   C  N N 79  
ALA OXT  O  N N 80  
ALA H    H  N N 81  
ALA H2   H  N N 82  
ALA HA   H  N N 83  
ALA HB1  H  N N 84  
ALA HB2  H  N N 85  
ALA HB3  H  N N 86  
ALA HXT  H  N N 87  
ARG N    N  N N 88  
ARG CA   C  N S 89  
ARG C    C  N N 90  
ARG O    O  N N 91  
ARG CB   C  N N 92  
ARG CG   C  N N 93  
ARG CD   C  N N 94  
ARG NE   N  N N 95  
ARG CZ   C  N N 96  
ARG NH1  N  N N 97  
ARG NH2  N  N N 98  
ARG OXT  O  N N 99  
ARG H    H  N N 100 
ARG H2   H  N N 101 
ARG HA   H  N N 102 
ARG HB2  H  N N 103 
ARG HB3  H  N N 104 
ARG HG2  H  N N 105 
ARG HG3  H  N N 106 
ARG HD2  H  N N 107 
ARG HD3  H  N N 108 
ARG HE   H  N N 109 
ARG HH11 H  N N 110 
ARG HH12 H  N N 111 
ARG HH21 H  N N 112 
ARG HH22 H  N N 113 
ARG HXT  H  N N 114 
ASN N    N  N N 115 
ASN CA   C  N S 116 
ASN C    C  N N 117 
ASN O    O  N N 118 
ASN CB   C  N N 119 
ASN CG   C  N N 120 
ASN OD1  O  N N 121 
ASN ND2  N  N N 122 
ASN OXT  O  N N 123 
ASN H    H  N N 124 
ASN H2   H  N N 125 
ASN HA   H  N N 126 
ASN HB2  H  N N 127 
ASN HB3  H  N N 128 
ASN HD21 H  N N 129 
ASN HD22 H  N N 130 
ASN HXT  H  N N 131 
ASP N    N  N N 132 
ASP CA   C  N S 133 
ASP C    C  N N 134 
ASP O    O  N N 135 
ASP CB   C  N N 136 
ASP CG   C  N N 137 
ASP OD1  O  N N 138 
ASP OD2  O  N N 139 
ASP OXT  O  N N 140 
ASP H    H  N N 141 
ASP H2   H  N N 142 
ASP HA   H  N N 143 
ASP HB2  H  N N 144 
ASP HB3  H  N N 145 
ASP HD2  H  N N 146 
ASP HXT  H  N N 147 
CL  CL   CL N N 148 
CYS N    N  N N 149 
CYS CA   C  N R 150 
CYS C    C  N N 151 
CYS O    O  N N 152 
CYS CB   C  N N 153 
CYS SG   S  N N 154 
CYS OXT  O  N N 155 
CYS H    H  N N 156 
CYS H2   H  N N 157 
CYS HA   H  N N 158 
CYS HB2  H  N N 159 
CYS HB3  H  N N 160 
CYS HG   H  N N 161 
CYS HXT  H  N N 162 
GLN N    N  N N 163 
GLN CA   C  N S 164 
GLN C    C  N N 165 
GLN O    O  N N 166 
GLN CB   C  N N 167 
GLN CG   C  N N 168 
GLN CD   C  N N 169 
GLN OE1  O  N N 170 
GLN NE2  N  N N 171 
GLN OXT  O  N N 172 
GLN H    H  N N 173 
GLN H2   H  N N 174 
GLN HA   H  N N 175 
GLN HB2  H  N N 176 
GLN HB3  H  N N 177 
GLN HG2  H  N N 178 
GLN HG3  H  N N 179 
GLN HE21 H  N N 180 
GLN HE22 H  N N 181 
GLN HXT  H  N N 182 
GLU N    N  N N 183 
GLU CA   C  N S 184 
GLU C    C  N N 185 
GLU O    O  N N 186 
GLU CB   C  N N 187 
GLU CG   C  N N 188 
GLU CD   C  N N 189 
GLU OE1  O  N N 190 
GLU OE2  O  N N 191 
GLU OXT  O  N N 192 
GLU H    H  N N 193 
GLU H2   H  N N 194 
GLU HA   H  N N 195 
GLU HB2  H  N N 196 
GLU HB3  H  N N 197 
GLU HG2  H  N N 198 
GLU HG3  H  N N 199 
GLU HE2  H  N N 200 
GLU HXT  H  N N 201 
GLY N    N  N N 202 
GLY CA   C  N N 203 
GLY C    C  N N 204 
GLY O    O  N N 205 
GLY OXT  O  N N 206 
GLY H    H  N N 207 
GLY H2   H  N N 208 
GLY HA2  H  N N 209 
GLY HA3  H  N N 210 
GLY HXT  H  N N 211 
HIS N    N  N N 212 
HIS CA   C  N S 213 
HIS C    C  N N 214 
HIS O    O  N N 215 
HIS CB   C  N N 216 
HIS CG   C  Y N 217 
HIS ND1  N  Y N 218 
HIS CD2  C  Y N 219 
HIS CE1  C  Y N 220 
HIS NE2  N  Y N 221 
HIS OXT  O  N N 222 
HIS H    H  N N 223 
HIS H2   H  N N 224 
HIS HA   H  N N 225 
HIS HB2  H  N N 226 
HIS HB3  H  N N 227 
HIS HD1  H  N N 228 
HIS HD2  H  N N 229 
HIS HE1  H  N N 230 
HIS HE2  H  N N 231 
HIS HXT  H  N N 232 
HOH O    O  N N 233 
HOH H1   H  N N 234 
HOH H2   H  N N 235 
ILE N    N  N N 236 
ILE CA   C  N S 237 
ILE C    C  N N 238 
ILE O    O  N N 239 
ILE CB   C  N S 240 
ILE CG1  C  N N 241 
ILE CG2  C  N N 242 
ILE CD1  C  N N 243 
ILE OXT  O  N N 244 
ILE H    H  N N 245 
ILE H2   H  N N 246 
ILE HA   H  N N 247 
ILE HB   H  N N 248 
ILE HG12 H  N N 249 
ILE HG13 H  N N 250 
ILE HG21 H  N N 251 
ILE HG22 H  N N 252 
ILE HG23 H  N N 253 
ILE HD11 H  N N 254 
ILE HD12 H  N N 255 
ILE HD13 H  N N 256 
ILE HXT  H  N N 257 
LEU N    N  N N 258 
LEU CA   C  N S 259 
LEU C    C  N N 260 
LEU O    O  N N 261 
LEU CB   C  N N 262 
LEU CG   C  N N 263 
LEU CD1  C  N N 264 
LEU CD2  C  N N 265 
LEU OXT  O  N N 266 
LEU H    H  N N 267 
LEU H2   H  N N 268 
LEU HA   H  N N 269 
LEU HB2  H  N N 270 
LEU HB3  H  N N 271 
LEU HG   H  N N 272 
LEU HD11 H  N N 273 
LEU HD12 H  N N 274 
LEU HD13 H  N N 275 
LEU HD21 H  N N 276 
LEU HD22 H  N N 277 
LEU HD23 H  N N 278 
LEU HXT  H  N N 279 
LYS N    N  N N 280 
LYS CA   C  N S 281 
LYS C    C  N N 282 
LYS O    O  N N 283 
LYS CB   C  N N 284 
LYS CG   C  N N 285 
LYS CD   C  N N 286 
LYS CE   C  N N 287 
LYS NZ   N  N N 288 
LYS OXT  O  N N 289 
LYS H    H  N N 290 
LYS H2   H  N N 291 
LYS HA   H  N N 292 
LYS HB2  H  N N 293 
LYS HB3  H  N N 294 
LYS HG2  H  N N 295 
LYS HG3  H  N N 296 
LYS HD2  H  N N 297 
LYS HD3  H  N N 298 
LYS HE2  H  N N 299 
LYS HE3  H  N N 300 
LYS HZ1  H  N N 301 
LYS HZ2  H  N N 302 
LYS HZ3  H  N N 303 
LYS HXT  H  N N 304 
MET N    N  N N 305 
MET CA   C  N S 306 
MET C    C  N N 307 
MET O    O  N N 308 
MET CB   C  N N 309 
MET CG   C  N N 310 
MET SD   S  N N 311 
MET CE   C  N N 312 
MET OXT  O  N N 313 
MET H    H  N N 314 
MET H2   H  N N 315 
MET HA   H  N N 316 
MET HB2  H  N N 317 
MET HB3  H  N N 318 
MET HG2  H  N N 319 
MET HG3  H  N N 320 
MET HE1  H  N N 321 
MET HE2  H  N N 322 
MET HE3  H  N N 323 
MET HXT  H  N N 324 
PHE N    N  N N 325 
PHE CA   C  N S 326 
PHE C    C  N N 327 
PHE O    O  N N 328 
PHE CB   C  N N 329 
PHE CG   C  Y N 330 
PHE CD1  C  Y N 331 
PHE CD2  C  Y N 332 
PHE CE1  C  Y N 333 
PHE CE2  C  Y N 334 
PHE CZ   C  Y N 335 
PHE OXT  O  N N 336 
PHE H    H  N N 337 
PHE H2   H  N N 338 
PHE HA   H  N N 339 
PHE HB2  H  N N 340 
PHE HB3  H  N N 341 
PHE HD1  H  N N 342 
PHE HD2  H  N N 343 
PHE HE1  H  N N 344 
PHE HE2  H  N N 345 
PHE HZ   H  N N 346 
PHE HXT  H  N N 347 
PRO N    N  N N 348 
PRO CA   C  N S 349 
PRO C    C  N N 350 
PRO O    O  N N 351 
PRO CB   C  N N 352 
PRO CG   C  N N 353 
PRO CD   C  N N 354 
PRO OXT  O  N N 355 
PRO H    H  N N 356 
PRO HA   H  N N 357 
PRO HB2  H  N N 358 
PRO HB3  H  N N 359 
PRO HG2  H  N N 360 
PRO HG3  H  N N 361 
PRO HD2  H  N N 362 
PRO HD3  H  N N 363 
PRO HXT  H  N N 364 
SER N    N  N N 365 
SER CA   C  N S 366 
SER C    C  N N 367 
SER O    O  N N 368 
SER CB   C  N N 369 
SER OG   O  N N 370 
SER OXT  O  N N 371 
SER H    H  N N 372 
SER H2   H  N N 373 
SER HA   H  N N 374 
SER HB2  H  N N 375 
SER HB3  H  N N 376 
SER HG   H  N N 377 
SER HXT  H  N N 378 
THR N    N  N N 379 
THR CA   C  N S 380 
THR C    C  N N 381 
THR O    O  N N 382 
THR CB   C  N R 383 
THR OG1  O  N N 384 
THR CG2  C  N N 385 
THR OXT  O  N N 386 
THR H    H  N N 387 
THR H2   H  N N 388 
THR HA   H  N N 389 
THR HB   H  N N 390 
THR HG1  H  N N 391 
THR HG21 H  N N 392 
THR HG22 H  N N 393 
THR HG23 H  N N 394 
THR HXT  H  N N 395 
TYR N    N  N N 396 
TYR CA   C  N S 397 
TYR C    C  N N 398 
TYR O    O  N N 399 
TYR CB   C  N N 400 
TYR CG   C  Y N 401 
TYR CD1  C  Y N 402 
TYR CD2  C  Y N 403 
TYR CE1  C  Y N 404 
TYR CE2  C  Y N 405 
TYR CZ   C  Y N 406 
TYR OH   O  N N 407 
TYR OXT  O  N N 408 
TYR H    H  N N 409 
TYR H2   H  N N 410 
TYR HA   H  N N 411 
TYR HB2  H  N N 412 
TYR HB3  H  N N 413 
TYR HD1  H  N N 414 
TYR HD2  H  N N 415 
TYR HE1  H  N N 416 
TYR HE2  H  N N 417 
TYR HH   H  N N 418 
TYR HXT  H  N N 419 
VAL N    N  N N 420 
VAL CA   C  N S 421 
VAL C    C  N N 422 
VAL O    O  N N 423 
VAL CB   C  N N 424 
VAL CG1  C  N N 425 
VAL CG2  C  N N 426 
VAL OXT  O  N N 427 
VAL H    H  N N 428 
VAL H2   H  N N 429 
VAL HA   H  N N 430 
VAL HB   H  N N 431 
VAL HG11 H  N N 432 
VAL HG12 H  N N 433 
VAL HG13 H  N N 434 
VAL HG21 H  N N 435 
VAL HG22 H  N N 436 
VAL HG23 H  N N 437 
VAL HXT  H  N N 438 
# 
loop_
_chem_comp_bond.comp_id 
_chem_comp_bond.atom_id_1 
_chem_comp_bond.atom_id_2 
_chem_comp_bond.value_order 
_chem_comp_bond.pdbx_aromatic_flag 
_chem_comp_bond.pdbx_stereo_config 
_chem_comp_bond.pdbx_ordinal 
4TH O24 C10  doub N N 1   
4TH C11 C10  sing N N 2   
4TH C11 C12  sing N N 3   
4TH C10 N9   sing N N 4   
4TH C38 N35  doub Y N 5   
4TH C38 C39  sing Y N 6   
4TH C17 C12  doub Y N 7   
4TH C17 C16  sing Y N 8   
4TH N35 C37  sing Y N 9   
4TH C12 C13  sing Y N 10  
4TH C19 O18  sing N N 11  
4TH C39 C40  doub Y N 12  
4TH C30 C29  doub Y N 13  
4TH C30 C25  sing Y N 14  
4TH N9  C25  sing N N 15  
4TH N9  C8   sing N N 16  
4TH C29 C28  sing Y N 17  
4TH C6  C7   doub Y N 18  
4TH C6  C5   sing Y N 19  
4TH C25 C26  doub Y N 20  
4TH C7  C2   sing Y N 21  
4TH C16 O18  sing N N 22  
4TH C16 C15  doub Y N 23  
4TH C33 N32  sing N N 24  
4TH C28 N32  sing N N 25  
4TH C28 C27  doub Y N 26  
4TH C13 C8   sing N N 27  
4TH C13 C14  doub Y N 28  
4TH C26 C27  sing Y N 29  
4TH C37 C36  doub Y N 30  
4TH C8  C5   sing N N 31  
4TH C40 C36  sing Y N 32  
4TH C40 C34  sing N N 33  
4TH C5  C4   doub Y N 34  
4TH N32 C34  sing N N 35  
4TH C2  CL1  sing N N 36  
4TH C2  C3   doub Y N 37  
4TH C15 C14  sing Y N 38  
4TH C15 O21  sing N N 39  
4TH C4  C3   sing Y N 40  
4TH O21 C22  sing N N 41  
4TH C23 C22  sing N N 42  
4TH C23 C41  sing N N 43  
4TH C22 C31  sing N N 44  
4TH C3  H1   sing N N 45  
4TH C41 H2   sing N N 46  
4TH C41 H3   sing N N 47  
4TH C41 H4   sing N N 48  
4TH C11 H5   sing N N 49  
4TH C11 H6   sing N N 50  
4TH C14 H7   sing N N 51  
4TH C17 H8   sing N N 52  
4TH C19 H9   sing N N 53  
4TH C19 H10  sing N N 54  
4TH C19 H11  sing N N 55  
4TH C22 H12  sing N N 56  
4TH C23 H13  sing N N 57  
4TH C23 H14  sing N N 58  
4TH C26 H15  sing N N 59  
4TH C27 H16  sing N N 60  
4TH C29 H17  sing N N 61  
4TH C30 H18  sing N N 62  
4TH C4  H19  sing N N 63  
4TH C6  H20  sing N N 64  
4TH C7  H21  sing N N 65  
4TH C8  H22  sing N N 66  
4TH C31 H23  sing N N 67  
4TH C31 H24  sing N N 68  
4TH C31 H25  sing N N 69  
4TH C33 H26  sing N N 70  
4TH C33 H27  sing N N 71  
4TH C33 H28  sing N N 72  
4TH C34 H29  sing N N 73  
4TH C34 H30  sing N N 74  
4TH C36 H31  sing N N 75  
4TH C37 H32  sing N N 76  
4TH C38 H33  sing N N 77  
4TH C39 H34  sing N N 78  
ALA N   CA   sing N N 79  
ALA N   H    sing N N 80  
ALA N   H2   sing N N 81  
ALA CA  C    sing N N 82  
ALA CA  CB   sing N N 83  
ALA CA  HA   sing N N 84  
ALA C   O    doub N N 85  
ALA C   OXT  sing N N 86  
ALA CB  HB1  sing N N 87  
ALA CB  HB2  sing N N 88  
ALA CB  HB3  sing N N 89  
ALA OXT HXT  sing N N 90  
ARG N   CA   sing N N 91  
ARG N   H    sing N N 92  
ARG N   H2   sing N N 93  
ARG CA  C    sing N N 94  
ARG CA  CB   sing N N 95  
ARG CA  HA   sing N N 96  
ARG C   O    doub N N 97  
ARG C   OXT  sing N N 98  
ARG CB  CG   sing N N 99  
ARG CB  HB2  sing N N 100 
ARG CB  HB3  sing N N 101 
ARG CG  CD   sing N N 102 
ARG CG  HG2  sing N N 103 
ARG CG  HG3  sing N N 104 
ARG CD  NE   sing N N 105 
ARG CD  HD2  sing N N 106 
ARG CD  HD3  sing N N 107 
ARG NE  CZ   sing N N 108 
ARG NE  HE   sing N N 109 
ARG CZ  NH1  sing N N 110 
ARG CZ  NH2  doub N N 111 
ARG NH1 HH11 sing N N 112 
ARG NH1 HH12 sing N N 113 
ARG NH2 HH21 sing N N 114 
ARG NH2 HH22 sing N N 115 
ARG OXT HXT  sing N N 116 
ASN N   CA   sing N N 117 
ASN N   H    sing N N 118 
ASN N   H2   sing N N 119 
ASN CA  C    sing N N 120 
ASN CA  CB   sing N N 121 
ASN CA  HA   sing N N 122 
ASN C   O    doub N N 123 
ASN C   OXT  sing N N 124 
ASN CB  CG   sing N N 125 
ASN CB  HB2  sing N N 126 
ASN CB  HB3  sing N N 127 
ASN CG  OD1  doub N N 128 
ASN CG  ND2  sing N N 129 
ASN ND2 HD21 sing N N 130 
ASN ND2 HD22 sing N N 131 
ASN OXT HXT  sing N N 132 
ASP N   CA   sing N N 133 
ASP N   H    sing N N 134 
ASP N   H2   sing N N 135 
ASP CA  C    sing N N 136 
ASP CA  CB   sing N N 137 
ASP CA  HA   sing N N 138 
ASP C   O    doub N N 139 
ASP C   OXT  sing N N 140 
ASP CB  CG   sing N N 141 
ASP CB  HB2  sing N N 142 
ASP CB  HB3  sing N N 143 
ASP CG  OD1  doub N N 144 
ASP CG  OD2  sing N N 145 
ASP OD2 HD2  sing N N 146 
ASP OXT HXT  sing N N 147 
CYS N   CA   sing N N 148 
CYS N   H    sing N N 149 
CYS N   H2   sing N N 150 
CYS CA  C    sing N N 151 
CYS CA  CB   sing N N 152 
CYS CA  HA   sing N N 153 
CYS C   O    doub N N 154 
CYS C   OXT  sing N N 155 
CYS CB  SG   sing N N 156 
CYS CB  HB2  sing N N 157 
CYS CB  HB3  sing N N 158 
CYS SG  HG   sing N N 159 
CYS OXT HXT  sing N N 160 
GLN N   CA   sing N N 161 
GLN N   H    sing N N 162 
GLN N   H2   sing N N 163 
GLN CA  C    sing N N 164 
GLN CA  CB   sing N N 165 
GLN CA  HA   sing N N 166 
GLN C   O    doub N N 167 
GLN C   OXT  sing N N 168 
GLN CB  CG   sing N N 169 
GLN CB  HB2  sing N N 170 
GLN CB  HB3  sing N N 171 
GLN CG  CD   sing N N 172 
GLN CG  HG2  sing N N 173 
GLN CG  HG3  sing N N 174 
GLN CD  OE1  doub N N 175 
GLN CD  NE2  sing N N 176 
GLN NE2 HE21 sing N N 177 
GLN NE2 HE22 sing N N 178 
GLN OXT HXT  sing N N 179 
GLU N   CA   sing N N 180 
GLU N   H    sing N N 181 
GLU N   H2   sing N N 182 
GLU CA  C    sing N N 183 
GLU CA  CB   sing N N 184 
GLU CA  HA   sing N N 185 
GLU C   O    doub N N 186 
GLU C   OXT  sing N N 187 
GLU CB  CG   sing N N 188 
GLU CB  HB2  sing N N 189 
GLU CB  HB3  sing N N 190 
GLU CG  CD   sing N N 191 
GLU CG  HG2  sing N N 192 
GLU CG  HG3  sing N N 193 
GLU CD  OE1  doub N N 194 
GLU CD  OE2  sing N N 195 
GLU OE2 HE2  sing N N 196 
GLU OXT HXT  sing N N 197 
GLY N   CA   sing N N 198 
GLY N   H    sing N N 199 
GLY N   H2   sing N N 200 
GLY CA  C    sing N N 201 
GLY CA  HA2  sing N N 202 
GLY CA  HA3  sing N N 203 
GLY C   O    doub N N 204 
GLY C   OXT  sing N N 205 
GLY OXT HXT  sing N N 206 
HIS N   CA   sing N N 207 
HIS N   H    sing N N 208 
HIS N   H2   sing N N 209 
HIS CA  C    sing N N 210 
HIS CA  CB   sing N N 211 
HIS CA  HA   sing N N 212 
HIS C   O    doub N N 213 
HIS C   OXT  sing N N 214 
HIS CB  CG   sing N N 215 
HIS CB  HB2  sing N N 216 
HIS CB  HB3  sing N N 217 
HIS CG  ND1  sing Y N 218 
HIS CG  CD2  doub Y N 219 
HIS ND1 CE1  doub Y N 220 
HIS ND1 HD1  sing N N 221 
HIS CD2 NE2  sing Y N 222 
HIS CD2 HD2  sing N N 223 
HIS CE1 NE2  sing Y N 224 
HIS CE1 HE1  sing N N 225 
HIS NE2 HE2  sing N N 226 
HIS OXT HXT  sing N N 227 
HOH O   H1   sing N N 228 
HOH O   H2   sing N N 229 
ILE N   CA   sing N N 230 
ILE N   H    sing N N 231 
ILE N   H2   sing N N 232 
ILE CA  C    sing N N 233 
ILE CA  CB   sing N N 234 
ILE CA  HA   sing N N 235 
ILE C   O    doub N N 236 
ILE C   OXT  sing N N 237 
ILE CB  CG1  sing N N 238 
ILE CB  CG2  sing N N 239 
ILE CB  HB   sing N N 240 
ILE CG1 CD1  sing N N 241 
ILE CG1 HG12 sing N N 242 
ILE CG1 HG13 sing N N 243 
ILE CG2 HG21 sing N N 244 
ILE CG2 HG22 sing N N 245 
ILE CG2 HG23 sing N N 246 
ILE CD1 HD11 sing N N 247 
ILE CD1 HD12 sing N N 248 
ILE CD1 HD13 sing N N 249 
ILE OXT HXT  sing N N 250 
LEU N   CA   sing N N 251 
LEU N   H    sing N N 252 
LEU N   H2   sing N N 253 
LEU CA  C    sing N N 254 
LEU CA  CB   sing N N 255 
LEU CA  HA   sing N N 256 
LEU C   O    doub N N 257 
LEU C   OXT  sing N N 258 
LEU CB  CG   sing N N 259 
LEU CB  HB2  sing N N 260 
LEU CB  HB3  sing N N 261 
LEU CG  CD1  sing N N 262 
LEU CG  CD2  sing N N 263 
LEU CG  HG   sing N N 264 
LEU CD1 HD11 sing N N 265 
LEU CD1 HD12 sing N N 266 
LEU CD1 HD13 sing N N 267 
LEU CD2 HD21 sing N N 268 
LEU CD2 HD22 sing N N 269 
LEU CD2 HD23 sing N N 270 
LEU OXT HXT  sing N N 271 
LYS N   CA   sing N N 272 
LYS N   H    sing N N 273 
LYS N   H2   sing N N 274 
LYS CA  C    sing N N 275 
LYS CA  CB   sing N N 276 
LYS CA  HA   sing N N 277 
LYS C   O    doub N N 278 
LYS C   OXT  sing N N 279 
LYS CB  CG   sing N N 280 
LYS CB  HB2  sing N N 281 
LYS CB  HB3  sing N N 282 
LYS CG  CD   sing N N 283 
LYS CG  HG2  sing N N 284 
LYS CG  HG3  sing N N 285 
LYS CD  CE   sing N N 286 
LYS CD  HD2  sing N N 287 
LYS CD  HD3  sing N N 288 
LYS CE  NZ   sing N N 289 
LYS CE  HE2  sing N N 290 
LYS CE  HE3  sing N N 291 
LYS NZ  HZ1  sing N N 292 
LYS NZ  HZ2  sing N N 293 
LYS NZ  HZ3  sing N N 294 
LYS OXT HXT  sing N N 295 
MET N   CA   sing N N 296 
MET N   H    sing N N 297 
MET N   H2   sing N N 298 
MET CA  C    sing N N 299 
MET CA  CB   sing N N 300 
MET CA  HA   sing N N 301 
MET C   O    doub N N 302 
MET C   OXT  sing N N 303 
MET CB  CG   sing N N 304 
MET CB  HB2  sing N N 305 
MET CB  HB3  sing N N 306 
MET CG  SD   sing N N 307 
MET CG  HG2  sing N N 308 
MET CG  HG3  sing N N 309 
MET SD  CE   sing N N 310 
MET CE  HE1  sing N N 311 
MET CE  HE2  sing N N 312 
MET CE  HE3  sing N N 313 
MET OXT HXT  sing N N 314 
PHE N   CA   sing N N 315 
PHE N   H    sing N N 316 
PHE N   H2   sing N N 317 
PHE CA  C    sing N N 318 
PHE CA  CB   sing N N 319 
PHE CA  HA   sing N N 320 
PHE C   O    doub N N 321 
PHE C   OXT  sing N N 322 
PHE CB  CG   sing N N 323 
PHE CB  HB2  sing N N 324 
PHE CB  HB3  sing N N 325 
PHE CG  CD1  doub Y N 326 
PHE CG  CD2  sing Y N 327 
PHE CD1 CE1  sing Y N 328 
PHE CD1 HD1  sing N N 329 
PHE CD2 CE2  doub Y N 330 
PHE CD2 HD2  sing N N 331 
PHE CE1 CZ   doub Y N 332 
PHE CE1 HE1  sing N N 333 
PHE CE2 CZ   sing Y N 334 
PHE CE2 HE2  sing N N 335 
PHE CZ  HZ   sing N N 336 
PHE OXT HXT  sing N N 337 
PRO N   CA   sing N N 338 
PRO N   CD   sing N N 339 
PRO N   H    sing N N 340 
PRO CA  C    sing N N 341 
PRO CA  CB   sing N N 342 
PRO CA  HA   sing N N 343 
PRO C   O    doub N N 344 
PRO C   OXT  sing N N 345 
PRO CB  CG   sing N N 346 
PRO CB  HB2  sing N N 347 
PRO CB  HB3  sing N N 348 
PRO CG  CD   sing N N 349 
PRO CG  HG2  sing N N 350 
PRO CG  HG3  sing N N 351 
PRO CD  HD2  sing N N 352 
PRO CD  HD3  sing N N 353 
PRO OXT HXT  sing N N 354 
SER N   CA   sing N N 355 
SER N   H    sing N N 356 
SER N   H2   sing N N 357 
SER CA  C    sing N N 358 
SER CA  CB   sing N N 359 
SER CA  HA   sing N N 360 
SER C   O    doub N N 361 
SER C   OXT  sing N N 362 
SER CB  OG   sing N N 363 
SER CB  HB2  sing N N 364 
SER CB  HB3  sing N N 365 
SER OG  HG   sing N N 366 
SER OXT HXT  sing N N 367 
THR N   CA   sing N N 368 
THR N   H    sing N N 369 
THR N   H2   sing N N 370 
THR CA  C    sing N N 371 
THR CA  CB   sing N N 372 
THR CA  HA   sing N N 373 
THR C   O    doub N N 374 
THR C   OXT  sing N N 375 
THR CB  OG1  sing N N 376 
THR CB  CG2  sing N N 377 
THR CB  HB   sing N N 378 
THR OG1 HG1  sing N N 379 
THR CG2 HG21 sing N N 380 
THR CG2 HG22 sing N N 381 
THR CG2 HG23 sing N N 382 
THR OXT HXT  sing N N 383 
TYR N   CA   sing N N 384 
TYR N   H    sing N N 385 
TYR N   H2   sing N N 386 
TYR CA  C    sing N N 387 
TYR CA  CB   sing N N 388 
TYR CA  HA   sing N N 389 
TYR C   O    doub N N 390 
TYR C   OXT  sing N N 391 
TYR CB  CG   sing N N 392 
TYR CB  HB2  sing N N 393 
TYR CB  HB3  sing N N 394 
TYR CG  CD1  doub Y N 395 
TYR CG  CD2  sing Y N 396 
TYR CD1 CE1  sing Y N 397 
TYR CD1 HD1  sing N N 398 
TYR CD2 CE2  doub Y N 399 
TYR CD2 HD2  sing N N 400 
TYR CE1 CZ   doub Y N 401 
TYR CE1 HE1  sing N N 402 
TYR CE2 CZ   sing Y N 403 
TYR CE2 HE2  sing N N 404 
TYR CZ  OH   sing N N 405 
TYR OH  HH   sing N N 406 
TYR OXT HXT  sing N N 407 
VAL N   CA   sing N N 408 
VAL N   H    sing N N 409 
VAL N   H2   sing N N 410 
VAL CA  C    sing N N 411 
VAL CA  CB   sing N N 412 
VAL CA  HA   sing N N 413 
VAL C   O    doub N N 414 
VAL C   OXT  sing N N 415 
VAL CB  CG1  sing N N 416 
VAL CB  CG2  sing N N 417 
VAL CB  HB   sing N N 418 
VAL CG1 HG11 sing N N 419 
VAL CG1 HG12 sing N N 420 
VAL CG1 HG13 sing N N 421 
VAL CG2 HG21 sing N N 422 
VAL CG2 HG22 sing N N 423 
VAL CG2 HG23 sing N N 424 
VAL OXT HXT  sing N N 425 
# 
_pdbx_initial_refinement_model.id               1 
_pdbx_initial_refinement_model.entity_id_list   ? 
_pdbx_initial_refinement_model.type             'experimental model' 
_pdbx_initial_refinement_model.source_name      PDB 
_pdbx_initial_refinement_model.accession_code   4ZYC 
_pdbx_initial_refinement_model.details          ? 
# 
_atom_sites.entry_id                    4ZYI 
_atom_sites.fract_transf_matrix[1][1]   0.01832874 
_atom_sites.fract_transf_matrix[1][2]   -0.00574946 
_atom_sites.fract_transf_matrix[1][3]   0.00774724 
_atom_sites.fract_transf_matrix[2][1]   0.00922109 
_atom_sites.fract_transf_matrix[2][2]   -0.01721463 
_atom_sites.fract_transf_matrix[2][3]   -0.00690336 
_atom_sites.fract_transf_matrix[3][1]   0.00434004 
_atom_sites.fract_transf_matrix[3][2]   0.00496479 
_atom_sites.fract_transf_matrix[3][3]   -0.00658332 
_atom_sites.fract_transf_vector[1]      0.215326 
_atom_sites.fract_transf_vector[2]      0.355350 
_atom_sites.fract_transf_vector[3]      -0.029728 
# 
loop_
_atom_type.symbol 
C  
CL 
N  
O  
S  
# 
loop_
_atom_site.group_PDB 
_atom_site.id 
_atom_site.type_symbol 
_atom_site.label_atom_id 
_atom_site.label_alt_id 
_atom_site.label_comp_id 
_atom_site.label_asym_id 
_atom_site.label_entity_id 
_atom_site.label_seq_id 
_atom_site.pdbx_PDB_ins_code 
_atom_site.Cartn_x 
_atom_site.Cartn_y 
_atom_site.Cartn_z 
_atom_site.occupancy 
_atom_site.B_iso_or_equiv 
_atom_site.pdbx_formal_charge 
_atom_site.auth_seq_id 
_atom_site.auth_comp_id 
_atom_site.auth_asym_id 
_atom_site.auth_atom_id 
_atom_site.pdbx_PDB_model_num 
ATOM   1   N  N   . PRO A 1 5  ? -4.806  15.237  -6.088  1.00 42.65 ? 20  PRO A N   1 
ATOM   2   C  CA  . PRO A 1 5  ? -6.133  15.696  -5.707  1.00 42.53 ? 20  PRO A CA  1 
ATOM   3   C  C   . PRO A 1 5  ? -6.690  14.878  -4.557  1.00 42.56 ? 20  PRO A C   1 
ATOM   4   O  O   . PRO A 1 5  ? -6.529  13.654  -4.532  1.00 42.66 ? 20  PRO A O   1 
ATOM   5   C  CB  . PRO A 1 5  ? -6.958  15.450  -6.971  1.00 42.54 ? 20  PRO A CB  1 
ATOM   6   C  CG  . PRO A 1 5  ? -5.990  15.633  -8.067  1.00 42.74 ? 20  PRO A CG  1 
ATOM   7   C  CD  . PRO A 1 5  ? -4.670  15.118  -7.549  1.00 42.76 ? 20  PRO A CD  1 
ATOM   8   N  N   . ALA A 1 6  ? -7.349  15.554  -3.620  1.00 42.33 ? 21  ALA A N   1 
ATOM   9   C  CA  . ALA A 1 6  ? -7.907  14.903  -2.440  1.00 42.04 ? 21  ALA A CA  1 
ATOM   10  C  C   . ALA A 1 6  ? -9.057  13.975  -2.801  1.00 41.90 ? 21  ALA A C   1 
ATOM   11  O  O   . ALA A 1 6  ? -9.400  13.075  -2.026  1.00 42.25 ? 21  ALA A O   1 
ATOM   12  C  CB  . ALA A 1 6  ? -8.366  15.939  -1.427  1.00 42.25 ? 21  ALA A CB  1 
ATOM   13  N  N   . SER A 1 7  ? -9.645  14.203  -3.975  1.00 41.16 ? 22  SER A N   1 
ATOM   14  C  CA  . SER A 1 7  ? -10.772 13.407  -4.461  1.00 40.55 ? 22  SER A CA  1 
ATOM   15  C  C   . SER A 1 7  ? -10.410 11.935  -4.628  1.00 39.71 ? 22  SER A C   1 
ATOM   16  O  O   . SER A 1 7  ? -11.233 11.062  -4.331  1.00 39.48 ? 22  SER A O   1 
ATOM   17  C  CB  . SER A 1 7  ? -11.284 13.961  -5.791  1.00 40.55 ? 22  SER A CB  1 
ATOM   18  O  OG  . SER A 1 7  ? -10.238 14.031  -6.745  1.00 41.09 ? 22  SER A OG  1 
ATOM   19  N  N   . GLU A 1 8  ? -9.183  11.676  -5.095  1.00 38.87 ? 23  GLU A N   1 
ATOM   20  C  CA  . GLU A 1 8  ? -8.713  10.313  -5.387  1.00 37.83 ? 23  GLU A CA  1 
ATOM   21  C  C   . GLU A 1 8  ? -8.803  9.404   -4.164  1.00 37.06 ? 23  GLU A C   1 
ATOM   22  O  O   . GLU A 1 8  ? -8.947  8.187   -4.292  1.00 36.59 ? 23  GLU A O   1 
ATOM   23  C  CB  . GLU A 1 8  ? -7.281  10.317  -5.970  1.00 37.96 ? 23  GLU A CB  1 
ATOM   24  C  CG  . GLU A 1 8  ? -7.141  11.068  -7.322  1.00 37.93 ? 23  GLU A CG  1 
ATOM   25  C  CD  . GLU A 1 8  ? -5.939  10.653  -8.202  1.00 36.96 ? 23  GLU A CD  1 
ATOM   26  O  OE1 . GLU A 1 8  ? -5.300  9.606   -7.954  1.00 37.34 ? 23  GLU A OE1 1 
ATOM   27  O  OE2 . GLU A 1 8  ? -5.646  11.389  -9.172  1.00 35.52 ? 23  GLU A OE2 1 
ATOM   28  N  N   . GLN A 1 9  ? -8.750  10.006  -2.982  1.00 36.35 ? 24  GLN A N   1 
ATOM   29  C  CA  . GLN A 1 9  ? -8.819  9.260   -1.724  1.00 36.07 ? 24  GLN A CA  1 
ATOM   30  C  C   . GLN A 1 9  ? -10.224 8.710   -1.412  1.00 35.46 ? 24  GLN A C   1 
ATOM   31  O  O   . GLN A 1 9  ? -10.391 7.841   -0.553  1.00 35.51 ? 24  GLN A O   1 
ATOM   32  C  CB  . GLN A 1 9  ? -8.262  10.118  -0.584  1.00 36.55 ? 24  GLN A CB  1 
ATOM   33  C  CG  . GLN A 1 9  ? -6.947  10.808  -0.979  1.00 38.11 ? 24  GLN A CG  1 
ATOM   34  C  CD  . GLN A 1 9  ? -5.987  11.017  0.178   1.00 40.64 ? 24  GLN A CD  1 
ATOM   35  O  OE1 . GLN A 1 9  ? -6.345  11.596  1.207   1.00 42.10 ? 24  GLN A OE1 1 
ATOM   36  N  NE2 . GLN A 1 9  ? -4.744  10.563  0.001   1.00 40.58 ? 24  GLN A NE2 1 
ATOM   37  N  N   . GLU A 1 10 ? -11.228 9.208   -2.131  1.00 34.66 ? 25  GLU A N   1 
ATOM   38  C  CA  . GLU A 1 10 ? -12.611 8.752   -1.948  1.00 33.94 ? 25  GLU A CA  1 
ATOM   39  C  C   . GLU A 1 10 ? -12.967 7.556   -2.835  1.00 32.33 ? 25  GLU A C   1 
ATOM   40  O  O   . GLU A 1 10 ? -14.009 6.923   -2.645  1.00 32.71 ? 25  GLU A O   1 
ATOM   41  C  CB  . GLU A 1 10 ? -13.597 9.905   -2.200  1.00 34.61 ? 25  GLU A CB  1 
ATOM   42  C  CG  . GLU A 1 10 ? -13.177 11.225  -1.561  1.00 37.67 ? 25  GLU A CG  1 
ATOM   43  C  CD  . GLU A 1 10 ? -14.332 11.981  -0.937  1.00 41.35 ? 25  GLU A CD  1 
ATOM   44  O  OE1 . GLU A 1 10 ? -14.296 12.184  0.300   1.00 42.84 ? 25  GLU A OE1 1 
ATOM   45  O  OE2 . GLU A 1 10 ? -15.268 12.367  -1.675  1.00 42.69 ? 25  GLU A OE2 1 
ATOM   46  N  N   . THR A 1 11 ? -12.102 7.259   -3.802  1.00 30.66 ? 26  THR A N   1 
ATOM   47  C  CA  . THR A 1 11 ? -12.324 6.184   -4.771  1.00 28.79 ? 26  THR A CA  1 
ATOM   48  C  C   . THR A 1 11 ? -12.592 4.868   -4.052  1.00 28.11 ? 26  THR A C   1 
ATOM   49  O  O   . THR A 1 11 ? -11.838 4.476   -3.155  1.00 27.60 ? 26  THR A O   1 
ATOM   50  C  CB  . THR A 1 11 ? -11.104 6.022   -5.701  1.00 28.55 ? 26  THR A CB  1 
ATOM   51  O  OG1 . THR A 1 11 ? -10.787 7.292   -6.297  1.00 29.04 ? 26  THR A OG1 1 
ATOM   52  C  CG2 . THR A 1 11 ? -11.368 4.994   -6.793  1.00 27.94 ? 26  THR A CG2 1 
ATOM   53  N  N   . LEU A 1 12 ? -13.676 4.205   -4.454  1.00 27.22 ? 27  LEU A N   1 
ATOM   54  C  CA  . LEU A 1 12 ? -14.064 2.901   -3.932  1.00 26.68 ? 27  LEU A CA  1 
ATOM   55  C  C   . LEU A 1 12 ? -13.375 1.789   -4.709  1.00 25.38 ? 27  LEU A C   1 
ATOM   56  O  O   . LEU A 1 12 ? -13.385 1.781   -5.944  1.00 25.82 ? 27  LEU A O   1 
ATOM   57  C  CB  . LEU A 1 12 ? -15.581 2.741   -4.008  1.00 27.06 ? 27  LEU A CB  1 
ATOM   58  C  CG  . LEU A 1 12 ? -16.377 3.737   -3.159  1.00 29.40 ? 27  LEU A CG  1 
ATOM   59  C  CD1 . LEU A 1 12 ? -17.873 3.706   -3.528  1.00 30.83 ? 27  LEU A CD1 1 
ATOM   60  C  CD2 . LEU A 1 12 ? -16.158 3.491   -1.672  1.00 31.09 ? 27  LEU A CD2 1 
ATOM   61  N  N   . VAL A 1 13 ? -12.770 0.853   -3.977  1.00 23.91 ? 28  VAL A N   1 
ATOM   62  C  CA  . VAL A 1 13 ? -11.886 -0.140  -4.572  1.00 22.92 ? 28  VAL A CA  1 
ATOM   63  C  C   . VAL A 1 13 ? -12.107 -1.541  -3.989  1.00 22.97 ? 28  VAL A C   1 
ATOM   64  O  O   . VAL A 1 13 ? -12.496 -1.703  -2.821  1.00 22.66 ? 28  VAL A O   1 
ATOM   65  C  CB  . VAL A 1 13 ? -10.377 0.269   -4.452  1.00 22.84 ? 28  VAL A CB  1 
ATOM   66  C  CG1 . VAL A 1 13 ? -10.110 1.609   -5.131  1.00 21.71 ? 28  VAL A CG1 1 
ATOM   67  C  CG2 . VAL A 1 13 ? -9.933  0.352   -2.998  1.00 22.68 ? 28  VAL A CG2 1 
ATOM   68  N  N   . ARG A 1 14 ? -11.865 -2.539  -4.828  1.00 22.74 ? 29  ARG A N   1 
ATOM   69  C  CA  . ARG A 1 14 ? -11.935 -3.933  -4.446  1.00 23.43 ? 29  ARG A CA  1 
ATOM   70  C  C   . ARG A 1 14 ? -10.536 -4.538  -4.670  1.00 22.63 ? 29  ARG A C   1 
ATOM   71  O  O   . ARG A 1 14 ? -10.095 -4.686  -5.806  1.00 22.22 ? 29  ARG A O   1 
ATOM   72  C  CB  . ARG A 1 14 ? -13.011 -4.636  -5.286  1.00 24.21 ? 29  ARG A CB  1 
ATOM   73  C  CG  . ARG A 1 14 ? -13.320 -6.051  -4.874  1.00 29.05 ? 29  ARG A CG  1 
ATOM   74  C  CD  . ARG A 1 14 ? -14.468 -6.631  -5.674  1.00 35.82 ? 29  ARG A CD  1 
ATOM   75  N  NE  . ARG A 1 14 ? -15.753 -6.069  -5.259  1.00 40.86 ? 29  ARG A NE  1 
ATOM   76  C  CZ  . ARG A 1 14 ? -16.942 -6.550  -5.620  1.00 43.35 ? 29  ARG A CZ  1 
ATOM   77  N  NH1 . ARG A 1 14 ? -17.032 -7.617  -6.411  1.00 45.65 ? 29  ARG A NH1 1 
ATOM   78  N  NH2 . ARG A 1 14 ? -18.050 -5.965  -5.179  1.00 44.72 ? 29  ARG A NH2 1 
ATOM   79  N  N   . PRO A 1 15 ? -9.826  -4.871  -3.574  1.00 22.08 ? 30  PRO A N   1 
ATOM   80  C  CA  . PRO A 1 15 ? -8.453  -5.349  -3.692  1.00 21.49 ? 30  PRO A CA  1 
ATOM   81  C  C   . PRO A 1 15 ? -8.356  -6.704  -4.356  1.00 20.94 ? 30  PRO A C   1 
ATOM   82  O  O   . PRO A 1 15 ? -9.209  -7.574  -4.123  1.00 20.89 ? 30  PRO A O   1 
ATOM   83  C  CB  . PRO A 1 15 ? -7.994  -5.454  -2.228  1.00 21.77 ? 30  PRO A CB  1 
ATOM   84  C  CG  . PRO A 1 15 ? -8.879  -4.482  -1.505  1.00 23.33 ? 30  PRO A CG  1 
ATOM   85  C  CD  . PRO A 1 15 ? -10.211 -4.690  -2.166  1.00 22.60 ? 30  PRO A CD  1 
ATOM   86  N  N   . LYS A 1 16 ? -7.315  -6.879  -5.168  1.00 20.17 ? 31  LYS A N   1 
ATOM   87  C  CA  . LYS A 1 16 ? -6.985  -8.173  -5.759  1.00 20.66 ? 31  LYS A CA  1 
ATOM   88  C  C   . LYS A 1 16 ? -6.461  -9.085  -4.651  1.00 20.94 ? 31  LYS A C   1 
ATOM   89  O  O   . LYS A 1 16 ? -6.197  -8.605  -3.549  1.00 20.71 ? 31  LYS A O   1 
ATOM   90  C  CB  . LYS A 1 16 ? -5.968  -8.013  -6.888  1.00 20.65 ? 31  LYS A CB  1 
ATOM   91  C  CG  . LYS A 1 16 ? -6.532  -7.283  -8.108  1.00 21.00 ? 31  LYS A CG  1 
ATOM   92  C  CD  . LYS A 1 16 ? -5.493  -7.048  -9.168  1.00 22.13 ? 31  LYS A CD  1 
ATOM   93  C  CE  . LYS A 1 16 ? -6.059  -6.135  -10.246 1.00 23.61 ? 31  LYS A CE  1 
ATOM   94  N  NZ  . LYS A 1 16 ? -5.056  -5.751  -11.277 1.00 26.11 ? 31  LYS A NZ  1 
ATOM   95  N  N   . PRO A 1 17 ? -6.341  -10.402 -4.924  1.00 21.65 ? 32  PRO A N   1 
ATOM   96  C  CA  . PRO A 1 17 ? -6.068  -11.326 -3.816  1.00 21.79 ? 32  PRO A CA  1 
ATOM   97  C  C   . PRO A 1 17 ? -4.821  -11.059 -2.959  1.00 22.07 ? 32  PRO A C   1 
ATOM   98  O  O   . PRO A 1 17 ? -4.912  -11.187 -1.724  1.00 22.10 ? 32  PRO A O   1 
ATOM   99  C  CB  . PRO A 1 17 ? -6.014  -12.683 -4.515  1.00 22.19 ? 32  PRO A CB  1 
ATOM   100 C  CG  . PRO A 1 17 ? -7.035  -12.538 -5.587  1.00 22.46 ? 32  PRO A CG  1 
ATOM   101 C  CD  . PRO A 1 17 ? -6.847  -11.131 -6.105  1.00 21.63 ? 32  PRO A CD  1 
ATOM   102 N  N   . LEU A 1 18 ? -3.689  -10.696 -3.566  1.00 21.69 ? 33  LEU A N   1 
ATOM   103 C  CA  . LEU A 1 18 ? -2.464  -10.458 -2.773  1.00 22.20 ? 33  LEU A CA  1 
ATOM   104 C  C   . LEU A 1 18 ? -2.585  -9.228  -1.875  1.00 21.17 ? 33  LEU A C   1 
ATOM   105 O  O   . LEU A 1 18 ? -2.206  -9.261  -0.700  1.00 20.52 ? 33  LEU A O   1 
ATOM   106 C  CB  . LEU A 1 18 ? -1.206  -10.363 -3.648  1.00 22.97 ? 33  LEU A CB  1 
ATOM   107 C  CG  . LEU A 1 18 ? -0.715  -11.609 -4.402  1.00 26.65 ? 33  LEU A CG  1 
ATOM   108 C  CD1 . LEU A 1 18 ? 0.650   -11.324 -5.021  1.00 29.88 ? 33  LEU A CD1 1 
ATOM   109 C  CD2 . LEU A 1 18 ? -0.658  -12.880 -3.530  1.00 28.69 ? 33  LEU A CD2 1 
ATOM   110 N  N   . LEU A 1 19 ? -3.134  -8.141  -2.414  1.00 19.64 ? 34  LEU A N   1 
ATOM   111 C  CA  . LEU A 1 19 ? -3.373  -6.971  -1.603  1.00 18.94 ? 34  LEU A CA  1 
ATOM   112 C  C   . LEU A 1 19 ? -4.384  -7.277  -0.499  1.00 19.38 ? 34  LEU A C   1 
ATOM   113 O  O   . LEU A 1 19 ? -4.205  -6.836  0.631   1.00 19.07 ? 34  LEU A O   1 
ATOM   114 C  CB  . LEU A 1 19 ? -3.846  -5.789  -2.454  1.00 18.86 ? 34  LEU A CB  1 
ATOM   115 C  CG  . LEU A 1 19 ? -4.197  -4.534  -1.645  1.00 18.23 ? 34  LEU A CG  1 
ATOM   116 C  CD1 . LEU A 1 19 ? -2.977  -4.016  -0.887  1.00 18.87 ? 34  LEU A CD1 1 
ATOM   117 C  CD2 . LEU A 1 19 ? -4.734  -3.467  -2.563  1.00 18.36 ? 34  LEU A CD2 1 
ATOM   118 N  N   . LEU A 1 20 ? -5.428  -8.041  -0.825  1.00 19.45 ? 35  LEU A N   1 
ATOM   119 C  CA  . LEU A 1 20 ? -6.426  -8.410  0.179   1.00 20.77 ? 35  LEU A CA  1 
ATOM   120 C  C   . LEU A 1 20 ? -5.773  -9.177  1.331   1.00 20.60 ? 35  LEU A C   1 
ATOM   121 O  O   . LEU A 1 20 ? -6.050  -8.900  2.497   1.00 20.31 ? 35  LEU A O   1 
ATOM   122 C  CB  . LEU A 1 20 ? -7.558  -9.216  -0.466  1.00 21.68 ? 35  LEU A CB  1 
ATOM   123 C  CG  . LEU A 1 20 ? -8.804  -9.510  0.362   1.00 24.08 ? 35  LEU A CG  1 
ATOM   124 C  CD1 . LEU A 1 20 ? -9.394  -8.243  0.987   1.00 27.28 ? 35  LEU A CD1 1 
ATOM   125 C  CD2 . LEU A 1 20 ? -9.820  -10.182 -0.548  1.00 26.71 ? 35  LEU A CD2 1 
ATOM   126 N  N   . LYS A 1 21 ? -4.872  -10.088 0.989   1.00 20.82 ? 36  LYS A N   1 
ATOM   127 C  CA  . LYS A 1 21 ? -4.104  -10.854 1.985   1.00 21.97 ? 36  LYS A CA  1 
ATOM   128 C  C   . LYS A 1 21 ? -3.322  -9.916  2.905   1.00 22.01 ? 36  LYS A C   1 
ATOM   129 O  O   . LYS A 1 21 ? -3.355  -10.039 4.136   1.00 22.35 ? 36  LYS A O   1 
ATOM   130 C  CB  . LYS A 1 21 ? -3.167  -11.823 1.263   1.00 22.18 ? 36  LYS A CB  1 
ATOM   131 C  CG  . LYS A 1 21 ? -2.166  -12.542 2.147   1.00 24.19 ? 36  LYS A CG  1 
ATOM   132 C  CD  . LYS A 1 21 ? -1.320  -13.465 1.288   1.00 26.70 ? 36  LYS A CD  1 
ATOM   133 C  CE  . LYS A 1 21 ? -0.247  -14.157 2.111   1.00 28.40 ? 36  LYS A CE  1 
ATOM   134 N  NZ  . LYS A 1 21 ? -0.832  -15.167 3.042   1.00 30.22 ? 36  LYS A NZ  1 
ATOM   135 N  N   . LEU A 1 22 ? -2.623  -8.961  2.308   1.00 21.84 ? 37  LEU A N   1 
ATOM   136 C  CA  . LEU A 1 22 ? -1.867  -7.989  3.082   1.00 21.93 ? 37  LEU A CA  1 
ATOM   137 C  C   . LEU A 1 22 ? -2.772  -7.135  3.991   1.00 21.80 ? 37  LEU A C   1 
ATOM   138 O  O   . LEU A 1 22 ? -2.472  -6.937  5.176   1.00 21.51 ? 37  LEU A O   1 
ATOM   139 C  CB  . LEU A 1 22 ? -1.036  -7.117  2.139   1.00 22.89 ? 37  LEU A CB  1 
ATOM   140 C  CG  . LEU A 1 22 ? 0.164   -6.401  2.735   1.00 25.40 ? 37  LEU A CG  1 
ATOM   141 C  CD1 . LEU A 1 22 ? 1.245   -6.196  1.669   1.00 25.86 ? 37  LEU A CD1 1 
ATOM   142 C  CD2 . LEU A 1 22 ? -0.289  -5.082  3.322   1.00 27.61 ? 37  LEU A CD2 1 
ATOM   143 N  N   . LEU A 1 23 ? -3.886  -6.652  3.443   1.00 20.93 ? 38  LEU A N   1 
ATOM   144 C  CA  . LEU A 1 23 ? -4.820  -5.825  4.202   1.00 21.35 ? 38  LEU A CA  1 
ATOM   145 C  C   . LEU A 1 23 ? -5.403  -6.559  5.406   1.00 22.18 ? 38  LEU A C   1 
ATOM   146 O  O   . LEU A 1 23 ? -5.593  -5.949  6.466   1.00 22.51 ? 38  LEU A O   1 
ATOM   147 C  CB  . LEU A 1 23 ? -5.948  -5.293  3.296   1.00 21.25 ? 38  LEU A CB  1 
ATOM   148 C  CG  . LEU A 1 23 ? -5.516  -4.254  2.255   1.00 20.76 ? 38  LEU A CG  1 
ATOM   149 C  CD1 . LEU A 1 23 ? -6.665  -3.978  1.303   1.00 19.65 ? 38  LEU A CD1 1 
ATOM   150 C  CD2 . LEU A 1 23 ? -5.070  -2.961  2.915   1.00 21.82 ? 38  LEU A CD2 1 
ATOM   151 N  N   . LYS A 1 24 ? -5.675  -7.850  5.234   1.00 23.84 ? 39  LYS A N   1 
ATOM   152 C  CA  . LYS A 1 24 ? -6.237  -8.664  6.316   1.00 25.30 ? 39  LYS A CA  1 
ATOM   153 C  C   . LYS A 1 24 ? -5.263  -8.877  7.480   1.00 25.63 ? 39  LYS A C   1 
ATOM   154 O  O   . LYS A 1 24 ? -5.684  -9.225  8.582   1.00 25.58 ? 39  LYS A O   1 
ATOM   155 C  CB  . LYS A 1 24 ? -6.823  -9.977  5.782   1.00 25.74 ? 39  LYS A CB  1 
ATOM   156 C  CG  . LYS A 1 24 ? -8.161  -9.771  5.056   1.00 28.88 ? 39  LYS A CG  1 
ATOM   157 C  CD  . LYS A 1 24 ? -8.870  -11.076 4.730   1.00 32.60 ? 39  LYS A CD  1 
ATOM   158 C  CE  . LYS A 1 24 ? -10.197 -10.794 4.025   1.00 34.81 ? 39  LYS A CE  1 
ATOM   159 N  NZ  . LYS A 1 24 ? -11.172 -11.921 4.129   1.00 36.59 ? 39  LYS A NZ  1 
ATOM   160 N  N   . SER A 1 25 ? -3.971  -8.628  7.255   1.00 25.83 ? 40  SER A N   1 
ATOM   161 C  CA  . SER A 1 25 ? -2.982  -8.770  8.328   1.00 26.57 ? 40  SER A CA  1 
ATOM   162 C  C   . SER A 1 25 ? -2.881  -7.525  9.226   1.00 26.82 ? 40  SER A C   1 
ATOM   163 O  O   . SER A 1 25 ? -2.181  -7.545  10.249  1.00 27.06 ? 40  SER A O   1 
ATOM   164 C  CB  . SER A 1 25 ? -1.603  -9.178  7.774   1.00 27.04 ? 40  SER A CB  1 
ATOM   165 O  OG  . SER A 1 25 ? -0.939  -8.069  7.184   1.00 27.41 ? 40  SER A OG  1 
ATOM   166 N  N   . VAL A 1 26 ? -3.565  -6.442  8.843   1.00 26.46 ? 41  VAL A N   1 
ATOM   167 C  CA  . VAL A 1 26 ? -3.569  -5.189  9.614   1.00 27.16 ? 41  VAL A CA  1 
ATOM   168 C  C   . VAL A 1 26 ? -4.958  -4.656  9.993   1.00 27.67 ? 41  VAL A C   1 
ATOM   169 O  O   . VAL A 1 26 ? -5.068  -3.799  10.861  1.00 28.24 ? 41  VAL A O   1 
ATOM   170 C  CB  . VAL A 1 26 ? -2.747  -4.041  8.935   1.00 27.48 ? 41  VAL A CB  1 
ATOM   171 C  CG1 . VAL A 1 26 ? -1.268  -4.365  8.975   1.00 28.29 ? 41  VAL A CG1 1 
ATOM   172 C  CG2 . VAL A 1 26 ? -3.202  -3.785  7.510   1.00 26.00 ? 41  VAL A CG2 1 
ATOM   173 N  N   . GLY A 1 27 ? -6.001  -5.153  9.337   1.00 28.34 ? 42  GLY A N   1 
ATOM   174 C  CA  . GLY A 1 27 ? -7.362  -4.660  9.569   1.00 28.72 ? 42  GLY A CA  1 
ATOM   175 C  C   . GLY A 1 27 ? -8.390  -5.745  9.345   1.00 29.18 ? 42  GLY A C   1 
ATOM   176 O  O   . GLY A 1 27 ? -8.309  -6.461  8.351   1.00 29.48 ? 42  GLY A O   1 
ATOM   177 N  N   . GLN A 1 29 ? -11.114 -6.561  7.089   1.00 42.00 ? 44  GLN A N   1 
ATOM   178 C  CA  . GLN A 1 29 ? -11.945 -7.721  6.753   1.00 42.00 ? 44  GLN A CA  1 
ATOM   179 C  C   . GLN A 1 29 ? -13.188 -7.366  5.908   1.00 41.18 ? 44  GLN A C   1 
ATOM   180 O  O   . GLN A 1 29 ? -14.295 -7.834  6.190   1.00 40.95 ? 44  GLN A O   1 
ATOM   181 C  CB  . GLN A 1 29 ? -12.360 -8.447  8.040   1.00 42.51 ? 44  GLN A CB  1 
ATOM   182 C  CG  . GLN A 1 29 ? -11.396 -9.550  8.493   1.00 44.75 ? 44  GLN A CG  1 
ATOM   183 C  CD  . GLN A 1 29 ? -11.926 -10.365 9.673   1.00 47.13 ? 44  GLN A CD  1 
ATOM   184 O  OE1 . GLN A 1 29 ? -12.046 -9.860  10.794  1.00 48.37 ? 44  GLN A OE1 1 
ATOM   185 N  NE2 . GLN A 1 29 ? -12.231 -11.636 9.425   1.00 47.54 ? 44  GLN A NE2 1 
ATOM   186 N  N   . LYS A 1 30 ? -12.992 -6.556  4.864   1.00 40.32 ? 45  LYS A N   1 
ATOM   187 C  CA  . LYS A 1 30 ? -14.084 -6.062  4.019   1.00 39.63 ? 45  LYS A CA  1 
ATOM   188 C  C   . LYS A 1 30 ? -13.920 -6.451  2.549   1.00 39.15 ? 45  LYS A C   1 
ATOM   189 O  O   . LYS A 1 30 ? -12.838 -6.842  2.112   1.00 39.10 ? 45  LYS A O   1 
ATOM   190 C  CB  . LYS A 1 30 ? -14.196 -4.536  4.120   1.00 39.57 ? 45  LYS A CB  1 
ATOM   191 C  CG  . LYS A 1 30 ? -14.775 -4.029  5.422   1.00 40.29 ? 45  LYS A CG  1 
ATOM   192 C  CD  . LYS A 1 30 ? -15.257 -2.590  5.306   1.00 40.69 ? 45  LYS A CD  1 
ATOM   193 C  CE  . LYS A 1 30 ? -14.117 -1.591  5.200   1.00 40.67 ? 45  LYS A CE  1 
ATOM   194 N  NZ  . LYS A 1 30 ? -14.659 -0.210  5.101   1.00 39.84 ? 45  LYS A NZ  1 
ATOM   195 N  N   . ASP A 1 31 ? -15.011 -6.343  1.795   1.00 38.64 ? 46  ASP A N   1 
ATOM   196 C  CA  . ASP A 1 31 ? -14.976 -6.535  0.350   1.00 37.86 ? 46  ASP A CA  1 
ATOM   197 C  C   . ASP A 1 31 ? -14.593 -5.238  -0.368  1.00 36.48 ? 46  ASP A C   1 
ATOM   198 O  O   . ASP A 1 31 ? -13.823 -5.266  -1.330  1.00 36.72 ? 46  ASP A O   1 
ATOM   199 C  CB  . ASP A 1 31 ? -16.330 -7.043  -0.147  1.00 38.65 ? 46  ASP A CB  1 
ATOM   200 C  CG  . ASP A 1 31 ? -17.504 -6.320  0.500   1.00 40.39 ? 46  ASP A CG  1 
ATOM   201 O  OD1 . ASP A 1 31 ? -17.306 -5.206  1.041   1.00 42.79 ? 46  ASP A OD1 1 
ATOM   202 O  OD2 . ASP A 1 31 ? -18.634 -6.867  0.466   1.00 43.13 ? 46  ASP A OD2 1 
ATOM   203 N  N   . THR A 1 32 ? -15.122 -4.114  0.113   1.00 34.81 ? 47  THR A N   1 
ATOM   204 C  CA  . THR A 1 32 ? -14.911 -2.808  -0.512  1.00 33.31 ? 47  THR A CA  1 
ATOM   205 C  C   . THR A 1 32 ? -14.286 -1.817  0.459   1.00 31.91 ? 47  THR A C   1 
ATOM   206 O  O   . THR A 1 32 ? -14.718 -1.694  1.606   1.00 31.40 ? 47  THR A O   1 
ATOM   207 C  CB  . THR A 1 32 ? -16.233 -2.235  -1.078  1.00 33.43 ? 47  THR A CB  1 
ATOM   208 O  OG1 . THR A 1 32 ? -16.681 -3.082  -2.135  1.00 34.30 ? 47  THR A OG1 1 
ATOM   209 C  CG2 . THR A 1 32 ? -16.050 -0.815  -1.632  1.00 33.77 ? 47  THR A CG2 1 
ATOM   210 N  N   . TYR A 1 33 ? -13.275 -1.108  -0.028  1.00 29.97 ? 48  TYR A N   1 
ATOM   211 C  CA  . TYR A 1 33 ? -12.594 -0.075  0.742   1.00 28.27 ? 48  TYR A CA  1 
ATOM   212 C  C   . TYR A 1 33 ? -12.581 1.250   -0.005  1.00 27.68 ? 48  TYR A C   1 
ATOM   213 O  O   . TYR A 1 33 ? -12.773 1.280   -1.221  1.00 26.75 ? 48  TYR A O   1 
ATOM   214 C  CB  . TYR A 1 33 ? -11.147 -0.497  1.007   1.00 28.18 ? 48  TYR A CB  1 
ATOM   215 C  CG  . TYR A 1 33 ? -10.994 -1.809  1.729   1.00 26.52 ? 48  TYR A CG  1 
ATOM   216 C  CD1 . TYR A 1 33 ? -10.966 -3.019  1.032   1.00 25.68 ? 48  TYR A CD1 1 
ATOM   217 C  CD2 . TYR A 1 33 ? -10.857 -1.846  3.117   1.00 28.03 ? 48  TYR A CD2 1 
ATOM   218 C  CE1 . TYR A 1 33 ? -10.816 -4.221  1.694   1.00 25.79 ? 48  TYR A CE1 1 
ATOM   219 C  CE2 . TYR A 1 33 ? -10.711 -3.043  3.784   1.00 27.64 ? 48  TYR A CE2 1 
ATOM   220 C  CZ  . TYR A 1 33 ? -10.681 -4.226  3.073   1.00 27.13 ? 48  TYR A CZ  1 
ATOM   221 O  OH  . TYR A 1 33 ? -10.526 -5.408  3.750   1.00 27.05 ? 48  TYR A OH  1 
ATOM   222 N  N   . THR A 1 34 ? -12.363 2.342   0.729   1.00 26.52 ? 49  THR A N   1 
ATOM   223 C  CA  . THR A 1 34 ? -11.926 3.591   0.114   1.00 26.00 ? 49  THR A CA  1 
ATOM   224 C  C   . THR A 1 34 ? -10.403 3.544   -0.072  1.00 25.41 ? 49  THR A C   1 
ATOM   225 O  O   . THR A 1 34 ? -9.698  2.811   0.635   1.00 24.72 ? 49  THR A O   1 
ATOM   226 C  CB  . THR A 1 34 ? -12.290 4.831   0.955   1.00 26.09 ? 49  THR A CB  1 
ATOM   227 O  OG1 . THR A 1 34 ? -11.646 4.747   2.232   1.00 27.24 ? 49  THR A OG1 1 
ATOM   228 C  CG2 . THR A 1 34 ? -13.808 4.958   1.156   1.00 26.73 ? 49  THR A CG2 1 
ATOM   229 N  N   . MET A 1 35 ? -9.901  4.333   -1.018  1.00 25.25 ? 50  MET A N   1 
ATOM   230 C  CA  . MET A 1 35 ? -8.461  4.528   -1.177  1.00 25.10 ? 50  MET A CA  1 
ATOM   231 C  C   . MET A 1 35 ? -7.835  5.052   0.116   1.00 25.06 ? 50  MET A C   1 
ATOM   232 O  O   . MET A 1 35 ? -6.743  4.630   0.504   1.00 24.08 ? 50  MET A O   1 
ATOM   233 C  CB  . MET A 1 35 ? -8.183  5.462   -2.360  1.00 25.86 ? 50  MET A CB  1 
ATOM   234 C  CG  . MET A 1 35 ? -6.726  5.626   -2.769  1.00 26.55 ? 50  MET A CG  1 
ATOM   235 S  SD  . MET A 1 35 ? -5.834  4.144   -3.330  1.00 31.26 ? 50  MET A SD  1 
ATOM   236 C  CE  . MET A 1 35 ? -7.124  3.029   -3.757  1.00 26.55 ? 50  MET A CE  1 
ATOM   237 N  N   . LYS A 1 36 ? -8.546  5.952   0.795   1.00 24.89 ? 51  LYS A N   1 
ATOM   238 C  CA  . LYS A 1 36 ? -8.139  6.413   2.121   1.00 25.80 ? 51  LYS A CA  1 
ATOM   239 C  C   . LYS A 1 36 ? -7.818  5.239   3.048   1.00 25.15 ? 51  LYS A C   1 
ATOM   240 O  O   . LYS A 1 36 ? -6.741  5.225   3.661   1.00 25.41 ? 51  LYS A O   1 
ATOM   241 C  CB  . LYS A 1 36 ? -9.212  7.307   2.746   1.00 26.37 ? 51  LYS A CB  1 
ATOM   242 C  CG  . LYS A 1 36 ? -8.828  7.864   4.116   1.00 29.75 ? 51  LYS A CG  1 
ATOM   243 C  CD  . LYS A 1 36 ? -10.043 8.460   4.821   1.00 34.25 ? 51  LYS A CD  1 
ATOM   244 C  CE  . LYS A 1 36 ? -9.651  9.390   5.968   1.00 36.52 ? 51  LYS A CE  1 
ATOM   245 N  NZ  . LYS A 1 36 ? -9.311  8.669   7.236   1.00 39.00 ? 51  LYS A NZ  1 
ATOM   246 N  N   . GLU A 1 37 ? -8.722  4.259   3.131   1.00 24.06 ? 52  GLU A N   1 
ATOM   247 C  CA  . GLU A 1 37 ? -8.528  3.080   3.998   1.00 23.99 ? 52  GLU A CA  1 
ATOM   248 C  C   . GLU A 1 37 ? -7.329  2.245   3.565   1.00 22.47 ? 52  GLU A C   1 
ATOM   249 O  O   . GLU A 1 37 ? -6.513  1.820   4.398   1.00 22.02 ? 52  GLU A O   1 
ATOM   250 C  CB  . GLU A 1 37 ? -9.767  2.177   4.029   1.00 24.05 ? 52  GLU A CB  1 
ATOM   251 C  CG  . GLU A 1 37 ? -10.911 2.674   4.878   1.00 28.09 ? 52  GLU A CG  1 
ATOM   252 C  CD  . GLU A 1 37 ? -12.133 1.798   4.748   1.00 31.18 ? 52  GLU A CD  1 
ATOM   253 O  OE1 . GLU A 1 37 ? -12.643 1.627   3.623   1.00 32.40 ? 52  GLU A OE1 1 
ATOM   254 O  OE2 . GLU A 1 37 ? -12.588 1.263   5.776   1.00 34.97 ? 52  GLU A OE2 1 
ATOM   255 N  N   . VAL A 1 38 ? -7.222  2.003   2.261   1.00 21.04 ? 53  VAL A N   1 
ATOM   256 C  CA  . VAL A 1 38 ? -6.097  1.223   1.742   1.00 19.90 ? 53  VAL A CA  1 
ATOM   257 C  C   . VAL A 1 38 ? -4.751  1.868   2.090   1.00 19.96 ? 53  VAL A C   1 
ATOM   258 O  O   . VAL A 1 38 ? -3.824  1.181   2.528   1.00 19.02 ? 53  VAL A O   1 
ATOM   259 C  CB  . VAL A 1 38 ? -6.225  0.981   0.226   1.00 19.64 ? 53  VAL A CB  1 
ATOM   260 C  CG1 . VAL A 1 38 ? -4.998  0.270   -0.317  1.00 19.64 ? 53  VAL A CG1 1 
ATOM   261 C  CG2 . VAL A 1 38 ? -7.480  0.171   -0.050  1.00 19.10 ? 53  VAL A CG2 1 
ATOM   262 N  N   . LEU A 1 39 ? -4.647  3.181   1.894   1.00 19.69 ? 54  LEU A N   1 
ATOM   263 C  CA  . LEU A 1 39 ? -3.423  3.921   2.216   1.00 20.57 ? 54  LEU A CA  1 
ATOM   264 C  C   . LEU A 1 39 ? -3.082  3.828   3.708   1.00 20.54 ? 54  LEU A C   1 
ATOM   265 O  O   . LEU A 1 39 ? -1.936  3.581   4.083   1.00 20.80 ? 54  LEU A O   1 
ATOM   266 C  CB  . LEU A 1 39 ? -3.573  5.383   1.795   1.00 20.59 ? 54  LEU A CB  1 
ATOM   267 C  CG  . LEU A 1 39 ? -3.516  5.662   0.295   1.00 20.34 ? 54  LEU A CG  1 
ATOM   268 C  CD1 . LEU A 1 39 ? -4.034  7.074   0.009   1.00 20.48 ? 54  LEU A CD1 1 
ATOM   269 C  CD2 . LEU A 1 39 ? -2.093  5.498   -0.225  1.00 21.22 ? 54  LEU A CD2 1 
ATOM   270 N  N   . PHE A 1 40 ? -4.071  4.022   4.566   1.00 21.48 ? 55  PHE A N   1 
ATOM   271 C  CA  . PHE A 1 40 ? -3.817  3.903   6.002   1.00 21.96 ? 55  PHE A CA  1 
ATOM   272 C  C   . PHE A 1 40 ? -3.426  2.484   6.448   1.00 21.03 ? 55  PHE A C   1 
ATOM   273 O  O   . PHE A 1 40 ? -2.486  2.337   7.241   1.00 20.58 ? 55  PHE A O   1 
ATOM   274 C  CB  . PHE A 1 40 ? -4.957  4.493   6.809   1.00 22.68 ? 55  PHE A CB  1 
ATOM   275 C  CG  . PHE A 1 40 ? -4.880  5.990   6.925   1.00 26.47 ? 55  PHE A CG  1 
ATOM   276 C  CD1 . PHE A 1 40 ? -4.049  6.583   7.873   1.00 29.41 ? 55  PHE A CD1 1 
ATOM   277 C  CD2 . PHE A 1 40 ? -5.622  6.808   6.074   1.00 28.52 ? 55  PHE A CD2 1 
ATOM   278 C  CE1 . PHE A 1 40 ? -3.967  7.977   7.978   1.00 30.04 ? 55  PHE A CE1 1 
ATOM   279 C  CE2 . PHE A 1 40 ? -5.554  8.198   6.178   1.00 30.44 ? 55  PHE A CE2 1 
ATOM   280 C  CZ  . PHE A 1 40 ? -4.722  8.783   7.128   1.00 31.15 ? 55  PHE A CZ  1 
ATOM   281 N  N   . TYR A 1 41 ? -4.086  1.455   5.906   1.00 20.27 ? 56  TYR A N   1 
ATOM   282 C  CA  . TYR A 1 41 ? -3.728  0.061   6.227   1.00 20.04 ? 56  TYR A CA  1 
ATOM   283 C  C   . TYR A 1 41 ? -2.339  -0.311  5.716   1.00 19.04 ? 56  TYR A C   1 
ATOM   284 O  O   . TYR A 1 41 ? -1.546  -0.938  6.435   1.00 18.53 ? 56  TYR A O   1 
ATOM   285 C  CB  . TYR A 1 41 ? -4.770  -0.940  5.708   1.00 20.02 ? 56  TYR A CB  1 
ATOM   286 C  CG  . TYR A 1 41 ? -6.042  -1.002  6.527   1.00 24.05 ? 56  TYR A CG  1 
ATOM   287 C  CD1 . TYR A 1 41 ? -6.003  -1.021  7.933   1.00 26.96 ? 56  TYR A CD1 1 
ATOM   288 C  CD2 . TYR A 1 41 ? -7.281  -1.063  5.902   1.00 27.31 ? 56  TYR A CD2 1 
ATOM   289 C  CE1 . TYR A 1 41 ? -7.184  -1.083  8.682   1.00 30.02 ? 56  TYR A CE1 1 
ATOM   290 C  CE2 . TYR A 1 41 ? -8.458  -1.123  6.638   1.00 29.50 ? 56  TYR A CE2 1 
ATOM   291 C  CZ  . TYR A 1 41 ? -8.403  -1.131  8.018   1.00 31.47 ? 56  TYR A CZ  1 
ATOM   292 O  OH  . TYR A 1 41 ? -9.580  -1.200  8.732   1.00 32.65 ? 56  TYR A OH  1 
ATOM   293 N  N   . LEU A 1 42 ? -2.028  0.077   4.480   1.00 17.67 ? 57  LEU A N   1 
ATOM   294 C  CA  . LEU A 1 42 ? -0.675  -0.150  3.964   1.00 16.85 ? 57  LEU A CA  1 
ATOM   295 C  C   . LEU A 1 42 ? 0.377   0.604   4.775   1.00 16.53 ? 57  LEU A C   1 
ATOM   296 O  O   . LEU A 1 42 ? 1.477   0.088   5.011   1.00 16.31 ? 57  LEU A O   1 
ATOM   297 C  CB  . LEU A 1 42 ? -0.590  0.230   2.479   1.00 16.75 ? 57  LEU A CB  1 
ATOM   298 C  CG  . LEU A 1 42 ? -1.259  -0.797  1.575   1.00 16.73 ? 57  LEU A CG  1 
ATOM   299 C  CD1 . LEU A 1 42 ? -1.266  -0.262  0.163   1.00 19.74 ? 57  LEU A CD1 1 
ATOM   300 C  CD2 . LEU A 1 42 ? -0.545  -2.143  1.608   1.00 20.96 ? 57  LEU A CD2 1 
ATOM   301 N  N   . GLY A 1 43 ? 0.036   1.820   5.212   1.00 16.72 ? 58  GLY A N   1 
ATOM   302 C  CA  . GLY A 1 43 ? 0.948   2.616   6.021   1.00 16.95 ? 58  GLY A CA  1 
ATOM   303 C  C   . GLY A 1 43 ? 1.225   1.905   7.332   1.00 17.48 ? 58  GLY A C   1 
ATOM   304 O  O   . GLY A 1 43 ? 2.381   1.822   7.760   1.00 18.12 ? 58  GLY A O   1 
ATOM   305 N  N   . GLN A 1 44 ? 0.172   1.389   7.957   1.00 17.48 ? 59  GLN A N   1 
ATOM   306 C  CA  . GLN A 1 44 ? 0.334   0.653   9.228   1.00 18.19 ? 59  GLN A CA  1 
ATOM   307 C  C   . GLN A 1 44 ? 1.132   -0.638  9.052   1.00 17.31 ? 59  GLN A C   1 
ATOM   308 O  O   . GLN A 1 44 ? 1.934   -1.008  9.915   1.00 17.58 ? 59  GLN A O   1 
ATOM   309 C  CB  . GLN A 1 44 ? -1.000  0.383   9.910   1.00 19.15 ? 59  GLN A CB  1 
ATOM   310 C  CG  . GLN A 1 44 ? -1.613  1.650   10.544  1.00 21.86 ? 59  GLN A CG  1 
ATOM   311 C  CD  . GLN A 1 44 ? -0.710  2.318   11.585  1.00 22.24 ? 59  GLN A CD  1 
ATOM   312 O  OE1 . GLN A 1 44 ? -0.514  3.541   11.566  1.00 28.12 ? 59  GLN A OE1 1 
ATOM   313 N  NE2 . GLN A 1 44 ? -0.156  1.530   12.472  1.00 22.78 ? 59  GLN A NE2 1 
ATOM   314 N  N   . TYR A 1 45 ? 0.924   -1.309  7.927   1.00 15.77 ? 60  TYR A N   1 
ATOM   315 C  CA  . TYR A 1 45 ? 1.709   -2.497  7.599   1.00 14.81 ? 60  TYR A CA  1 
ATOM   316 C  C   . TYR A 1 45 ? 3.208   -2.144  7.558   1.00 15.20 ? 60  TYR A C   1 
ATOM   317 O  O   . TYR A 1 45 ? 4.049   -2.781  8.216   1.00 15.43 ? 60  TYR A O   1 
ATOM   318 C  CB  . TYR A 1 45 ? 1.216   -3.087  6.270   1.00 14.08 ? 60  TYR A CB  1 
ATOM   319 C  CG  . TYR A 1 45 ? 1.963   -4.326  5.826   1.00 14.04 ? 60  TYR A CG  1 
ATOM   320 C  CD1 . TYR A 1 45 ? 1.524   -5.604  6.213   1.00 15.38 ? 60  TYR A CD1 1 
ATOM   321 C  CD2 . TYR A 1 45 ? 3.090   -4.226  5.010   1.00 13.84 ? 60  TYR A CD2 1 
ATOM   322 C  CE1 . TYR A 1 45 ? 2.209   -6.752  5.817   1.00 15.16 ? 60  TYR A CE1 1 
ATOM   323 C  CE2 . TYR A 1 45 ? 3.773   -5.360  4.595   1.00 13.70 ? 60  TYR A CE2 1 
ATOM   324 C  CZ  . TYR A 1 45 ? 3.330   -6.621  5.008   1.00 15.69 ? 60  TYR A CZ  1 
ATOM   325 O  OH  . TYR A 1 45 ? 4.006   -7.741  4.608   1.00 15.63 ? 60  TYR A OH  1 
ATOM   326 N  N   . ILE A 1 46 ? 3.537   -1.095  6.812   1.00 14.63 ? 61  ILE A N   1 
ATOM   327 C  CA  . ILE A 1 46 ? 4.902   -0.608  6.704   1.00 15.23 ? 61  ILE A CA  1 
ATOM   328 C  C   . ILE A 1 46 ? 5.471   -0.253  8.088   1.00 16.25 ? 61  ILE A C   1 
ATOM   329 O  O   . ILE A 1 46 ? 6.589   -0.657  8.418   1.00 16.79 ? 61  ILE A O   1 
ATOM   330 C  CB  . ILE A 1 46 ? 4.986   0.601   5.761   1.00 15.41 ? 61  ILE A CB  1 
ATOM   331 C  CG1 . ILE A 1 46 ? 4.770   0.107   4.327   1.00 14.32 ? 61  ILE A CG1 1 
ATOM   332 C  CG2 . ILE A 1 46 ? 6.357   1.273   5.877   1.00 15.34 ? 61  ILE A CG2 1 
ATOM   333 C  CD1 . ILE A 1 46 ? 4.401   1.209   3.332   1.00 16.04 ? 61  ILE A CD1 1 
ATOM   334 N  N   . MET A 1 47 ? 4.697   0.461   8.895   1.00 17.57 ? 62  MET A N   1 
ATOM   335 C  CA  . MET A 1 47 ? 5.230   0.939   10.175  1.00 19.10 ? 62  MET A CA  1 
ATOM   336 C  C   . MET A 1 47 ? 5.392   -0.194  11.156  1.00 19.61 ? 62  MET A C   1 
ATOM   337 O  O   . MET A 1 47 ? 6.449   -0.311  11.784  1.00 20.87 ? 62  MET A O   1 
ATOM   338 C  CB  . MET A 1 47 ? 4.298   1.962   10.786  1.00 20.03 ? 62  MET A CB  1 
ATOM   339 C  CG  . MET A 1 47 ? 4.019   3.013   9.851   1.00 22.86 ? 62  MET A CG  1 
ATOM   340 S  SD  . MET A 1 47 ? 5.387   4.065   9.661   1.00 31.53 ? 62  MET A SD  1 
ATOM   341 C  CE  . MET A 1 47 ? 4.349   5.472   9.936   1.00 25.99 ? 62  MET A CE  1 
ATOM   342 N  N   . THR A 1 48 ? 4.352   -1.019  11.268  1.00 19.47 ? 63  THR A N   1 
ATOM   343 C  CA  . THR A 1 48 ? 4.317   -2.147  12.211  1.00 19.78 ? 63  THR A CA  1 
ATOM   344 C  C   . THR A 1 48 ? 5.480   -3.086  11.956  1.00 19.40 ? 63  THR A C   1 
ATOM   345 O  O   . THR A 1 48 ? 6.161   -3.501  12.898  1.00 20.44 ? 63  THR A O   1 
ATOM   346 C  CB  . THR A 1 48 ? 2.972   -2.895  12.169  1.00 20.11 ? 63  THR A CB  1 
ATOM   347 O  OG1 . THR A 1 48 ? 1.924   -2.003  12.592  1.00 22.54 ? 63  THR A OG1 1 
ATOM   348 C  CG2 . THR A 1 48 ? 2.984   -4.101  13.114  1.00 21.67 ? 63  THR A CG2 1 
ATOM   349 N  N   . LYS A 1 49 ? 5.749   -3.367  10.681  1.00 18.11 ? 64  LYS A N   1 
ATOM   350 C  CA  . LYS A 1 49 ? 6.816   -4.305  10.295  1.00 17.58 ? 64  LYS A CA  1 
ATOM   351 C  C   . LYS A 1 49 ? 8.196   -3.671  10.166  1.00 17.82 ? 64  LYS A C   1 
ATOM   352 O  O   . LYS A 1 49 ? 9.173   -4.367  9.827   1.00 17.86 ? 64  LYS A O   1 
ATOM   353 C  CB  . LYS A 1 49 ? 6.441   -5.015  8.990   1.00 17.18 ? 64  LYS A CB  1 
ATOM   354 C  CG  . LYS A 1 49 ? 5.292   -5.988  9.149   1.00 15.74 ? 64  LYS A CG  1 
ATOM   355 C  CD  . LYS A 1 49 ? 5.155   -6.874  7.927   1.00 15.56 ? 64  LYS A CD  1 
ATOM   356 C  CE  . LYS A 1 49 ? 6.132   -8.049  8.014   1.00 15.18 ? 64  LYS A CE  1 
ATOM   357 N  NZ  . LYS A 1 49 ? 5.948   -8.994  6.888   1.00 15.90 ? 64  LYS A NZ  1 
ATOM   358 N  N   . ARG A 1 50 ? 8.269   -2.354  10.404  1.00 17.83 ? 65  ARG A N   1 
ATOM   359 C  CA  . ARG A 1 50 ? 9.512   -1.592  10.357  1.00 19.06 ? 65  ARG A CA  1 
ATOM   360 C  C   . ARG A 1 50 ? 10.225  -1.785  9.013   1.00 18.57 ? 65  ARG A C   1 
ATOM   361 O  O   . ARG A 1 50 ? 11.422  -2.055  8.955   1.00 18.12 ? 65  ARG A O   1 
ATOM   362 C  CB  . ARG A 1 50 ? 10.425  -1.954  11.552  1.00 19.88 ? 65  ARG A CB  1 
ATOM   363 C  CG  . ARG A 1 50 ? 9.768   -1.839  12.912  1.00 23.39 ? 65  ARG A CG  1 
ATOM   364 C  CD  . ARG A 1 50 ? 10.749  -2.278  14.010  1.00 30.52 ? 65  ARG A CD  1 
ATOM   365 N  NE  . ARG A 1 50 ? 10.137  -2.306  15.338  1.00 34.87 ? 65  ARG A NE  1 
ATOM   366 C  CZ  . ARG A 1 50 ? 10.041  -1.254  16.150  1.00 37.26 ? 65  ARG A CZ  1 
ATOM   367 N  NH1 . ARG A 1 50 ? 10.516  -0.065  15.777  1.00 38.58 ? 65  ARG A NH1 1 
ATOM   368 N  NH2 . ARG A 1 50 ? 9.466   -1.393  17.339  1.00 37.70 ? 65  ARG A NH2 1 
ATOM   369 N  N   . LEU A 1 51 ? 9.467   -1.643  7.926   1.00 18.74 ? 66  LEU A N   1 
ATOM   370 C  CA  . LEU A 1 51 ? 10.037  -1.774  6.587   1.00 20.03 ? 66  LEU A CA  1 
ATOM   371 C  C   . LEU A 1 51 ? 10.814  -0.519  6.137   1.00 21.93 ? 66  LEU A C   1 
ATOM   372 O  O   . LEU A 1 51 ? 11.547  -0.552  5.154   1.00 23.11 ? 66  LEU A O   1 
ATOM   373 C  CB  . LEU A 1 51 ? 8.959   -2.195  5.561   1.00 18.58 ? 66  LEU A CB  1 
ATOM   374 C  CG  . LEU A 1 51 ? 8.211   -3.518  5.809   1.00 18.75 ? 66  LEU A CG  1 
ATOM   375 C  CD1 . LEU A 1 51 ? 7.176   -3.783  4.718   1.00 17.25 ? 66  LEU A CD1 1 
ATOM   376 C  CD2 . LEU A 1 51 ? 9.187   -4.690  5.916   1.00 19.27 ? 66  LEU A CD2 1 
ATOM   377 N  N   . TYR A 1 52 ? 10.691  0.570   6.885   1.00 24.74 ? 67  TYR A N   1 
ATOM   378 C  CA  . TYR A 1 52 ? 11.375  1.814   6.531   1.00 27.68 ? 67  TYR A CA  1 
ATOM   379 C  C   . TYR A 1 52 ? 12.742  1.862   7.189   1.00 29.75 ? 67  TYR A C   1 
ATOM   380 O  O   . TYR A 1 52 ? 12.962  1.212   8.212   1.00 30.34 ? 67  TYR A O   1 
ATOM   381 C  CB  . TYR A 1 52 ? 10.550  3.031   6.963   1.00 27.61 ? 67  TYR A CB  1 
ATOM   382 C  CG  . TYR A 1 52 ? 10.251  3.056   8.446   1.00 27.65 ? 67  TYR A CG  1 
ATOM   383 C  CD1 . TYR A 1 52 ? 11.089  3.732   9.333   1.00 31.22 ? 67  TYR A CD1 1 
ATOM   384 C  CD2 . TYR A 1 52 ? 9.149   2.378   8.967   1.00 28.52 ? 67  TYR A CD2 1 
ATOM   385 C  CE1 . TYR A 1 52 ? 10.826  3.737   10.699  1.00 31.42 ? 67  TYR A CE1 1 
ATOM   386 C  CE2 . TYR A 1 52 ? 8.881   2.381   10.324  1.00 29.68 ? 67  TYR A CE2 1 
ATOM   387 C  CZ  . TYR A 1 52 ? 9.726   3.061   11.184  1.00 32.35 ? 67  TYR A CZ  1 
ATOM   388 O  OH  . TYR A 1 52 ? 9.468   3.067   12.537  1.00 35.93 ? 67  TYR A OH  1 
ATOM   389 N  N   . ASP A 1 53 ? 13.638  2.654   6.599   1.00 32.67 ? 68  ASP A N   1 
ATOM   390 C  CA  . ASP A 1 53 ? 15.000  2.816   7.089   1.00 34.65 ? 68  ASP A CA  1 
ATOM   391 C  C   . ASP A 1 53 ? 14.994  3.695   8.343   1.00 35.76 ? 68  ASP A C   1 
ATOM   392 O  O   . ASP A 1 53 ? 14.463  4.802   8.342   1.00 35.41 ? 68  ASP A O   1 
ATOM   393 C  CB  . ASP A 1 53 ? 15.881  3.405   5.977   1.00 34.92 ? 68  ASP A CB  1 
ATOM   394 C  CG  . ASP A 1 53 ? 17.384  3.149   6.187   1.00 36.46 ? 68  ASP A CG  1 
ATOM   395 O  OD1 . ASP A 1 53 ? 18.109  3.097   5.174   1.00 38.21 ? 68  ASP A OD1 1 
ATOM   396 O  OD2 . ASP A 1 53 ? 17.850  3.010   7.338   1.00 38.28 ? 68  ASP A OD2 1 
ATOM   397 N  N   . GLU A 1 54 ? 15.578  3.172   9.415   1.00 37.05 ? 69  GLU A N   1 
ATOM   398 C  CA  . GLU A 1 54 ? 15.657  3.869   10.700  1.00 38.45 ? 69  GLU A CA  1 
ATOM   399 C  C   . GLU A 1 54 ? 16.361  5.228   10.569  1.00 38.43 ? 69  GLU A C   1 
ATOM   400 O  O   . GLU A 1 54 ? 15.951  6.215   11.187  1.00 38.93 ? 69  GLU A O   1 
ATOM   401 C  CB  . GLU A 1 54 ? 16.391  2.998   11.723  1.00 38.81 ? 69  GLU A CB  1 
ATOM   402 C  CG  . GLU A 1 54 ? 16.027  1.515   11.673  1.00 40.93 ? 69  GLU A CG  1 
ATOM   403 C  CD  . GLU A 1 54 ? 17.202  0.627   12.017  1.00 44.36 ? 69  GLU A CD  1 
ATOM   404 O  OE1 . GLU A 1 54 ? 17.828  0.843   13.083  1.00 46.28 ? 69  GLU A OE1 1 
ATOM   405 O  OE2 . GLU A 1 54 ? 17.504  -0.290  11.216  1.00 46.16 ? 69  GLU A OE2 1 
ATOM   406 N  N   . LYS A 1 55 ? 17.411  5.263   9.755   1.00 38.48 ? 70  LYS A N   1 
ATOM   407 C  CA  . LYS A 1 55 ? 18.200  6.471   9.539   1.00 38.43 ? 70  LYS A CA  1 
ATOM   408 C  C   . LYS A 1 55 ? 17.855  7.213   8.246   1.00 37.91 ? 70  LYS A C   1 
ATOM   409 O  O   . LYS A 1 55 ? 18.432  8.264   7.960   1.00 38.30 ? 70  LYS A O   1 
ATOM   410 C  CB  . LYS A 1 55 ? 19.693  6.132   9.576   1.00 38.71 ? 70  LYS A CB  1 
ATOM   411 C  CG  . LYS A 1 55 ? 20.377  6.472   10.900  1.00 40.29 ? 70  LYS A CG  1 
ATOM   412 C  CD  . LYS A 1 55 ? 21.311  7.679   10.768  1.00 42.39 ? 70  LYS A CD  1 
ATOM   413 C  CE  . LYS A 1 55 ? 20.569  9.010   10.710  1.00 43.32 ? 70  LYS A CE  1 
ATOM   414 N  NZ  . LYS A 1 55 ? 21.525  10.161  10.758  1.00 44.75 ? 70  LYS A NZ  1 
ATOM   415 N  N   . GLN A 1 56 ? 16.922  6.661   7.469   1.00 37.07 ? 71  GLN A N   1 
ATOM   416 C  CA  . GLN A 1 56 ? 16.408  7.312   6.266   1.00 36.46 ? 71  GLN A CA  1 
ATOM   417 C  C   . GLN A 1 56 ? 14.918  6.991   6.167   1.00 35.46 ? 71  GLN A C   1 
ATOM   418 O  O   . GLN A 1 56 ? 14.502  6.179   5.341   1.00 35.31 ? 71  GLN A O   1 
ATOM   419 C  CB  . GLN A 1 56 ? 17.161  6.853   5.006   1.00 36.96 ? 71  GLN A CB  1 
ATOM   420 C  CG  . GLN A 1 56 ? 18.677  7.093   5.045   1.00 38.97 ? 71  GLN A CG  1 
ATOM   421 C  CD  . GLN A 1 56 ? 19.325  7.176   3.676   1.00 40.40 ? 71  GLN A CD  1 
ATOM   422 O  OE1 . GLN A 1 56 ? 18.890  6.531   2.720   1.00 41.43 ? 71  GLN A OE1 1 
ATOM   423 N  NE2 . GLN A 1 56 ? 20.392  7.974   3.580   1.00 41.54 ? 71  GLN A NE2 1 
ATOM   424 N  N   . GLN A 1 57 ? 14.124  7.650   7.009   1.00 34.22 ? 72  GLN A N   1 
ATOM   425 C  CA  . GLN A 1 57 ? 12.745  7.220   7.284   1.00 33.30 ? 72  GLN A CA  1 
ATOM   426 C  C   . GLN A 1 57 ? 11.771  7.271   6.105   1.00 32.00 ? 72  GLN A C   1 
ATOM   427 O  O   . GLN A 1 57 ? 10.759  6.577   6.126   1.00 31.81 ? 72  GLN A O   1 
ATOM   428 C  CB  . GLN A 1 57 ? 12.176  7.884   8.552   1.00 33.80 ? 72  GLN A CB  1 
ATOM   429 C  CG  . GLN A 1 57 ? 13.165  7.869   9.738   1.00 35.70 ? 72  GLN A CG  1 
ATOM   430 C  CD  . GLN A 1 57 ? 12.528  7.597   11.101  1.00 39.01 ? 72  GLN A CD  1 
ATOM   431 O  OE1 . GLN A 1 57 ? 11.336  7.834   11.313  1.00 40.89 ? 72  GLN A OE1 1 
ATOM   432 N  NE2 . GLN A 1 57 ? 13.336  7.088   12.036  1.00 39.70 ? 72  GLN A NE2 1 
ATOM   433 N  N   . HIS A 1 58 ? 12.088  8.053   5.075   1.00 30.75 ? 73  HIS A N   1 
ATOM   434 C  CA  . HIS A 1 58 ? 11.204  8.168   3.905   1.00 29.60 ? 73  HIS A CA  1 
ATOM   435 C  C   . HIS A 1 58 ? 11.332  6.988   2.935   1.00 27.85 ? 73  HIS A C   1 
ATOM   436 O  O   . HIS A 1 58 ? 10.506  6.844   2.026   1.00 27.19 ? 73  HIS A O   1 
ATOM   437 C  CB  . HIS A 1 58 ? 11.439  9.482   3.143   1.00 30.52 ? 73  HIS A CB  1 
ATOM   438 C  CG  . HIS A 1 58 ? 10.910  10.702  3.842   1.00 33.15 ? 73  HIS A CG  1 
ATOM   439 N  ND1 . HIS A 1 58 ? 11.621  11.884  3.918   1.00 36.20 ? 73  HIS A ND1 1 
ATOM   440 C  CD2 . HIS A 1 58 ? 9.739   10.929  4.485   1.00 35.77 ? 73  HIS A CD2 1 
ATOM   441 C  CE1 . HIS A 1 58 ? 10.910  12.783  4.576   1.00 35.92 ? 73  HIS A CE1 1 
ATOM   442 N  NE2 . HIS A 1 58 ? 9.762   12.230  4.928   1.00 37.30 ? 73  HIS A NE2 1 
ATOM   443 N  N   . ILE A 1 59 ? 12.359  6.156   3.116   1.00 25.78 ? 74  ILE A N   1 
ATOM   444 C  CA  . ILE A 1 59 ? 12.583  5.042   2.191   1.00 23.74 ? 74  ILE A CA  1 
ATOM   445 C  C   . ILE A 1 59 ? 12.075  3.712   2.751   1.00 22.22 ? 74  ILE A C   1 
ATOM   446 O  O   . ILE A 1 59 ? 12.515  3.255   3.814   1.00 21.69 ? 74  ILE A O   1 
ATOM   447 C  CB  . ILE A 1 59 ? 14.069  4.919   1.716   1.00 24.13 ? 74  ILE A CB  1 
ATOM   448 C  CG1 . ILE A 1 59 ? 14.632  6.286   1.288   1.00 25.18 ? 74  ILE A CG1 1 
ATOM   449 C  CG2 . ILE A 1 59 ? 14.177  3.932   0.562   1.00 24.26 ? 74  ILE A CG2 1 
ATOM   450 C  CD1 . ILE A 1 59 ? 13.820  7.010   0.213   1.00 28.22 ? 74  ILE A CD1 1 
ATOM   451 N  N   . VAL A 1 60 ? 11.133  3.118   2.026   1.00 21.24 ? 75  VAL A N   1 
ATOM   452 C  CA  . VAL A 1 60 ? 10.555  1.818   2.383   1.00 19.90 ? 75  VAL A CA  1 
ATOM   453 C  C   . VAL A 1 60 ? 11.292  0.719   1.602   1.00 19.89 ? 75  VAL A C   1 
ATOM   454 O  O   . VAL A 1 60 ? 11.384  0.786   0.386   1.00 19.95 ? 75  VAL A O   1 
ATOM   455 C  CB  . VAL A 1 60 ? 9.048   1.770   2.046   1.00 19.86 ? 75  VAL A CB  1 
ATOM   456 C  CG1 . VAL A 1 60 ? 8.447   0.375   2.352   1.00 18.45 ? 75  VAL A CG1 1 
ATOM   457 C  CG2 . VAL A 1 60 ? 8.297   2.843   2.821   1.00 19.96 ? 75  VAL A CG2 1 
ATOM   458 N  N   . TYR A 1 61 ? 11.816  -0.277  2.314   1.00 19.39 ? 76  TYR A N   1 
ATOM   459 C  CA  . TYR A 1 61 ? 12.517  -1.398  1.688   1.00 19.57 ? 76  TYR A CA  1 
ATOM   460 C  C   . TYR A 1 61 ? 11.653  -2.629  1.791   1.00 19.25 ? 76  TYR A C   1 
ATOM   461 O  O   . TYR A 1 61 ? 11.251  -3.017  2.888   1.00 19.56 ? 76  TYR A O   1 
ATOM   462 C  CB  . TYR A 1 61 ? 13.865  -1.639  2.366   1.00 20.14 ? 76  TYR A CB  1 
ATOM   463 C  CG  . TYR A 1 61 ? 14.873  -0.566  2.034   1.00 20.29 ? 76  TYR A CG  1 
ATOM   464 C  CD1 . TYR A 1 61 ? 15.611  -0.635  0.862   1.00 21.31 ? 76  TYR A CD1 1 
ATOM   465 C  CD2 . TYR A 1 61 ? 15.060  0.535   2.876   1.00 21.57 ? 76  TYR A CD2 1 
ATOM   466 C  CE1 . TYR A 1 61 ? 16.526  0.342   0.533   1.00 22.96 ? 76  TYR A CE1 1 
ATOM   467 C  CE2 . TYR A 1 61 ? 15.982  1.523   2.552   1.00 23.56 ? 76  TYR A CE2 1 
ATOM   468 C  CZ  . TYR A 1 61 ? 16.700  1.416   1.375   1.00 22.19 ? 76  TYR A CZ  1 
ATOM   469 O  OH  . TYR A 1 61 ? 17.615  2.386   1.029   1.00 25.53 ? 76  TYR A OH  1 
ATOM   470 N  N   . CYS A 1 62 ? 11.371  -3.238  0.645   1.00 18.88 ? 77  CYS A N   1 
ATOM   471 C  CA  . CYS A 1 62 ? 10.371  -4.310  0.580   1.00 18.60 ? 77  CYS A CA  1 
ATOM   472 C  C   . CYS A 1 62 ? 10.783  -5.530  -0.261  1.00 18.49 ? 77  CYS A C   1 
ATOM   473 O  O   . CYS A 1 62 ? 9.953   -6.391  -0.567  1.00 17.01 ? 77  CYS A O   1 
ATOM   474 C  CB  . CYS A 1 62 ? 9.016   -3.743  0.124   1.00 18.43 ? 77  CYS A CB  1 
ATOM   475 S  SG  . CYS A 1 62 ? 9.064   -2.689  -1.324  1.00 20.19 ? 77  CYS A SG  1 
ATOM   476 N  N   . SER A 1 63 ? 12.069  -5.635  -0.591  1.00 18.83 ? 78  SER A N   1 
ATOM   477 C  CA  . SER A 1 63 ? 12.568  -6.753  -1.393  1.00 20.28 ? 78  SER A CA  1 
ATOM   478 C  C   . SER A 1 63 ? 12.384  -8.119  -0.730  1.00 19.96 ? 78  SER A C   1 
ATOM   479 O  O   . SER A 1 63 ? 12.220  -9.140  -1.422  1.00 21.61 ? 78  SER A O   1 
ATOM   480 C  CB  . SER A 1 63 ? 14.051  -6.554  -1.728  1.00 20.68 ? 78  SER A CB  1 
ATOM   481 O  OG  . SER A 1 63 ? 14.845  -6.796  -0.568  1.00 24.91 ? 78  SER A OG  1 
ATOM   482 N  N   . ASN A 1 64 ? 12.422  -8.137  0.597   1.00 19.22 ? 79  ASN A N   1 
ATOM   483 C  CA  . ASN A 1 64 ? 12.270  -9.370  1.352   1.00 18.59 ? 79  ASN A CA  1 
ATOM   484 C  C   . ASN A 1 64 ? 10.877  -9.469  1.979   1.00 17.47 ? 79  ASN A C   1 
ATOM   485 O  O   . ASN A 1 64 ? 10.687  -10.144 2.996   1.00 17.78 ? 79  ASN A O   1 
ATOM   486 C  CB  . ASN A 1 64 ? 13.368  -9.460  2.416   1.00 19.03 ? 79  ASN A CB  1 
ATOM   487 C  CG  . ASN A 1 64 ? 13.272  -8.373  3.449   1.00 21.16 ? 79  ASN A CG  1 
ATOM   488 O  OD1 . ASN A 1 64 ? 12.398  -7.491  3.390   1.00 23.56 ? 79  ASN A OD1 1 
ATOM   489 N  ND2 . ASN A 1 64 ? 14.160  -8.428  4.425   1.00 23.88 ? 79  ASN A ND2 1 
ATOM   490 N  N   . ASP A 1 65 ? 9.900   -8.820  1.349   1.00 16.04 ? 80  ASP A N   1 
ATOM   491 C  CA  . ASP A 1 65 ? 8.545   -8.779  1.898   1.00 15.29 ? 80  ASP A CA  1 
ATOM   492 C  C   . ASP A 1 65 ? 7.509   -8.972  0.788   1.00 15.90 ? 80  ASP A C   1 
ATOM   493 O  O   . ASP A 1 65 ? 7.771   -8.674  -0.374  1.00 15.35 ? 80  ASP A O   1 
ATOM   494 C  CB  . ASP A 1 65 ? 8.338   -7.438  2.616   1.00 15.35 ? 80  ASP A CB  1 
ATOM   495 C  CG  . ASP A 1 65 ? 7.136   -7.446  3.543   1.00 14.49 ? 80  ASP A CG  1 
ATOM   496 O  OD1 . ASP A 1 65 ? 7.305   -7.744  4.744   1.00 15.40 ? 80  ASP A OD1 1 
ATOM   497 O  OD2 . ASP A 1 65 ? 6.011   -7.148  3.075   1.00 15.14 ? 80  ASP A OD2 1 
ATOM   498 N  N   . LEU A 1 66 ? 6.334   -9.481  1.150   1.00 15.96 ? 81  LEU A N   1 
ATOM   499 C  CA  . LEU A 1 66 ? 5.227   -9.594  0.204   1.00 16.81 ? 81  LEU A CA  1 
ATOM   500 C  C   . LEU A 1 66 ? 4.884   -8.238  -0.423  1.00 15.78 ? 81  LEU A C   1 
ATOM   501 O  O   . LEU A 1 66 ? 4.447   -8.184  -1.575  1.00 16.48 ? 81  LEU A O   1 
ATOM   502 C  CB  . LEU A 1 66 ? 3.999   -10.176 0.926   1.00 17.64 ? 81  LEU A CB  1 
ATOM   503 C  CG  . LEU A 1 66 ? 2.588   -10.061 0.343   1.00 21.75 ? 81  LEU A CG  1 
ATOM   504 C  CD1 . LEU A 1 66 ? 2.404   -10.951 -0.871  1.00 23.90 ? 81  LEU A CD1 1 
ATOM   505 C  CD2 . LEU A 1 66 ? 1.559   -10.417 1.415   1.00 25.01 ? 81  LEU A CD2 1 
ATOM   506 N  N   . LEU A 1 67 ? 5.076   -7.144  0.321   1.00 15.01 ? 82  LEU A N   1 
ATOM   507 C  CA  . LEU A 1 67 ? 4.836   -5.819  -0.228  1.00 15.12 ? 82  LEU A CA  1 
ATOM   508 C  C   . LEU A 1 67 ? 5.643   -5.575  -1.520  1.00 15.65 ? 82  LEU A C   1 
ATOM   509 O  O   . LEU A 1 67 ? 5.153   -4.919  -2.445  1.00 15.28 ? 82  LEU A O   1 
ATOM   510 C  CB  . LEU A 1 67 ? 5.143   -4.734  0.819   1.00 15.58 ? 82  LEU A CB  1 
ATOM   511 C  CG  . LEU A 1 67 ? 4.881   -3.297  0.352   1.00 15.58 ? 82  LEU A CG  1 
ATOM   512 C  CD1 . LEU A 1 67 ? 3.407   -3.121  -0.109  1.00 17.30 ? 82  LEU A CD1 1 
ATOM   513 C  CD2 . LEU A 1 67 ? 5.275   -2.318  1.478   1.00 16.73 ? 82  LEU A CD2 1 
ATOM   514 N  N   . GLY A 1 68 ? 6.860   -6.118  -1.592  1.00 15.97 ? 83  GLY A N   1 
ATOM   515 C  CA  . GLY A 1 68 ? 7.673   -6.004  -2.818  1.00 17.57 ? 83  GLY A CA  1 
ATOM   516 C  C   . GLY A 1 68 ? 7.085   -6.774  -3.988  1.00 18.45 ? 83  GLY A C   1 
ATOM   517 O  O   . GLY A 1 68 ? 7.195   -6.333  -5.139  1.00 19.04 ? 83  GLY A O   1 
ATOM   518 N  N   . ASP A 1 69 ? 6.469   -7.920  -3.702  1.00 19.61 ? 84  ASP A N   1 
ATOM   519 C  CA  . ASP A 1 69 ? 5.747   -8.703  -4.713  1.00 21.32 ? 84  ASP A CA  1 
ATOM   520 C  C   . ASP A 1 69 ? 4.560   -7.907  -5.245  1.00 21.24 ? 84  ASP A C   1 
ATOM   521 O  O   . ASP A 1 69 ? 4.313   -7.871  -6.456  1.00 22.12 ? 84  ASP A O   1 
ATOM   522 C  CB  . ASP A 1 69 ? 5.243   -10.028 -4.132  1.00 22.17 ? 84  ASP A CB  1 
ATOM   523 C  CG  . ASP A 1 69 ? 6.371   -10.953 -3.685  1.00 26.25 ? 84  ASP A CG  1 
ATOM   524 O  OD1 . ASP A 1 69 ? 7.462   -10.919 -4.289  1.00 30.90 ? 84  ASP A OD1 1 
ATOM   525 O  OD2 . ASP A 1 69 ? 6.154   -11.727 -2.727  1.00 32.32 ? 84  ASP A OD2 1 
ATOM   526 N  N   . LEU A 1 70 ? 3.827   -7.279  -4.329  1.00 20.91 ? 85  LEU A N   1 
ATOM   527 C  CA  . LEU A 1 70 ? 2.660   -6.469  -4.664  1.00 21.37 ? 85  LEU A CA  1 
ATOM   528 C  C   . LEU A 1 70 ? 3.037   -5.315  -5.589  1.00 21.19 ? 85  LEU A C   1 
ATOM   529 O  O   . LEU A 1 70 ? 2.359   -5.063  -6.592  1.00 21.88 ? 85  LEU A O   1 
ATOM   530 C  CB  . LEU A 1 70 ? 2.035   -5.920  -3.379  1.00 21.88 ? 85  LEU A CB  1 
ATOM   531 C  CG  . LEU A 1 70 ? 0.698   -5.181  -3.389  1.00 25.13 ? 85  LEU A CG  1 
ATOM   532 C  CD1 . LEU A 1 70 ? -0.415  -6.180  -3.615  1.00 27.34 ? 85  LEU A CD1 1 
ATOM   533 C  CD2 . LEU A 1 70 ? 0.493   -4.472  -2.045  1.00 26.52 ? 85  LEU A CD2 1 
ATOM   534 N  N   . PHE A 1 71 ? 4.130   -4.636  -5.251  1.00 19.84 ? 86  PHE A N   1 
ATOM   535 C  CA  . PHE A 1 71 ? 4.511   -3.371  -5.878  1.00 20.27 ? 86  PHE A CA  1 
ATOM   536 C  C   . PHE A 1 71 ? 5.502   -3.514  -7.026  1.00 21.10 ? 86  PHE A C   1 
ATOM   537 O  O   . PHE A 1 71 ? 5.629   -2.595  -7.850  1.00 22.18 ? 86  PHE A O   1 
ATOM   538 C  CB  . PHE A 1 71 ? 5.071   -2.412  -4.815  1.00 19.61 ? 86  PHE A CB  1 
ATOM   539 C  CG  . PHE A 1 71 ? 4.015   -1.675  -4.022  1.00 18.40 ? 86  PHE A CG  1 
ATOM   540 C  CD1 . PHE A 1 71 ? 2.648   -1.978  -4.156  1.00 19.26 ? 86  PHE A CD1 1 
ATOM   541 C  CD2 . PHE A 1 71 ? 4.394   -0.678  -3.127  1.00 18.54 ? 86  PHE A CD2 1 
ATOM   542 C  CE1 . PHE A 1 71 ? 1.689   -1.287  -3.422  1.00 18.69 ? 86  PHE A CE1 1 
ATOM   543 C  CE2 . PHE A 1 71 ? 3.434   0.024   -2.389  1.00 17.78 ? 86  PHE A CE2 1 
ATOM   544 C  CZ  . PHE A 1 71 ? 2.081   -0.290  -2.542  1.00 17.60 ? 86  PHE A CZ  1 
ATOM   545 N  N   . GLY A 1 72 ? 6.227   -4.630  -7.059  1.00 21.30 ? 87  GLY A N   1 
ATOM   546 C  CA  . GLY A 1 72 ? 7.217   -4.891  -8.117  1.00 22.29 ? 87  GLY A CA  1 
ATOM   547 C  C   . GLY A 1 72 ? 8.503   -4.083  -8.031  1.00 23.02 ? 87  GLY A C   1 
ATOM   548 O  O   . GLY A 1 72 ? 9.212   -3.929  -9.033  1.00 23.41 ? 87  GLY A O   1 
ATOM   549 N  N   . VAL A 1 73 ? 8.803   -3.567  -6.837  1.00 22.84 ? 88  VAL A N   1 
ATOM   550 C  CA  . VAL A 1 73 ? 10.014  -2.799  -6.565  1.00 22.76 ? 88  VAL A CA  1 
ATOM   551 C  C   . VAL A 1 73 ? 10.720  -3.325  -5.299  1.00 22.99 ? 88  VAL A C   1 
ATOM   552 O  O   . VAL A 1 73 ? 10.055  -3.875  -4.413  1.00 22.27 ? 88  VAL A O   1 
ATOM   553 C  CB  . VAL A 1 73 ? 9.717   -1.271  -6.417  1.00 22.73 ? 88  VAL A CB  1 
ATOM   554 C  CG1 . VAL A 1 73 ? 9.075   -0.727  -7.683  1.00 24.00 ? 88  VAL A CG1 1 
ATOM   555 C  CG2 . VAL A 1 73 ? 8.804   -0.986  -5.215  1.00 23.04 ? 88  VAL A CG2 1 
ATOM   556 N  N   . PRO A 1 74 ? 12.063  -3.170  -5.214  1.00 22.90 ? 89  PRO A N   1 
ATOM   557 C  CA  . PRO A 1 74 ? 12.767  -3.494  -3.962  1.00 23.04 ? 89  PRO A CA  1 
ATOM   558 C  C   . PRO A 1 74 ? 12.621  -2.405  -2.905  1.00 22.84 ? 89  PRO A C   1 
ATOM   559 O  O   . PRO A 1 74 ? 12.810  -2.662  -1.714  1.00 23.06 ? 89  PRO A O   1 
ATOM   560 C  CB  . PRO A 1 74 ? 14.232  -3.599  -4.394  1.00 23.27 ? 89  PRO A CB  1 
ATOM   561 C  CG  . PRO A 1 74 ? 14.331  -2.740  -5.608  1.00 23.41 ? 89  PRO A CG  1 
ATOM   562 C  CD  . PRO A 1 74 ? 13.003  -2.834  -6.310  1.00 23.06 ? 89  PRO A CD  1 
ATOM   563 N  N   . SER A 1 75 ? 12.301  -1.197  -3.354  1.00 22.82 ? 90  SER A N   1 
ATOM   564 C  CA  . SER A 1 75 ? 12.165  -0.045  -2.481  1.00 23.28 ? 90  SER A CA  1 
ATOM   565 C  C   . SER A 1 75 ? 11.455  1.099   -3.186  1.00 22.87 ? 90  SER A C   1 
ATOM   566 O  O   . SER A 1 75 ? 11.308  1.101   -4.416  1.00 23.08 ? 90  SER A O   1 
ATOM   567 C  CB  . SER A 1 75 ? 13.538  0.406   -1.961  1.00 23.50 ? 90  SER A CB  1 
ATOM   568 O  OG  . SER A 1 75 ? 14.351  0.893   -3.018  1.00 25.98 ? 90  SER A OG  1 
ATOM   569 N  N   . PHE A 1 76 ? 11.005  2.064   -2.389  1.00 22.27 ? 91  PHE A N   1 
ATOM   570 C  CA  . PHE A 1 76 ? 10.388  3.292   -2.883  1.00 22.20 ? 91  PHE A CA  1 
ATOM   571 C  C   . PHE A 1 76 ? 10.405  4.343   -1.782  1.00 22.46 ? 91  PHE A C   1 
ATOM   572 O  O   . PHE A 1 76 ? 10.530  4.009   -0.608  1.00 22.07 ? 91  PHE A O   1 
ATOM   573 C  CB  . PHE A 1 76 ? 8.949   3.047   -3.374  1.00 21.71 ? 91  PHE A CB  1 
ATOM   574 C  CG  . PHE A 1 76 ? 7.995   2.589   -2.297  1.00 21.12 ? 91  PHE A CG  1 
ATOM   575 C  CD1 . PHE A 1 76 ? 7.232   3.510   -1.591  1.00 19.33 ? 91  PHE A CD1 1 
ATOM   576 C  CD2 . PHE A 1 76 ? 7.841   1.223   -2.021  1.00 20.10 ? 91  PHE A CD2 1 
ATOM   577 C  CE1 . PHE A 1 76 ? 6.345   3.091   -0.598  1.00 20.29 ? 91  PHE A CE1 1 
ATOM   578 C  CE2 . PHE A 1 76 ? 6.957   0.785   -1.037  1.00 20.64 ? 91  PHE A CE2 1 
ATOM   579 C  CZ  . PHE A 1 76 ? 6.197   1.727   -0.331  1.00 21.12 ? 91  PHE A CZ  1 
ATOM   580 N  N   . SER A 1 77 ? 10.267  5.611   -2.166  1.00 22.66 ? 92  SER A N   1 
ATOM   581 C  CA  . SER A 1 77 ? 10.125  6.696   -1.203  1.00 22.93 ? 92  SER A CA  1 
ATOM   582 C  C   . SER A 1 77 ? 8.662   7.020   -0.977  1.00 22.56 ? 92  SER A C   1 
ATOM   583 O  O   . SER A 1 77 ? 7.856   6.996   -1.902  1.00 22.92 ? 92  SER A O   1 
ATOM   584 C  CB  . SER A 1 77 ? 10.826  7.968   -1.689  1.00 22.91 ? 92  SER A CB  1 
ATOM   585 O  OG  . SER A 1 77 ? 10.634  9.016   -0.750  1.00 24.76 ? 92  SER A OG  1 
ATOM   586 N  N   . VAL A 1 78 ? 8.321   7.355   0.263   1.00 23.18 ? 93  VAL A N   1 
ATOM   587 C  CA  . VAL A 1 78 ? 6.952   7.733   0.588   1.00 23.52 ? 93  VAL A CA  1 
ATOM   588 C  C   . VAL A 1 78 ? 6.621   9.084   -0.044  1.00 24.21 ? 93  VAL A C   1 
ATOM   589 O  O   . VAL A 1 78 ? 5.463   9.477   -0.093  1.00 24.32 ? 93  VAL A O   1 
ATOM   590 C  CB  . VAL A 1 78 ? 6.677   7.757   2.116   1.00 24.09 ? 93  VAL A CB  1 
ATOM   591 C  CG1 . VAL A 1 78 ? 6.900   6.380   2.728   1.00 23.94 ? 93  VAL A CG1 1 
ATOM   592 C  CG2 . VAL A 1 78 ? 7.543   8.807   2.820   1.00 24.29 ? 93  VAL A CG2 1 
ATOM   593 N  N   . LYS A 1 79 ? 7.642   9.775   -0.541  1.00 25.31 ? 94  LYS A N   1 
ATOM   594 C  CA  . LYS A 1 79 ? 7.448   11.055  -1.228  1.00 27.25 ? 94  LYS A CA  1 
ATOM   595 C  C   . LYS A 1 79 ? 7.014   10.902  -2.688  1.00 27.80 ? 94  LYS A C   1 
ATOM   596 O  O   . LYS A 1 79 ? 6.553   11.871  -3.308  1.00 28.29 ? 94  LYS A O   1 
ATOM   597 C  CB  . LYS A 1 79 ? 8.717   11.911  -1.130  1.00 27.48 ? 94  LYS A CB  1 
ATOM   598 C  CG  . LYS A 1 79 ? 8.981   12.427  0.279   1.00 29.50 ? 94  LYS A CG  1 
ATOM   599 C  CD  . LYS A 1 79 ? 7.722   13.059  0.867   1.00 34.30 ? 94  LYS A CD  1 
ATOM   600 C  CE  . LYS A 1 79 ? 7.928   13.517  2.294   1.00 37.03 ? 94  LYS A CE  1 
ATOM   601 N  NZ  . LYS A 1 79 ? 6.613   13.875  2.894   1.00 39.00 ? 94  LYS A NZ  1 
ATOM   602 N  N   . GLU A 1 80 ? 7.165   9.690   -3.222  1.00 27.94 ? 95  GLU A N   1 
ATOM   603 C  CA  . GLU A 1 80 ? 6.805   9.359   -4.611  1.00 28.54 ? 95  GLU A CA  1 
ATOM   604 C  C   . GLU A 1 80 ? 5.294   9.133   -4.717  1.00 28.21 ? 95  GLU A C   1 
ATOM   605 O  O   . GLU A 1 80 ? 4.831   8.005   -4.929  1.00 27.68 ? 95  GLU A O   1 
ATOM   606 C  CB  . GLU A 1 80 ? 7.554   8.096   -5.089  1.00 29.10 ? 95  GLU A CB  1 
ATOM   607 C  CG  . GLU A 1 80 ? 9.093   8.145   -5.119  1.00 31.81 ? 95  GLU A CG  1 
ATOM   608 C  CD  . GLU A 1 80 ? 9.732   6.748   -5.203  1.00 34.44 ? 95  GLU A CD  1 
ATOM   609 O  OE1 . GLU A 1 80 ? 9.127   5.826   -5.781  1.00 37.43 ? 95  GLU A OE1 1 
ATOM   610 O  OE2 . GLU A 1 80 ? 10.842  6.551   -4.678  1.00 36.72 ? 95  GLU A OE2 1 
ATOM   611 N  N   . HIS A 1 81 ? 4.523   10.205  -4.584  1.00 27.62 ? 96  HIS A N   1 
ATOM   612 C  CA  . HIS A 1 81 ? 3.070   10.090  -4.423  1.00 27.64 ? 96  HIS A CA  1 
ATOM   613 C  C   . HIS A 1 81 ? 2.337   9.487   -5.615  1.00 27.06 ? 96  HIS A C   1 
ATOM   614 O  O   . HIS A 1 81 ? 1.504   8.612   -5.433  1.00 27.15 ? 96  HIS A O   1 
ATOM   615 C  CB  . HIS A 1 81 ? 2.441   11.426  -4.022  1.00 27.53 ? 96  HIS A CB  1 
ATOM   616 C  CG  . HIS A 1 81 ? 2.993   11.987  -2.749  1.00 29.54 ? 96  HIS A CG  1 
ATOM   617 N  ND1 . HIS A 1 81 ? 3.514   13.260  -2.663  1.00 32.33 ? 96  HIS A ND1 1 
ATOM   618 C  CD2 . HIS A 1 81 ? 3.128   11.441  -1.517  1.00 30.74 ? 96  HIS A CD2 1 
ATOM   619 C  CE1 . HIS A 1 81 ? 3.938   13.479  -1.430  1.00 32.55 ? 96  HIS A CE1 1 
ATOM   620 N  NE2 . HIS A 1 81 ? 3.714   12.390  -0.715  1.00 32.26 ? 96  HIS A NE2 1 
ATOM   621 N  N   . ARG A 1 82 ? 2.620   9.964   -6.824  1.00 26.46 ? 97  ARG A N   1 
ATOM   622 C  CA  . ARG A 1 82 ? 1.948   9.411   -7.997  1.00 26.21 ? 97  ARG A CA  1 
ATOM   623 C  C   . ARG A 1 82 ? 2.316   7.942   -8.196  1.00 25.06 ? 97  ARG A C   1 
ATOM   624 O  O   . ARG A 1 82 ? 1.455   7.139   -8.548  1.00 24.63 ? 97  ARG A O   1 
ATOM   625 C  CB  . ARG A 1 82 ? 2.225   10.242  -9.255  1.00 27.07 ? 97  ARG A CB  1 
ATOM   626 C  CG  . ARG A 1 82 ? 1.370   11.503  -9.321  1.00 29.73 ? 97  ARG A CG  1 
ATOM   627 C  CD  . ARG A 1 82 ? 1.569   12.261  -10.629 1.00 34.01 ? 97  ARG A CD  1 
ATOM   628 N  NE  . ARG A 1 82 ? 2.893   12.868  -10.720 1.00 38.24 ? 97  ARG A NE  1 
ATOM   629 C  CZ  . ARG A 1 82 ? 3.255   13.766  -11.637 1.00 40.94 ? 97  ARG A CZ  1 
ATOM   630 N  NH1 . ARG A 1 82 ? 2.393   14.182  -12.558 1.00 40.63 ? 97  ARG A NH1 1 
ATOM   631 N  NH2 . ARG A 1 82 ? 4.496   14.254  -11.631 1.00 42.49 ? 97  ARG A NH2 1 
ATOM   632 N  N   . LYS A 1 83 ? 3.579   7.605   -7.942  1.00 23.73 ? 98  LYS A N   1 
ATOM   633 C  CA  . LYS A 1 83 ? 4.068   6.225   -8.046  1.00 23.38 ? 98  LYS A CA  1 
ATOM   634 C  C   . LYS A 1 83 ? 3.362   5.300   -7.049  1.00 22.37 ? 98  LYS A C   1 
ATOM   635 O  O   . LYS A 1 83 ? 3.002   4.170   -7.390  1.00 21.49 ? 98  LYS A O   1 
ATOM   636 C  CB  . LYS A 1 83 ? 5.578   6.149   -7.832  1.00 23.76 ? 98  LYS A CB  1 
ATOM   637 C  CG  . LYS A 1 83 ? 6.158   4.754   -8.078  1.00 26.25 ? 98  LYS A CG  1 
ATOM   638 C  CD  . LYS A 1 83 ? 7.676   4.757   -8.157  1.00 30.78 ? 98  LYS A CD  1 
ATOM   639 C  CE  . LYS A 1 83 ? 8.248   3.355   -8.333  1.00 33.82 ? 98  LYS A CE  1 
ATOM   640 N  NZ  . LYS A 1 83 ? 7.862   2.721   -9.630  1.00 35.63 ? 98  LYS A NZ  1 
ATOM   641 N  N   . ILE A 1 84 ? 3.168   5.785   -5.830  1.00 21.76 ? 99  ILE A N   1 
ATOM   642 C  CA  . ILE A 1 84 ? 2.454   4.998   -4.816  1.00 20.68 ? 99  ILE A CA  1 
ATOM   643 C  C   . ILE A 1 84 ? 1.039   4.705   -5.268  1.00 20.70 ? 99  ILE A C   1 
ATOM   644 O  O   . ILE A 1 84 ? 0.590   3.566   -5.201  1.00 20.24 ? 99  ILE A O   1 
ATOM   645 C  CB  . ILE A 1 84 ? 2.487   5.659   -3.410  1.00 20.86 ? 99  ILE A CB  1 
ATOM   646 C  CG1 . ILE A 1 84 ? 3.884   5.495   -2.821  1.00 21.87 ? 99  ILE A CG1 1 
ATOM   647 C  CG2 . ILE A 1 84 ? 1.448   5.032   -2.482  1.00 20.38 ? 99  ILE A CG2 1 
ATOM   648 C  CD1 . ILE A 1 84 ? 4.227   6.532   -1.791  1.00 21.13 ? 99  ILE A CD1 1 
ATOM   649 N  N   . TYR A 1 85 ? 0.338   5.729   -5.749  1.00 20.60 ? 100 TYR A N   1 
ATOM   650 C  CA  . TYR A 1 85 ? -1.000  5.523   -6.265  1.00 20.42 ? 100 TYR A CA  1 
ATOM   651 C  C   . TYR A 1 85 ? -1.029  4.504   -7.394  1.00 19.49 ? 100 TYR A C   1 
ATOM   652 O  O   . TYR A 1 85 ? -1.925  3.671   -7.423  1.00 19.62 ? 100 TYR A O   1 
ATOM   653 C  CB  . TYR A 1 85 ? -1.633  6.834   -6.732  1.00 21.12 ? 100 TYR A CB  1 
ATOM   654 C  CG  . TYR A 1 85 ? -2.275  7.630   -5.630  1.00 23.35 ? 100 TYR A CG  1 
ATOM   655 C  CD1 . TYR A 1 85 ? -1.713  8.825   -5.196  1.00 27.52 ? 100 TYR A CD1 1 
ATOM   656 C  CD2 . TYR A 1 85 ? -3.458  7.197   -5.037  1.00 26.99 ? 100 TYR A CD2 1 
ATOM   657 C  CE1 . TYR A 1 85 ? -2.309  9.565   -4.186  1.00 29.18 ? 100 TYR A CE1 1 
ATOM   658 C  CE2 . TYR A 1 85 ? -4.063  7.927   -4.023  1.00 29.30 ? 100 TYR A CE2 1 
ATOM   659 C  CZ  . TYR A 1 85 ? -3.486  9.104   -3.608  1.00 29.46 ? 100 TYR A CZ  1 
ATOM   660 O  OH  . TYR A 1 85 ? -4.090  9.831   -2.610  1.00 32.61 ? 100 TYR A OH  1 
ATOM   661 N  N   . THR A 1 86 ? -0.076  4.593   -8.329  1.00 19.46 ? 101 THR A N   1 
ATOM   662 C  CA  . THR A 1 86 ? -0.008  3.670   -9.470  1.00 19.68 ? 101 THR A CA  1 
ATOM   663 C  C   . THR A 1 86 ? 0.223   2.234   -9.016  1.00 19.04 ? 101 THR A C   1 
ATOM   664 O  O   . THR A 1 86 ? -0.443  1.304   -9.493  1.00 19.65 ? 101 THR A O   1 
ATOM   665 C  CB  . THR A 1 86 ? 1.073   4.099   -10.466 1.00 19.88 ? 101 THR A CB  1 
ATOM   666 O  OG1 . THR A 1 86 ? 0.667   5.349   -11.040 1.00 21.26 ? 101 THR A OG1 1 
ATOM   667 C  CG2 . THR A 1 86 ? 1.250   3.087   -11.565 1.00 21.00 ? 101 THR A CG2 1 
ATOM   668 N  N   . MET A 1 87 ? 1.134   2.077   -8.064  1.00 19.01 ? 102 MET A N   1 
ATOM   669 C  CA  . MET A 1 87 ? 1.469   0.741   -7.565  1.00 18.88 ? 102 MET A CA  1 
ATOM   670 C  C   . MET A 1 87 ? 0.266   0.144   -6.855  1.00 18.54 ? 102 MET A C   1 
ATOM   671 O  O   . MET A 1 87 ? -0.007  -1.047  -6.972  1.00 19.15 ? 102 MET A O   1 
ATOM   672 C  CB  . MET A 1 87 ? 2.685   0.789   -6.645  1.00 18.90 ? 102 MET A CB  1 
ATOM   673 C  CG  . MET A 1 87 ? 4.014   1.029   -7.406  1.00 20.24 ? 102 MET A CG  1 
ATOM   674 S  SD  . MET A 1 87 ? 5.484   1.026   -6.387  1.00 23.04 ? 102 MET A SD  1 
ATOM   675 C  CE  . MET A 1 87 ? 5.168   2.400   -5.287  1.00 21.45 ? 102 MET A CE  1 
ATOM   676 N  N   . ILE A 1 88 ? -0.451  0.968   -6.108  1.00 18.26 ? 103 ILE A N   1 
ATOM   677 C  CA  . ILE A 1 88 ? -1.658  0.499   -5.449  1.00 18.27 ? 103 ILE A CA  1 
ATOM   678 C  C   . ILE A 1 88 ? -2.785  0.185   -6.438  1.00 18.77 ? 103 ILE A C   1 
ATOM   679 O  O   . ILE A 1 88 ? -3.413  -0.865  -6.348  1.00 18.73 ? 103 ILE A O   1 
ATOM   680 C  CB  . ILE A 1 88 ? -2.120  1.479   -4.344  1.00 18.03 ? 103 ILE A CB  1 
ATOM   681 C  CG1 . ILE A 1 88 ? -1.064  1.559   -3.233  1.00 17.72 ? 103 ILE A CG1 1 
ATOM   682 C  CG2 . ILE A 1 88 ? -3.451  1.039   -3.761  1.00 17.95 ? 103 ILE A CG2 1 
ATOM   683 C  CD1 . ILE A 1 88 ? -1.373  2.635   -2.194  1.00 17.68 ? 103 ILE A CD1 1 
ATOM   684 N  N   . TYR A 1 89 ? -3.021  1.094   -7.389  1.00 19.03 ? 104 TYR A N   1 
ATOM   685 C  CA  . TYR A 1 89 ? -4.094  0.926   -8.368  1.00 21.15 ? 104 TYR A CA  1 
ATOM   686 C  C   . TYR A 1 89 ? -3.992  -0.377  -9.161  1.00 20.35 ? 104 TYR A C   1 
ATOM   687 O  O   . TYR A 1 89 ? -5.009  -0.993  -9.491  1.00 20.55 ? 104 TYR A O   1 
ATOM   688 C  CB  . TYR A 1 89 ? -4.110  2.096   -9.346  1.00 21.87 ? 104 TYR A CB  1 
ATOM   689 C  CG  . TYR A 1 89 ? -5.013  3.247   -8.985  1.00 26.68 ? 104 TYR A CG  1 
ATOM   690 C  CD1 . TYR A 1 89 ? -6.397  3.062   -8.823  1.00 31.43 ? 104 TYR A CD1 1 
ATOM   691 C  CD2 . TYR A 1 89 ? -4.501  4.546   -8.869  1.00 30.58 ? 104 TYR A CD2 1 
ATOM   692 C  CE1 . TYR A 1 89 ? -7.239  4.136   -8.513  1.00 33.80 ? 104 TYR A CE1 1 
ATOM   693 C  CE2 . TYR A 1 89 ? -5.333  5.626   -8.564  1.00 33.75 ? 104 TYR A CE2 1 
ATOM   694 C  CZ  . TYR A 1 89 ? -6.696  5.416   -8.385  1.00 34.74 ? 104 TYR A CZ  1 
ATOM   695 O  OH  . TYR A 1 89 ? -7.506  6.494   -8.083  1.00 37.15 ? 104 TYR A OH  1 
ATOM   696 N  N   . ARG A 1 90 ? -2.761  -0.804  -9.436  1.00 20.42 ? 105 ARG A N   1 
ATOM   697 C  CA  . ARG A 1 90 ? -2.505  -2.041  -10.165 1.00 21.30 ? 105 ARG A CA  1 
ATOM   698 C  C   . ARG A 1 90 ? -2.889  -3.296  -9.385  1.00 21.33 ? 105 ARG A C   1 
ATOM   699 O  O   . ARG A 1 90 ? -2.972  -4.385  -9.950  1.00 22.53 ? 105 ARG A O   1 
ATOM   700 C  CB  . ARG A 1 90 ? -1.046  -2.104  -10.616 1.00 21.66 ? 105 ARG A CB  1 
ATOM   701 C  CG  . ARG A 1 90 ? -0.760  -1.158  -11.781 1.00 23.05 ? 105 ARG A CG  1 
ATOM   702 C  CD  . ARG A 1 90 ? 0.704   -0.982  -11.994 1.00 26.91 ? 105 ARG A CD  1 
ATOM   703 N  NE  . ARG A 1 90 ? 1.000   -0.064  -13.098 1.00 27.52 ? 105 ARG A NE  1 
ATOM   704 C  CZ  . ARG A 1 90 ? 2.219   0.379   -13.383 1.00 28.83 ? 105 ARG A CZ  1 
ATOM   705 N  NH1 . ARG A 1 90 ? 3.251   0.013   -12.636 1.00 29.81 ? 105 ARG A NH1 1 
ATOM   706 N  NH2 . ARG A 1 90 ? 2.411   1.202   -14.407 1.00 28.51 ? 105 ARG A NH2 1 
ATOM   707 N  N   . ASN A 1 91 ? -3.155  -3.129  -8.092  1.00 21.02 ? 106 ASN A N   1 
ATOM   708 C  CA  . ASN A 1 91 ? -3.542  -4.245  -7.234  1.00 20.41 ? 106 ASN A CA  1 
ATOM   709 C  C   . ASN A 1 91 ? -5.004  -4.246  -6.799  1.00 20.59 ? 106 ASN A C   1 
ATOM   710 O  O   . ASN A 1 91 ? -5.391  -4.896  -5.819  1.00 19.86 ? 106 ASN A O   1 
ATOM   711 C  CB  . ASN A 1 91 ? -2.614  -4.274  -6.030  1.00 20.58 ? 106 ASN A CB  1 
ATOM   712 C  CG  . ASN A 1 91 ? -1.268  -4.811  -6.387  1.00 21.69 ? 106 ASN A CG  1 
ATOM   713 O  OD1 . ASN A 1 91 ? -1.103  -6.017  -6.527  1.00 24.85 ? 106 ASN A OD1 1 
ATOM   714 N  ND2 . ASN A 1 91 ? -0.299  -3.922  -6.580  1.00 21.11 ? 106 ASN A ND2 1 
ATOM   715 N  N   . LEU A 1 92 ? -5.832  -3.526  -7.539  1.00 21.16 ? 107 LEU A N   1 
ATOM   716 C  CA  . LEU A 1 92 ? -7.230  -3.441  -7.187  1.00 21.04 ? 107 LEU A CA  1 
ATOM   717 C  C   . LEU A 1 92 ? -8.061  -3.129  -8.400  1.00 21.67 ? 107 LEU A C   1 
ATOM   718 O  O   . LEU A 1 92 ? -7.541  -2.820  -9.480  1.00 21.82 ? 107 LEU A O   1 
ATOM   719 C  CB  . LEU A 1 92 ? -7.460  -2.380  -6.105  1.00 21.96 ? 107 LEU A CB  1 
ATOM   720 C  CG  . LEU A 1 92 ? -6.980  -0.955  -6.404  1.00 20.28 ? 107 LEU A CG  1 
ATOM   721 C  CD1 . LEU A 1 92 ? -7.995  -0.178  -7.271  1.00 24.51 ? 107 LEU A CD1 1 
ATOM   722 C  CD2 . LEU A 1 92 ? -6.701  -0.207  -5.115  1.00 22.55 ? 107 LEU A CD2 1 
ATOM   723 N  N   . VAL A 1 93 ? -9.358  -3.221  -8.189  1.00 22.22 ? 108 VAL A N   1 
ATOM   724 C  CA  . VAL A 1 93 ? -10.346 -2.940  -9.198  1.00 23.24 ? 108 VAL A CA  1 
ATOM   725 C  C   . VAL A 1 93 ? -11.161 -1.783  -8.642  1.00 23.78 ? 108 VAL A C   1 
ATOM   726 O  O   . VAL A 1 93 ? -11.679 -1.837  -7.524  1.00 23.50 ? 108 VAL A O   1 
ATOM   727 C  CB  . VAL A 1 93 ? -11.231 -4.178  -9.465  1.00 23.11 ? 108 VAL A CB  1 
ATOM   728 C  CG1 . VAL A 1 93 ? -12.450 -3.806  -10.306 1.00 24.13 ? 108 VAL A CG1 1 
ATOM   729 C  CG2 . VAL A 1 93 ? -10.416 -5.283  -10.145 1.00 24.56 ? 108 VAL A CG2 1 
ATOM   730 N  N   . VAL A 1 94 ? -11.245 -0.717  -9.422  1.00 25.04 ? 109 VAL A N   1 
ATOM   731 C  CA  . VAL A 1 94 ? -12.045 0.424   -9.031  1.00 25.95 ? 109 VAL A CA  1 
ATOM   732 C  C   . VAL A 1 94 ? -13.508 0.042   -9.235  1.00 27.54 ? 109 VAL A C   1 
ATOM   733 O  O   . VAL A 1 94 ? -13.884 -0.456  -10.303 1.00 27.21 ? 109 VAL A O   1 
ATOM   734 C  CB  . VAL A 1 94 ? -11.662 1.671   -9.841  1.00 25.84 ? 109 VAL A CB  1 
ATOM   735 C  CG1 . VAL A 1 94 ? -12.628 2.786   -9.586  1.00 25.26 ? 109 VAL A CG1 1 
ATOM   736 C  CG2 . VAL A 1 94 ? -10.222 2.121   -9.511  1.00 24.98 ? 109 VAL A CG2 1 
ATOM   737 N  N   . VAL A 1 95 ? -14.310 0.243   -8.193  1.00 28.69 ? 110 VAL A N   1 
ATOM   738 C  CA  . VAL A 1 95 ? -15.740 -0.070  -8.223  1.00 30.68 ? 110 VAL A CA  1 
ATOM   739 C  C   . VAL A 1 95 ? -16.532 1.176   -8.641  1.00 31.33 ? 110 VAL A C   1 
ATOM   740 O  O   . VAL A 1 95 ? -16.718 2.107   -7.840  1.00 32.53 ? 110 VAL A O   1 
ATOM   741 C  CB  . VAL A 1 95 ? -16.260 -0.564  -6.842  1.00 30.79 ? 110 VAL A CB  1 
ATOM   742 C  CG1 . VAL A 1 95 ? -17.691 -1.082  -6.962  1.00 32.22 ? 110 VAL A CG1 1 
ATOM   743 C  CG2 . VAL A 1 95 ? -15.362 -1.644  -6.268  1.00 31.57 ? 110 VAL A CG2 1 
HETATM 744 C  C2  . 4TH B 2 .  ? 2.112   3.622   1.218   1.00 18.43 ? 201 4TH A C2  1 
HETATM 745 C  C3  . 4TH B 2 .  ? 3.099   4.596   1.265   1.00 20.82 ? 201 4TH A C3  1 
HETATM 746 C  C41 . 4TH B 2 .  ? 0.833   8.788   -1.732  1.00 27.63 ? 201 4TH A C41 1 
HETATM 747 C  C11 . 4TH B 2 .  ? -0.881  6.530   5.595   1.00 22.26 ? 201 4TH A C11 1 
HETATM 748 C  C12 . 4TH B 2 .  ? -1.001  7.440   4.363   1.00 22.12 ? 201 4TH A C12 1 
HETATM 749 C  C13 . 4TH B 2 .  ? 0.087   7.688   3.482   1.00 21.77 ? 201 4TH A C13 1 
HETATM 750 C  C14 . 4TH B 2 .  ? 0.008   8.501   2.352   1.00 23.42 ? 201 4TH A C14 1 
HETATM 751 C  C15 . 4TH B 2 .  ? -1.229  9.114   2.075   1.00 25.98 ? 201 4TH A C15 1 
HETATM 752 C  C16 . 4TH B 2 .  ? -2.319  8.883   2.930   1.00 26.20 ? 201 4TH A C16 1 
HETATM 753 C  C17 . 4TH B 2 .  ? -2.224  8.053   4.078   1.00 25.40 ? 201 4TH A C17 1 
HETATM 754 C  C19 . 4TH B 2 .  ? -4.738  9.314   3.231   1.00 29.71 ? 201 4TH A C19 1 
HETATM 755 C  C22 . 4TH B 2 .  ? -0.477  10.176  -0.113  1.00 27.14 ? 201 4TH A C22 1 
HETATM 756 C  C23 . 4TH B 2 .  ? -0.507  8.943   -1.061  1.00 27.02 ? 201 4TH A C23 1 
HETATM 757 C  C25 . 4TH B 2 .  ? 2.957   6.619   5.540   1.00 21.02 ? 201 4TH A C25 1 
HETATM 758 C  C26 . 4TH B 2 .  ? 3.684   7.783   5.826   1.00 21.34 ? 201 4TH A C26 1 
HETATM 759 C  C27 . 4TH B 2 .  ? 5.042   7.718   6.178   1.00 22.41 ? 201 4TH A C27 1 
HETATM 760 C  C28 . 4TH B 2 .  ? 5.684   6.463   6.267   1.00 23.04 ? 201 4TH A C28 1 
HETATM 761 C  C29 . 4TH B 2 .  ? 4.920   5.303   5.968   1.00 22.12 ? 201 4TH A C29 1 
HETATM 762 C  C30 . 4TH B 2 .  ? 3.569   5.345   5.604   1.00 21.82 ? 201 4TH A C30 1 
HETATM 763 CL CL1 . 4TH B 2 .  ? 2.375   2.224   0.229   1.00 20.97 ? 201 4TH A CL1 1 
HETATM 764 C  C4  . 4TH B 2 .  ? 2.836   5.706   2.092   1.00 21.33 ? 201 4TH A C4  1 
HETATM 765 C  C5  . 4TH B 2 .  ? 1.640   5.825   2.823   1.00 20.91 ? 201 4TH A C5  1 
HETATM 766 C  C6  . 4TH B 2 .  ? 0.666   4.812   2.764   1.00 20.80 ? 201 4TH A C6  1 
HETATM 767 C  C7  . 4TH B 2 .  ? 0.920   3.698   1.936   1.00 19.08 ? 201 4TH A C7  1 
HETATM 768 C  C8  . 4TH B 2 .  ? 1.424   7.063   3.722   1.00 21.56 ? 201 4TH A C8  1 
HETATM 769 N  N9  . 4TH B 2 .  ? 1.592   6.703   5.166   1.00 20.60 ? 201 4TH A N9  1 
HETATM 770 C  C10 . 4TH B 2 .  ? 0.564   6.437   6.024   1.00 21.44 ? 201 4TH A C10 1 
HETATM 771 O  O18 . 4TH B 2 .  ? -3.497  9.539   2.567   1.00 28.61 ? 201 4TH A O18 1 
HETATM 772 O  O21 . 4TH B 2 .  ? -1.406  9.958   0.963   1.00 27.08 ? 201 4TH A O21 1 
HETATM 773 O  O24 . 4TH B 2 .  ? 0.782   6.137   7.177   1.00 21.94 ? 201 4TH A O24 1 
HETATM 774 C  C31 . 4TH B 2 .  ? -0.949  11.407  -0.864  1.00 29.48 ? 201 4TH A C31 1 
HETATM 775 N  N32 . 4TH B 2 .  ? 7.066   6.345   6.607   1.00 25.86 ? 201 4TH A N32 1 
HETATM 776 C  C33 . 4TH B 2 .  ? 7.668   5.045   6.568   1.00 26.32 ? 201 4TH A C33 1 
HETATM 777 C  C34 . 4TH B 2 .  ? 7.847   7.504   6.957   1.00 27.90 ? 201 4TH A C34 1 
HETATM 778 N  N35 . 4TH B 2 .  ? 8.088   8.422   11.130  1.00 36.27 ? 201 4TH A N35 1 
HETATM 779 C  C36 . 4TH B 2 .  ? 8.601   8.945   8.857   1.00 34.63 ? 201 4TH A C36 1 
HETATM 780 C  C37 . 4TH B 2 .  ? 8.679   9.252   10.227  1.00 35.54 ? 201 4TH A C37 1 
HETATM 781 C  C38 . 4TH B 2 .  ? 7.412   7.303   10.770  1.00 35.80 ? 201 4TH A C38 1 
HETATM 782 C  C39 . 4TH B 2 .  ? 7.309   6.973   9.401   1.00 33.82 ? 201 4TH A C39 1 
HETATM 783 C  C40 . 4TH B 2 .  ? 7.904   7.795   8.443   1.00 31.57 ? 201 4TH A C40 1 
HETATM 784 CL CL  . CL  C 3 .  ? 6.114   -10.936 4.040   0.50 13.60 ? 202 CL  A CL  1 
HETATM 785 O  O   . HOH D 4 .  ? -0.221  -6.636  11.590  1.00 40.28 ? 301 HOH A O   1 
HETATM 786 O  O   . HOH D 4 .  ? 6.016   -1.683  -10.198 1.00 32.35 ? 302 HOH A O   1 
HETATM 787 O  O   . HOH D 4 .  ? -11.556 -7.939  -2.988  1.00 35.83 ? 303 HOH A O   1 
HETATM 788 O  O   . HOH D 4 .  ? 3.287   15.442  -14.698 1.00 47.77 ? 304 HOH A O   1 
HETATM 789 O  O   . HOH D 4 .  ? 15.812  -9.251  -0.812  1.00 34.11 ? 305 HOH A O   1 
HETATM 790 O  O   . HOH D 4 .  ? -9.591  -10.220 -4.134  1.00 32.81 ? 306 HOH A O   1 
HETATM 791 O  O   . HOH D 4 .  ? 12.705  10.616  -0.190  1.00 46.61 ? 307 HOH A O   1 
HETATM 792 O  O   . HOH D 4 .  ? -6.493  -12.908 -0.391  1.00 36.02 ? 308 HOH A O   1 
HETATM 793 O  O   . HOH D 4 .  ? -3.498  -12.161 5.797   1.00 39.53 ? 309 HOH A O   1 
HETATM 794 O  O   . HOH D 4 .  ? -2.902  -7.782  -5.406  1.00 22.95 ? 310 HOH A O   1 
HETATM 795 O  O   . HOH D 4 .  ? 5.141   -12.879 -0.416  1.00 41.67 ? 311 HOH A O   1 
HETATM 796 O  O   . HOH D 4 .  ? -7.139  0.240   -10.772 1.00 37.54 ? 312 HOH A O   1 
HETATM 797 O  O   . HOH D 4 .  ? 14.113  -1.074  7.133   1.00 43.46 ? 313 HOH A O   1 
HETATM 798 O  O   . HOH D 4 .  ? 20.611  0.809   13.110  1.00 46.89 ? 314 HOH A O   1 
HETATM 799 O  O   . HOH D 4 .  ? 9.378   -9.914  -2.278  1.00 36.23 ? 315 HOH A O   1 
HETATM 800 O  O   . HOH D 4 .  ? 3.179   9.192   1.507   1.00 32.03 ? 316 HOH A O   1 
HETATM 801 O  O   . HOH D 4 .  ? -8.365  -9.742  9.219   1.00 35.88 ? 317 HOH A O   1 
HETATM 802 O  O   . HOH D 4 .  ? 4.449   12.160  2.358   1.00 43.38 ? 318 HOH A O   1 
HETATM 803 O  O   . HOH D 4 .  ? -1.143  4.684   8.727   1.00 24.96 ? 319 HOH A O   1 
HETATM 804 O  O   . HOH D 4 .  ? 14.539  -5.056  1.691   1.00 30.93 ? 320 HOH A O   1 
HETATM 805 O  O   . HOH D 4 .  ? 18.944  1.945   -1.507  1.00 49.01 ? 321 HOH A O   1 
HETATM 806 O  O   . HOH D 4 .  ? 11.974  -5.073  9.547   1.00 32.10 ? 322 HOH A O   1 
HETATM 807 O  O   . HOH D 4 .  ? 13.336  1.027   -6.522  1.00 52.98 ? 323 HOH A O   1 
HETATM 808 O  O   . HOH D 4 .  ? 22.129  10.786  13.555  1.00 53.71 ? 324 HOH A O   1 
HETATM 809 O  O   . HOH D 4 .  ? 3.150   -10.523 4.291   1.00 23.41 ? 325 HOH A O   1 
HETATM 810 O  O   . HOH D 4 .  ? -10.747 -7.129  -7.293  1.00 33.14 ? 326 HOH A O   1 
HETATM 811 O  O   . HOH D 4 .  ? 8.779   -5.771  -11.291 1.00 40.93 ? 327 HOH A O   1 
HETATM 812 O  O   . HOH D 4 .  ? 13.032  -3.552  5.176   1.00 31.23 ? 328 HOH A O   1 
HETATM 813 O  O   . HOH D 4 .  ? -15.334 -2.731  -11.521 1.00 40.45 ? 329 HOH A O   1 
HETATM 814 O  O   . HOH D 4 .  ? -9.988  -7.991  11.822  1.00 37.76 ? 330 HOH A O   1 
HETATM 815 O  O   . HOH D 4 .  ? 0.906   -7.529  -8.121  1.00 46.22 ? 331 HOH A O   1 
HETATM 816 O  O   . HOH D 4 .  ? 14.529  9.737   4.724   1.00 40.42 ? 332 HOH A O   1 
HETATM 817 O  O   . HOH D 4 .  ? 3.544   -1.405  -10.023 1.00 42.60 ? 333 HOH A O   1 
HETATM 818 O  O   . HOH D 4 .  ? 3.376   6.527   -11.526 1.00 38.09 ? 334 HOH A O   1 
HETATM 819 O  O   . HOH D 4 .  ? -9.351  -0.896  -11.758 1.00 29.25 ? 335 HOH A O   1 
HETATM 820 O  O   . HOH D 4 .  ? 15.506  10.079  8.141   1.00 45.14 ? 336 HOH A O   1 
HETATM 821 O  O   . HOH D 4 .  ? -7.237  -3.443  -12.437 1.00 39.41 ? 337 HOH A O   1 
HETATM 822 O  O   . HOH D 4 .  ? 5.824   9.695   -8.155  1.00 30.57 ? 338 HOH A O   1 
HETATM 823 O  O   . HOH D 4 .  ? 9.125   14.966  6.222   1.00 58.01 ? 339 HOH A O   1 
HETATM 824 O  O   . HOH D 4 .  ? -3.057  -10.581 -6.595  1.00 27.91 ? 340 HOH A O   1 
HETATM 825 O  O   . HOH D 4 .  ? 5.279   -5.938  14.618  1.00 49.06 ? 341 HOH A O   1 
HETATM 826 O  O   . HOH D 4 .  ? 8.140   8.772   14.232  1.00 56.61 ? 342 HOH A O   1 
HETATM 827 O  O   . HOH D 4 .  ? 10.906  -11.982 -1.642  1.00 44.26 ? 343 HOH A O   1 
HETATM 828 O  O   . HOH D 4 .  ? -15.479 -6.154  -8.847  1.00 48.60 ? 344 HOH A O   1 
HETATM 829 O  O   . HOH D 4 .  ? -12.262 -3.487  7.435   1.00 41.64 ? 345 HOH A O   1 
HETATM 830 O  O   . HOH D 4 .  ? 3.440   15.385  -5.405  1.00 48.62 ? 346 HOH A O   1 
HETATM 831 O  O   . HOH D 4 .  ? 4.704   12.744  -7.034  1.00 34.53 ? 347 HOH A O   1 
HETATM 832 O  O   . HOH D 4 .  ? 2.166   14.550  -7.629  1.00 60.86 ? 348 HOH A O   1 
HETATM 833 O  O   . HOH D 4 .  ? 17.006  -1.539  -3.200  1.00 40.93 ? 349 HOH A O   1 
HETATM 834 O  O   . HOH D 4 .  ? 6.645   10.761  6.128   1.00 35.90 ? 350 HOH A O   1 
HETATM 835 O  O   . HOH D 4 .  ? 12.864  -5.701  6.691   1.00 35.61 ? 351 HOH A O   1 
HETATM 836 O  O   . HOH D 4 .  ? 11.142  11.701  8.411   1.00 57.05 ? 352 HOH A O   1 
HETATM 837 O  O   . HOH D 4 .  ? 13.092  -6.812  -5.110  1.00 51.71 ? 353 HOH A O   1 
HETATM 838 O  O   . HOH D 4 .  ? -13.098 7.281   7.299   1.00 51.22 ? 354 HOH A O   1 
HETATM 839 O  O   . HOH D 4 .  ? 8.333   8.749   -8.524  1.00 59.62 ? 355 HOH A O   1 
HETATM 840 O  O   . HOH D 4 .  ? 3.133   17.877  -14.148 1.00 51.54 ? 356 HOH A O   1 
HETATM 841 O  O   . HOH D 4 .  ? 4.879   4.177   -12.109 1.00 50.30 ? 357 HOH A O   1 
HETATM 842 O  O   . HOH D 4 .  ? 25.214  11.899  9.183   1.00 49.71 ? 358 HOH A O   1 
HETATM 843 O  O   . HOH D 4 .  ? 5.187   9.565   14.287  1.00 48.11 ? 359 HOH A O   1 
HETATM 844 O  O   . HOH D 4 .  ? -8.397  -14.071 -1.898  1.00 39.97 ? 360 HOH A O   1 
HETATM 845 O  O   . HOH D 4 .  ? -10.155 -12.607 -2.942  1.00 52.70 ? 361 HOH A O   1 
HETATM 846 O  O   . HOH D 4 .  ? 14.799  -4.739  -9.310  1.00 51.13 ? 362 HOH A O   1 
# 
